data_8SUX
#
_entry.id   8SUX
#
_cell.length_a   1.00
_cell.length_b   1.00
_cell.length_c   1.00
_cell.angle_alpha   90.00
_cell.angle_beta   90.00
_cell.angle_gamma   90.00
#
_symmetry.space_group_name_H-M   'P 1'
#
loop_
_entity.id
_entity.type
_entity.pdbx_description
1 polymer PtuA
2 non-polymer "ADENOSINE-5'-TRIPHOSPHATE"
#
_entity_poly.entity_id   1
_entity_poly.type   'polypeptide(L)'
_entity_poly.pdbx_seq_one_letter_code
;MRIDKLSLLNFRCFKQLDITFDEHITILVAPNGAGKTTVLDAVRLALFPFIRGFDASLYVKDKSLAIRTEDLRLIYRQEA
LNMEMSSPAKITATGEWASGKTATWMLDKRGEQPPHEDKMAAQLTRWGEQLQKRVREEHSLQQVELPLMLYLGTARLWYQ
ERYEKQPTEQRLDNSAFSRLSGYDDCLSATSNYKQFEQWYSWLWLSYREHQITQLESPSAKLKEGVRVQRMKEAIQAIQQ
AINCLTQQVTGWHDLEYSASHNQQLVMSHPQYGKIPLSQLSDGLRNAVAMVADIAFRCVKLNPHLQNDAALKTQGIVLID
EVDMFLHPAWQQQIIQSLRSAFPQIQFIVTTHSPQVLSTVKRESIRLLEQDENGNGKALMPLGATYGEPSNDVLQSVMGV
DPQPAVKEKADLQKLTGWVDQGKYDEPKTQQLMVALEVALGEKHPQLQRLQRSIARQRLLKGKAQ
;
_entity_poly.pdbx_strand_id   A,B,C,D,E,F
#
loop_
_chem_comp.id
_chem_comp.type
_chem_comp.name
_chem_comp.formula
ATP non-polymer ADENOSINE-5'-TRIPHOSPHATE 'C10 H16 N5 O13 P3'
#
# COMPACT_ATOMS: atom_id res chain seq x y z
N MET A 1 37.68 15.87 -25.35
CA MET A 1 37.39 14.49 -25.71
C MET A 1 36.93 14.40 -27.17
N ARG A 2 37.33 13.32 -27.86
CA ARG A 2 37.03 13.16 -29.27
C ARG A 2 37.13 11.69 -29.64
N ILE A 3 36.29 11.27 -30.59
CA ILE A 3 36.29 9.91 -31.11
C ILE A 3 36.66 9.97 -32.59
N ASP A 4 37.56 9.09 -33.02
CA ASP A 4 38.14 9.17 -34.34
C ASP A 4 37.86 7.99 -35.24
N LYS A 5 37.71 6.78 -34.69
CA LYS A 5 37.51 5.59 -35.50
C LYS A 5 36.72 4.58 -34.69
N LEU A 6 36.07 3.66 -35.40
CA LEU A 6 35.26 2.65 -34.74
C LEU A 6 35.24 1.38 -35.59
N SER A 7 35.29 0.23 -34.91
CA SER A 7 35.28 -1.07 -35.57
C SER A 7 34.24 -1.96 -34.92
N LEU A 8 33.50 -2.68 -35.75
CA LEU A 8 32.46 -3.60 -35.30
C LEU A 8 32.72 -4.98 -35.88
N LEU A 9 32.50 -6.00 -35.06
CA LEU A 9 32.70 -7.38 -35.45
C LEU A 9 31.57 -8.22 -34.89
N ASN A 10 30.79 -8.84 -35.78
CA ASN A 10 29.68 -9.71 -35.43
C ASN A 10 28.64 -9.00 -34.56
N PHE A 11 28.50 -7.69 -34.73
CA PHE A 11 27.53 -6.90 -33.99
C PHE A 11 26.30 -6.72 -34.86
N ARG A 12 25.20 -7.35 -34.46
CA ARG A 12 23.92 -7.30 -35.17
C ARG A 12 24.07 -7.70 -36.64
N CYS A 13 23.89 -6.75 -37.55
CA CYS A 13 23.86 -7.06 -38.97
C CYS A 13 25.22 -6.91 -39.65
N PHE A 14 26.27 -6.58 -38.90
CA PHE A 14 27.58 -6.31 -39.46
C PHE A 14 28.55 -7.41 -39.06
N LYS A 15 29.00 -8.19 -40.04
CA LYS A 15 30.08 -9.13 -39.79
C LYS A 15 31.39 -8.39 -39.51
N GLN A 16 31.67 -7.33 -40.27
CA GLN A 16 32.80 -6.47 -39.98
C GLN A 16 32.48 -5.08 -40.51
N LEU A 17 32.90 -4.05 -39.76
CA LEU A 17 32.70 -2.67 -40.17
C LEU A 17 33.81 -1.80 -39.61
N ASP A 18 34.30 -0.87 -40.44
CA ASP A 18 35.26 0.13 -40.01
C ASP A 18 34.75 1.49 -40.45
N ILE A 19 34.65 2.43 -39.52
CA ILE A 19 34.06 3.74 -39.78
C ILE A 19 34.95 4.82 -39.19
N THR A 20 35.16 5.89 -39.97
CA THR A 20 35.97 7.03 -39.60
C THR A 20 35.11 8.28 -39.49
N PHE A 21 35.32 9.05 -38.43
CA PHE A 21 34.49 10.21 -38.13
C PHE A 21 35.22 11.50 -38.47
N ASP A 22 34.45 12.55 -38.66
CA ASP A 22 34.99 13.88 -38.90
C ASP A 22 35.13 14.63 -37.58
N GLU A 23 35.82 15.77 -37.63
CA GLU A 23 36.10 16.54 -36.43
C GLU A 23 34.87 17.28 -35.91
N HIS A 24 33.99 17.74 -36.82
CA HIS A 24 32.88 18.60 -36.44
C HIS A 24 31.52 17.99 -36.73
N ILE A 25 31.31 17.45 -37.93
CA ILE A 25 30.01 16.93 -38.31
C ILE A 25 30.21 15.71 -39.20
N THR A 26 29.39 14.68 -38.97
CA THR A 26 29.38 13.47 -39.79
C THR A 26 27.95 12.99 -39.91
N ILE A 27 27.51 12.72 -41.13
CA ILE A 27 26.13 12.34 -41.41
C ILE A 27 26.12 10.96 -42.06
N LEU A 28 25.34 10.04 -41.49
CA LEU A 28 25.18 8.70 -42.04
C LEU A 28 23.89 8.65 -42.84
N VAL A 29 23.99 8.29 -44.11
CA VAL A 29 22.86 8.30 -45.04
C VAL A 29 22.68 6.89 -45.58
N ALA A 30 21.49 6.32 -45.37
CA ALA A 30 21.20 4.96 -45.78
C ALA A 30 19.71 4.66 -45.67
N PRO A 31 19.20 3.65 -46.39
CA PRO A 31 17.79 3.27 -46.23
C PRO A 31 17.51 2.49 -44.96
N ASN A 32 16.30 1.99 -44.81
CA ASN A 32 15.95 1.17 -43.66
C ASN A 32 16.69 -0.17 -43.70
N GLY A 33 16.97 -0.69 -42.51
CA GLY A 33 17.71 -1.94 -42.41
C GLY A 33 19.14 -1.84 -42.89
N ALA A 34 19.84 -0.77 -42.53
CA ALA A 34 21.21 -0.54 -42.97
C ALA A 34 22.21 -0.54 -41.83
N GLY A 35 21.82 -0.08 -40.65
CA GLY A 35 22.70 -0.17 -39.50
C GLY A 35 23.14 1.14 -38.88
N LYS A 36 22.28 2.16 -38.94
CA LYS A 36 22.64 3.45 -38.35
C LYS A 36 22.46 3.45 -36.83
N THR A 37 21.29 3.00 -36.36
CA THR A 37 21.09 2.83 -34.93
C THR A 37 22.12 1.87 -34.34
N THR A 38 22.57 0.89 -35.14
CA THR A 38 23.63 0.00 -34.70
C THR A 38 24.91 0.76 -34.37
N VAL A 39 25.32 1.66 -35.26
CA VAL A 39 26.52 2.45 -35.02
C VAL A 39 26.34 3.39 -33.84
N LEU A 40 25.16 4.00 -33.71
CA LEU A 40 24.91 4.87 -32.57
C LEU A 40 24.99 4.11 -31.24
N ASP A 41 24.42 2.91 -31.20
CA ASP A 41 24.51 2.08 -30.00
C ASP A 41 25.94 1.67 -29.72
N ALA A 42 26.72 1.39 -30.77
CA ALA A 42 28.13 1.07 -30.57
C ALA A 42 28.86 2.23 -29.92
N VAL A 43 28.60 3.46 -30.38
CA VAL A 43 29.25 4.62 -29.79
C VAL A 43 28.82 4.80 -28.33
N ARG A 44 27.53 4.60 -28.04
CA ARG A 44 27.05 4.66 -26.67
C ARG A 44 27.80 3.70 -25.77
N LEU A 45 27.91 2.43 -26.20
CA LEU A 45 28.58 1.42 -25.40
C LEU A 45 30.06 1.72 -25.25
N ALA A 46 30.68 2.33 -26.27
CA ALA A 46 32.09 2.70 -26.14
C ALA A 46 32.28 3.83 -25.14
N LEU A 47 31.35 4.79 -25.10
CA LEU A 47 31.51 5.95 -24.24
C LEU A 47 31.00 5.75 -22.82
N PHE A 48 30.22 4.70 -22.56
CA PHE A 48 29.69 4.50 -21.20
C PHE A 48 30.74 4.41 -20.10
N PRO A 49 31.90 3.76 -20.28
CA PRO A 49 32.85 3.66 -19.17
C PRO A 49 33.24 4.98 -18.54
N PHE A 50 33.30 6.06 -19.32
CA PHE A 50 33.58 7.36 -18.73
C PHE A 50 32.49 7.77 -17.74
N ILE A 51 31.22 7.52 -18.10
CA ILE A 51 30.11 7.89 -17.22
C ILE A 51 30.07 6.97 -16.00
N ARG A 52 30.53 5.73 -16.14
CA ARG A 52 30.48 4.81 -15.00
C ARG A 52 31.33 5.27 -13.83
N GLY A 53 32.24 6.21 -14.02
CA GLY A 53 33.02 6.75 -12.94
C GLY A 53 32.36 7.85 -12.13
N PHE A 54 31.12 8.20 -12.44
CA PHE A 54 30.42 9.28 -11.77
C PHE A 54 29.28 8.71 -10.92
N ASP A 55 28.99 9.42 -9.83
CA ASP A 55 27.93 9.00 -8.92
C ASP A 55 26.53 9.12 -9.52
N ALA A 56 26.40 9.79 -10.66
CA ALA A 56 25.12 9.94 -11.31
C ALA A 56 24.73 8.71 -12.13
N SER A 57 25.62 7.73 -12.28
CA SER A 57 25.35 6.53 -13.04
C SER A 57 24.85 5.37 -12.19
N LEU A 58 24.67 5.59 -10.87
CA LEU A 58 24.18 4.52 -10.01
C LEU A 58 22.67 4.35 -10.10
N TYR A 59 21.96 5.32 -10.65
CA TYR A 59 20.51 5.26 -10.79
C TYR A 59 20.07 4.90 -12.21
N VAL A 60 21.00 4.47 -13.05
CA VAL A 60 20.69 4.11 -14.43
C VAL A 60 20.00 2.75 -14.44
N LYS A 61 18.79 2.70 -15.00
CA LYS A 61 18.01 1.46 -15.08
C LYS A 61 17.83 1.00 -16.52
N ASP A 62 18.64 1.50 -17.44
CA ASP A 62 18.52 1.14 -18.85
C ASP A 62 19.24 -0.18 -19.09
N LYS A 63 18.51 -1.19 -19.57
CA LYS A 63 19.07 -2.50 -19.82
C LYS A 63 19.85 -2.56 -21.13
N SER A 64 19.79 -1.53 -21.96
CA SER A 64 20.42 -1.55 -23.27
C SER A 64 21.84 -1.02 -23.27
N LEU A 65 22.40 -0.71 -22.11
CA LEU A 65 23.73 -0.15 -22.01
C LEU A 65 24.81 -1.20 -21.82
N ALA A 66 24.46 -2.48 -21.88
CA ALA A 66 25.42 -3.57 -21.90
C ALA A 66 25.16 -4.44 -23.12
N ILE A 67 26.23 -5.04 -23.65
CA ILE A 67 26.08 -5.93 -24.79
C ILE A 67 25.26 -7.13 -24.39
N ARG A 68 24.25 -7.45 -25.18
CA ARG A 68 23.29 -8.49 -24.85
C ARG A 68 23.40 -9.64 -25.84
N THR A 69 22.79 -10.77 -25.46
CA THR A 69 22.76 -11.92 -26.36
C THR A 69 21.95 -11.64 -27.61
N GLU A 70 20.97 -10.73 -27.54
CA GLU A 70 20.22 -10.32 -28.71
C GLU A 70 21.06 -9.51 -29.69
N ASP A 71 22.24 -9.06 -29.28
CA ASP A 71 23.12 -8.27 -30.13
C ASP A 71 24.13 -9.11 -30.90
N LEU A 72 24.13 -10.42 -30.72
CA LEU A 72 25.06 -11.29 -31.42
C LEU A 72 24.48 -11.67 -32.78
N ARG A 73 25.35 -11.67 -33.79
CA ARG A 73 24.89 -11.86 -35.16
C ARG A 73 24.38 -13.29 -35.36
N LEU A 74 23.24 -13.40 -36.06
CA LEU A 74 22.66 -14.69 -36.40
C LEU A 74 22.76 -14.89 -37.90
N ILE A 75 23.34 -16.02 -38.31
CA ILE A 75 23.51 -16.36 -39.71
C ILE A 75 22.47 -17.39 -40.08
N TYR A 76 21.80 -17.16 -41.22
CA TYR A 76 20.70 -17.98 -41.68
C TYR A 76 21.21 -19.00 -42.68
N ARG A 77 21.22 -20.27 -42.28
CA ARG A 77 21.57 -21.37 -43.18
C ARG A 77 20.30 -21.87 -43.84
N GLN A 78 20.21 -21.71 -45.16
CA GLN A 78 19.00 -22.06 -45.88
C GLN A 78 18.85 -23.58 -46.03
N GLU A 79 19.95 -24.29 -46.26
CA GLU A 79 19.87 -25.73 -46.45
C GLU A 79 19.35 -26.43 -45.21
N ALA A 80 19.83 -26.02 -44.03
CA ALA A 80 19.33 -26.57 -42.78
C ALA A 80 18.14 -25.82 -42.22
N LEU A 81 17.76 -24.69 -42.83
CA LEU A 81 16.70 -23.83 -42.33
C LEU A 81 16.92 -23.48 -40.86
N ASN A 82 18.14 -23.06 -40.55
CA ASN A 82 18.55 -22.83 -39.17
C ASN A 82 19.17 -21.45 -39.04
N MET A 83 19.27 -20.99 -37.80
CA MET A 83 19.95 -19.73 -37.48
C MET A 83 21.01 -20.00 -36.43
N GLU A 84 22.25 -19.67 -36.76
CA GLU A 84 23.39 -19.94 -35.89
C GLU A 84 23.91 -18.64 -35.30
N MET A 85 24.23 -18.68 -34.01
CA MET A 85 24.68 -17.50 -33.29
C MET A 85 26.20 -17.42 -33.35
N SER A 86 26.71 -16.35 -33.97
CA SER A 86 28.14 -16.15 -34.12
C SER A 86 28.70 -15.42 -32.92
N SER A 87 29.85 -15.88 -32.43
CA SER A 87 30.52 -15.31 -31.29
C SER A 87 32.00 -15.11 -31.63
N PRO A 88 32.65 -14.11 -31.03
CA PRO A 88 32.12 -13.12 -30.08
C PRO A 88 31.64 -11.84 -30.75
N ALA A 89 30.91 -11.00 -30.00
CA ALA A 89 30.53 -9.67 -30.45
C ALA A 89 31.50 -8.67 -29.82
N LYS A 90 32.18 -7.89 -30.65
CA LYS A 90 33.29 -7.06 -30.21
C LYS A 90 33.18 -5.65 -30.78
N ILE A 91 33.58 -4.68 -29.98
CA ILE A 91 33.56 -3.27 -30.34
C ILE A 91 34.92 -2.68 -30.03
N THR A 92 35.45 -1.87 -30.96
CA THR A 92 36.72 -1.21 -30.78
C THR A 92 36.57 0.28 -31.10
N ALA A 93 37.20 1.12 -30.28
CA ALA A 93 37.05 2.56 -30.42
C ALA A 93 38.38 3.25 -30.20
N THR A 94 38.73 4.18 -31.09
CA THR A 94 39.93 4.98 -30.99
C THR A 94 39.54 6.44 -30.71
N GLY A 95 40.27 7.09 -29.82
CA GLY A 95 39.89 8.43 -29.44
C GLY A 95 41.01 9.18 -28.75
N GLU A 96 40.66 10.38 -28.31
CA GLU A 96 41.58 11.28 -27.61
C GLU A 96 40.87 11.89 -26.42
N TRP A 97 41.49 11.83 -25.23
CA TRP A 97 40.86 12.31 -24.02
C TRP A 97 41.25 13.75 -23.72
N ALA A 98 42.53 13.96 -23.44
CA ALA A 98 43.11 15.26 -23.17
C ALA A 98 44.05 15.64 -24.31
N SER A 99 44.76 16.75 -24.13
CA SER A 99 45.68 17.21 -25.17
C SER A 99 46.82 16.22 -25.35
N GLY A 100 47.03 15.79 -26.59
CA GLY A 100 48.13 14.89 -26.91
C GLY A 100 48.07 13.53 -26.26
N LYS A 101 46.90 12.88 -26.30
CA LYS A 101 46.74 11.57 -25.67
C LYS A 101 45.80 10.73 -26.53
N THR A 102 46.37 9.84 -27.32
CA THR A 102 45.59 8.92 -28.15
C THR A 102 45.42 7.59 -27.43
N ALA A 103 44.25 6.99 -27.58
CA ALA A 103 43.94 5.75 -26.89
C ALA A 103 43.02 4.90 -27.74
N THR A 104 43.01 3.60 -27.45
CA THR A 104 42.11 2.65 -28.10
C THR A 104 41.61 1.66 -27.06
N TRP A 105 40.29 1.42 -27.06
CA TRP A 105 39.69 0.53 -26.08
C TRP A 105 38.68 -0.39 -26.74
N MET A 106 38.39 -1.49 -26.06
CA MET A 106 37.64 -2.60 -26.65
C MET A 106 36.60 -3.11 -25.65
N LEU A 107 35.49 -3.60 -26.20
CA LEU A 107 34.44 -4.27 -25.45
C LEU A 107 34.11 -5.58 -26.14
N ASP A 108 33.68 -6.57 -25.36
CA ASP A 108 33.46 -7.89 -25.93
C ASP A 108 32.37 -8.62 -25.15
N LYS A 109 31.73 -9.56 -25.84
CA LYS A 109 30.80 -10.50 -25.21
C LYS A 109 30.79 -11.79 -26.01
N ARG A 110 30.94 -12.91 -25.31
CA ARG A 110 30.96 -14.22 -25.93
C ARG A 110 29.88 -15.10 -25.32
N GLY A 111 29.03 -15.67 -26.16
CA GLY A 111 27.98 -16.55 -25.67
C GLY A 111 27.03 -15.84 -24.72
N GLU A 112 26.68 -16.52 -23.63
CA GLU A 112 25.85 -15.95 -22.58
C GLU A 112 26.66 -15.48 -21.38
N GLN A 113 27.99 -15.47 -21.50
CA GLN A 113 28.84 -14.99 -20.43
C GLN A 113 28.70 -13.47 -20.28
N PRO A 114 28.99 -12.94 -19.10
CA PRO A 114 28.87 -11.49 -18.90
C PRO A 114 29.86 -10.74 -19.78
N PRO A 115 29.55 -9.51 -20.16
CA PRO A 115 30.48 -8.74 -21.01
C PRO A 115 31.75 -8.38 -20.27
N HIS A 116 32.80 -8.13 -21.04
CA HIS A 116 34.13 -7.86 -20.52
C HIS A 116 34.72 -6.64 -21.21
N GLU A 117 35.70 -6.03 -20.53
CA GLU A 117 36.38 -4.86 -21.05
C GLU A 117 37.86 -4.94 -20.70
N ASP A 118 38.66 -4.19 -21.44
CA ASP A 118 40.11 -4.20 -21.25
C ASP A 118 40.50 -3.15 -20.21
N LYS A 119 41.81 -2.88 -20.11
CA LYS A 119 42.30 -1.93 -19.11
C LYS A 119 41.92 -0.50 -19.45
N MET A 120 41.82 -0.15 -20.74
CA MET A 120 41.59 1.23 -21.11
C MET A 120 40.21 1.73 -20.69
N ALA A 121 39.19 0.86 -20.72
CA ALA A 121 37.89 1.26 -20.19
C ALA A 121 37.97 1.57 -18.70
N ALA A 122 38.71 0.75 -17.95
CA ALA A 122 38.94 1.05 -16.54
C ALA A 122 39.66 2.38 -16.39
N GLN A 123 40.53 2.72 -17.34
CA GLN A 123 41.22 4.00 -17.24
C GLN A 123 40.28 5.16 -17.52
N LEU A 124 39.32 4.99 -18.44
CA LEU A 124 38.26 5.99 -18.58
C LEU A 124 37.51 6.17 -17.27
N THR A 125 37.17 5.06 -16.62
CA THR A 125 36.43 5.15 -15.36
C THR A 125 37.23 5.89 -14.30
N ARG A 126 38.53 5.60 -14.22
CA ARG A 126 39.37 6.29 -13.24
C ARG A 126 39.52 7.77 -13.56
N TRP A 127 39.57 8.12 -14.86
CA TRP A 127 39.62 9.53 -15.23
C TRP A 127 38.34 10.25 -14.81
N GLY A 128 37.19 9.61 -15.02
CA GLY A 128 35.95 10.19 -14.55
C GLY A 128 35.91 10.38 -13.05
N GLU A 129 36.42 9.39 -12.31
CA GLU A 129 36.49 9.50 -10.85
C GLU A 129 37.40 10.66 -10.44
N GLN A 130 38.53 10.82 -11.13
CA GLN A 130 39.44 11.92 -10.82
C GLN A 130 38.78 13.27 -11.05
N LEU A 131 38.06 13.41 -12.17
CA LEU A 131 37.36 14.66 -12.43
C LEU A 131 36.29 14.93 -11.37
N GLN A 132 35.56 13.89 -10.97
CA GLN A 132 34.56 14.05 -9.92
C GLN A 132 35.18 14.51 -8.61
N LYS A 133 36.33 13.94 -8.25
CA LYS A 133 37.02 14.39 -7.04
C LYS A 133 37.48 15.84 -7.17
N ARG A 134 37.96 16.22 -8.35
CA ARG A 134 38.42 17.60 -8.55
C ARG A 134 37.28 18.60 -8.41
N VAL A 135 36.10 18.26 -8.93
CA VAL A 135 34.97 19.18 -8.87
C VAL A 135 34.53 19.40 -7.42
N ARG A 136 34.50 18.33 -6.62
CA ARG A 136 33.99 18.39 -5.25
C ARG A 136 35.01 18.93 -4.25
N GLU A 137 36.07 19.57 -4.70
CA GLU A 137 37.14 20.04 -3.83
C GLU A 137 36.94 21.52 -3.52
N GLU A 138 37.01 21.85 -2.23
CA GLU A 138 36.86 23.23 -1.79
C GLU A 138 38.21 23.94 -1.81
N HIS A 139 38.17 25.25 -2.06
CA HIS A 139 39.35 26.09 -2.10
C HIS A 139 40.35 25.59 -3.15
N SER A 140 39.91 25.61 -4.40
CA SER A 140 40.75 25.23 -5.53
C SER A 140 41.07 26.48 -6.34
N LEU A 141 42.35 26.64 -6.68
CA LEU A 141 42.76 27.81 -7.46
C LEU A 141 42.45 27.62 -8.94
N GLN A 142 42.96 26.54 -9.53
CA GLN A 142 42.71 26.27 -10.94
C GLN A 142 41.27 25.83 -11.16
N GLN A 143 40.76 26.11 -12.36
CA GLN A 143 39.41 25.72 -12.74
C GLN A 143 39.43 24.33 -13.40
N VAL A 144 38.26 23.71 -13.46
CA VAL A 144 38.07 22.39 -14.04
C VAL A 144 37.04 22.48 -15.15
N GLU A 145 37.38 21.96 -16.32
CA GLU A 145 36.51 21.97 -17.49
C GLU A 145 35.93 20.59 -17.69
N LEU A 146 34.60 20.47 -17.58
CA LEU A 146 33.99 19.16 -17.78
C LEU A 146 33.46 19.02 -19.20
N PRO A 147 33.58 17.84 -19.79
CA PRO A 147 33.07 17.61 -21.15
C PRO A 147 31.59 17.28 -21.15
N LEU A 148 31.02 17.30 -22.35
CA LEU A 148 29.59 17.05 -22.54
C LEU A 148 29.40 15.75 -23.31
N MET A 149 28.49 14.90 -22.82
CA MET A 149 28.13 13.67 -23.49
C MET A 149 26.62 13.52 -23.49
N LEU A 150 26.05 13.21 -24.64
CA LEU A 150 24.60 13.16 -24.78
C LEU A 150 24.23 12.17 -25.87
N TYR A 151 23.06 11.55 -25.70
CA TYR A 151 22.49 10.66 -26.71
C TYR A 151 21.02 11.00 -26.86
N LEU A 152 20.64 11.45 -28.05
CA LEU A 152 19.27 11.86 -28.34
C LEU A 152 18.69 10.88 -29.36
N GLY A 153 18.05 9.83 -28.85
CA GLY A 153 17.45 8.80 -29.69
C GLY A 153 16.00 9.09 -30.00
N THR A 154 15.30 8.04 -30.42
CA THR A 154 13.89 8.15 -30.77
C THR A 154 12.98 8.19 -29.56
N ALA A 155 13.50 7.98 -28.37
CA ALA A 155 12.72 8.12 -27.15
C ALA A 155 12.61 9.56 -26.67
N ARG A 156 13.26 10.49 -27.36
CA ARG A 156 13.16 11.91 -27.03
C ARG A 156 11.89 12.54 -27.54
N LEU A 157 11.12 11.85 -28.37
CA LEU A 157 10.02 12.48 -29.08
C LEU A 157 8.91 12.89 -28.12
N TRP A 158 8.28 14.00 -28.45
CA TRP A 158 7.19 14.58 -27.68
C TRP A 158 5.91 14.40 -28.51
N TYR A 159 5.24 13.28 -28.31
CA TYR A 159 4.00 12.98 -29.02
C TYR A 159 2.82 13.59 -28.28
N GLN A 160 1.62 13.29 -28.76
CA GLN A 160 0.42 13.94 -28.25
C GLN A 160 0.14 13.53 -26.81
N GLU A 161 -0.05 14.54 -25.94
CA GLU A 161 -0.44 14.34 -24.54
C GLU A 161 0.54 13.45 -23.80
N ARG A 162 1.83 13.61 -24.07
CA ARG A 162 2.84 12.87 -23.31
C ARG A 162 3.05 13.46 -21.93
N TYR A 163 2.97 14.79 -21.80
CA TYR A 163 3.15 15.45 -20.51
C TYR A 163 1.89 16.23 -20.13
N ARG A 171 11.11 22.04 -3.97
CA ARG A 171 10.72 20.84 -4.69
C ARG A 171 11.91 20.10 -5.26
N LEU A 172 12.85 20.84 -5.85
CA LEU A 172 14.04 20.23 -6.43
C LEU A 172 14.88 19.59 -5.34
N ASP A 173 15.45 18.42 -5.67
CA ASP A 173 16.36 17.77 -4.75
C ASP A 173 17.70 18.51 -4.71
N ASN A 174 18.46 18.26 -3.65
CA ASN A 174 19.74 18.94 -3.48
C ASN A 174 20.76 18.52 -4.52
N SER A 175 20.53 17.41 -5.21
CA SER A 175 21.43 16.95 -6.26
C SER A 175 21.19 17.68 -7.58
N ALA A 176 20.05 18.35 -7.73
CA ALA A 176 19.76 19.08 -8.96
C ALA A 176 20.55 20.37 -9.08
N PHE A 177 21.26 20.78 -8.03
CA PHE A 177 22.04 22.00 -8.04
C PHE A 177 23.52 21.75 -8.25
N SER A 178 23.90 20.54 -8.63
CA SER A 178 25.30 20.17 -8.78
C SER A 178 25.70 20.19 -10.25
N ARG A 179 27.01 20.35 -10.48
CA ARG A 179 27.53 20.25 -11.84
C ARG A 179 27.32 18.86 -12.40
N LEU A 180 27.58 17.82 -11.59
CA LEU A 180 27.52 16.45 -12.06
C LEU A 180 26.11 16.04 -12.49
N SER A 181 25.09 16.83 -12.12
CA SER A 181 23.74 16.56 -12.58
C SER A 181 23.59 16.74 -14.08
N GLY A 182 24.58 17.33 -14.75
CA GLY A 182 24.58 17.32 -16.20
C GLY A 182 24.79 15.95 -16.79
N TYR A 183 25.16 14.96 -15.99
CA TYR A 183 25.38 13.59 -16.44
C TYR A 183 24.23 12.66 -16.09
N ASP A 184 23.09 13.20 -15.66
CA ASP A 184 21.96 12.36 -15.29
C ASP A 184 21.21 11.94 -16.55
N ASP A 185 21.08 10.63 -16.75
CA ASP A 185 20.39 10.06 -17.91
C ASP A 185 20.97 10.60 -19.21
N CYS A 186 22.29 10.76 -19.24
CA CYS A 186 22.95 11.34 -20.40
C CYS A 186 22.93 10.38 -21.60
N LEU A 187 23.27 9.12 -21.37
CA LEU A 187 23.40 8.14 -22.44
C LEU A 187 22.25 7.13 -22.44
N SER A 188 21.17 7.42 -21.75
CA SER A 188 20.03 6.54 -21.63
C SER A 188 18.98 6.85 -22.70
N ALA A 189 18.11 5.88 -22.96
CA ALA A 189 17.04 6.02 -23.94
C ALA A 189 15.77 6.46 -23.22
N THR A 190 15.76 7.72 -22.81
CA THR A 190 14.64 8.30 -22.07
C THR A 190 14.44 9.73 -22.50
N SER A 191 13.41 10.36 -21.95
CA SER A 191 13.11 11.77 -22.18
C SER A 191 13.44 12.57 -20.93
N ASN A 192 14.11 13.70 -21.11
CA ASN A 192 14.63 14.50 -20.00
C ASN A 192 14.06 15.91 -20.01
N TYR A 193 12.81 16.08 -20.43
CA TYR A 193 12.22 17.41 -20.50
C TYR A 193 11.80 17.93 -19.13
N LYS A 194 11.41 17.04 -18.21
CA LYS A 194 10.97 17.47 -16.90
C LYS A 194 12.08 18.15 -16.12
N GLN A 195 13.30 17.60 -16.18
CA GLN A 195 14.42 18.21 -15.49
C GLN A 195 14.69 19.62 -16.01
N PHE A 196 14.67 19.80 -17.33
CA PHE A 196 14.87 21.12 -17.90
C PHE A 196 13.77 22.07 -17.48
N GLU A 197 12.52 21.60 -17.49
CA GLU A 197 11.41 22.44 -17.08
C GLU A 197 11.59 22.91 -15.64
N GLN A 198 11.93 21.99 -14.73
CA GLN A 198 12.08 22.35 -13.33
C GLN A 198 13.21 23.35 -13.13
N TRP A 199 14.37 23.08 -13.71
CA TRP A 199 15.51 23.97 -13.52
C TRP A 199 15.25 25.35 -14.11
N TYR A 200 14.64 25.40 -15.29
CA TYR A 200 14.37 26.68 -15.94
C TYR A 200 13.35 27.50 -15.14
N SER A 201 12.30 26.84 -14.64
CA SER A 201 11.32 27.53 -13.81
C SER A 201 11.97 28.07 -12.55
N TRP A 202 12.89 27.30 -11.95
CA TRP A 202 13.57 27.77 -10.75
C TRP A 202 14.40 29.03 -11.05
N LEU A 203 15.15 29.02 -12.16
CA LEU A 203 15.91 30.21 -12.53
C LEU A 203 15.01 31.41 -12.69
N TRP A 204 13.88 31.25 -13.40
CA TRP A 204 13.02 32.39 -13.66
C TRP A 204 12.40 32.92 -12.37
N LEU A 205 11.97 32.02 -11.47
CA LEU A 205 11.41 32.47 -10.20
C LEU A 205 12.44 33.22 -9.37
N SER A 206 13.68 32.73 -9.33
CA SER A 206 14.72 33.42 -8.58
C SER A 206 15.00 34.81 -9.17
N TYR A 207 15.09 34.89 -10.50
CA TYR A 207 15.36 36.17 -11.15
C TYR A 207 14.25 37.18 -10.87
N ARG A 208 12.99 36.73 -10.92
CA ARG A 208 11.88 37.63 -10.62
C ARG A 208 11.88 38.05 -9.16
N GLU A 209 12.23 37.14 -8.25
CA GLU A 209 12.32 37.51 -6.84
C GLU A 209 13.35 38.61 -6.63
N HIS A 210 14.51 38.48 -7.27
CA HIS A 210 15.53 39.52 -7.14
C HIS A 210 15.06 40.83 -7.76
N GLN A 211 14.34 40.75 -8.88
CA GLN A 211 13.82 41.97 -9.51
C GLN A 211 12.86 42.70 -8.57
N ILE A 212 11.93 41.96 -7.95
CA ILE A 212 10.99 42.58 -7.03
C ILE A 212 11.71 43.18 -5.83
N THR A 213 12.69 42.45 -5.28
CA THR A 213 13.45 42.98 -4.15
C THR A 213 14.17 44.27 -4.51
N GLN A 214 14.80 44.32 -5.68
CA GLN A 214 15.47 45.53 -6.11
C GLN A 214 14.49 46.68 -6.29
N LEU A 215 13.32 46.39 -6.87
CA LEU A 215 12.32 47.44 -7.07
C LEU A 215 11.79 47.97 -5.75
N GLU A 216 11.76 47.14 -4.71
CA GLU A 216 11.27 47.60 -3.42
C GLU A 216 12.23 48.60 -2.78
N SER A 217 13.45 48.16 -2.48
CA SER A 217 14.44 49.00 -1.82
C SER A 217 15.66 49.19 -2.71
N PRO A 218 15.82 50.35 -3.35
CA PRO A 218 16.98 50.59 -4.23
C PRO A 218 18.23 50.98 -3.44
N SER A 219 18.61 50.14 -2.49
CA SER A 219 19.79 50.42 -1.67
C SER A 219 20.63 49.18 -1.40
N ALA A 220 20.51 48.14 -2.23
CA ALA A 220 21.25 46.89 -2.02
C ALA A 220 22.02 46.48 -3.26
N LYS A 221 22.33 47.41 -4.16
CA LYS A 221 23.07 47.09 -5.39
C LYS A 221 24.58 47.28 -5.15
N LEU A 222 25.11 46.46 -4.25
CA LEU A 222 26.54 46.47 -3.96
C LEU A 222 26.90 45.11 -3.39
N LYS A 223 27.62 44.30 -4.17
CA LYS A 223 28.06 42.94 -3.83
C LYS A 223 26.89 41.96 -3.76
N GLU A 224 25.65 42.43 -3.89
CA GLU A 224 24.49 41.57 -3.86
C GLU A 224 23.96 41.22 -5.25
N GLY A 225 24.35 41.98 -6.28
CA GLY A 225 23.87 41.78 -7.62
C GLY A 225 24.60 40.76 -8.45
N VAL A 226 25.57 40.04 -7.87
CA VAL A 226 26.32 39.04 -8.64
C VAL A 226 25.41 37.89 -9.04
N ARG A 227 24.59 37.42 -8.11
CA ARG A 227 23.71 36.29 -8.40
C ARG A 227 22.69 36.63 -9.47
N VAL A 228 22.15 37.85 -9.42
CA VAL A 228 21.22 38.31 -10.45
C VAL A 228 21.90 38.28 -11.81
N GLN A 229 23.15 38.73 -11.86
CA GLN A 229 23.90 38.74 -13.12
C GLN A 229 24.10 37.32 -13.64
N ARG A 230 24.48 36.40 -12.75
CA ARG A 230 24.71 35.02 -13.18
C ARG A 230 23.44 34.40 -13.75
N MET A 231 22.31 34.60 -13.07
CA MET A 231 21.06 34.04 -13.55
C MET A 231 20.63 34.67 -14.86
N LYS A 232 20.78 35.99 -14.99
CA LYS A 232 20.44 36.67 -16.23
C LYS A 232 21.27 36.13 -17.40
N GLU A 233 22.56 35.92 -17.17
CA GLU A 233 23.42 35.42 -18.23
C GLU A 233 23.08 33.99 -18.61
N ALA A 234 22.74 33.14 -17.64
CA ALA A 234 22.30 31.79 -17.97
C ALA A 234 21.02 31.83 -18.81
N ILE A 235 20.08 32.69 -18.42
CA ILE A 235 18.82 32.82 -19.17
C ILE A 235 19.10 33.22 -20.61
N GLN A 236 19.96 34.23 -20.80
CA GLN A 236 20.21 34.71 -22.16
C GLN A 236 20.95 33.67 -22.99
N ALA A 237 21.85 32.90 -22.37
CA ALA A 237 22.54 31.85 -23.10
C ALA A 237 21.56 30.80 -23.62
N ILE A 238 20.68 30.31 -22.75
CA ILE A 238 19.70 29.31 -23.18
C ILE A 238 18.79 29.88 -24.26
N GLN A 239 18.33 31.13 -24.08
CA GLN A 239 17.41 31.71 -25.04
C GLN A 239 18.06 31.87 -26.41
N GLN A 240 19.31 32.32 -26.45
CA GLN A 240 20.00 32.46 -27.73
C GLN A 240 20.19 31.11 -28.42
N ALA A 241 20.58 30.10 -27.64
CA ALA A 241 20.78 28.77 -28.22
C ALA A 241 19.48 28.24 -28.83
N ILE A 242 18.35 28.44 -28.15
CA ILE A 242 17.09 27.98 -28.70
C ILE A 242 16.67 28.82 -29.90
N ASN A 243 16.91 30.13 -29.85
CA ASN A 243 16.49 31.01 -30.95
C ASN A 243 17.18 30.65 -32.25
N CYS A 244 18.47 30.29 -32.18
CA CYS A 244 19.25 30.09 -33.40
C CYS A 244 18.68 29.01 -34.31
N LEU A 245 17.85 28.11 -33.80
CA LEU A 245 17.24 27.07 -34.63
C LEU A 245 15.86 27.44 -35.14
N THR A 246 15.05 28.13 -34.35
CA THR A 246 13.64 28.34 -34.65
C THR A 246 13.33 29.69 -35.28
N GLN A 247 14.03 30.75 -34.90
CA GLN A 247 13.56 32.10 -35.22
C GLN A 247 13.48 32.35 -36.71
N GLN A 248 14.52 31.96 -37.45
CA GLN A 248 14.62 32.32 -38.86
C GLN A 248 13.53 31.68 -39.71
N VAL A 249 13.21 30.42 -39.46
CA VAL A 249 12.32 29.68 -40.35
C VAL A 249 10.90 29.64 -39.81
N THR A 250 10.71 29.89 -38.52
CA THR A 250 9.39 29.74 -37.92
C THR A 250 8.85 31.03 -37.30
N GLY A 251 9.71 31.85 -36.70
CA GLY A 251 9.30 33.12 -36.13
C GLY A 251 9.18 33.13 -34.62
N TRP A 252 9.11 31.96 -33.99
CA TRP A 252 8.96 31.90 -32.54
C TRP A 252 10.32 32.04 -31.86
N HIS A 253 10.32 32.73 -30.72
CA HIS A 253 11.56 32.99 -30.00
C HIS A 253 11.22 33.28 -28.54
N ASP A 254 12.27 33.45 -27.74
CA ASP A 254 12.18 33.88 -26.34
C ASP A 254 11.31 32.92 -25.52
N LEU A 255 11.80 31.69 -25.38
CA LEU A 255 11.19 30.75 -24.46
C LEU A 255 11.39 31.23 -23.03
N GLU A 256 10.29 31.47 -22.32
CA GLU A 256 10.37 31.98 -20.96
C GLU A 256 9.32 31.28 -20.10
N TYR A 257 9.26 31.70 -18.84
CA TYR A 257 8.33 31.13 -17.87
C TYR A 257 7.31 32.20 -17.50
N SER A 258 6.03 31.85 -17.55
CA SER A 258 4.95 32.78 -17.30
C SER A 258 4.04 32.25 -16.20
N ALA A 259 3.81 33.09 -15.19
CA ALA A 259 2.87 32.75 -14.12
C ALA A 259 1.43 33.05 -14.51
N SER A 260 1.21 33.97 -15.45
CA SER A 260 -0.13 34.27 -15.91
C SER A 260 -0.75 33.06 -16.61
N HIS A 261 0.02 32.38 -17.46
CA HIS A 261 -0.49 31.24 -18.21
C HIS A 261 -0.43 29.97 -17.37
N ASN A 262 -0.98 30.02 -16.15
CA ASN A 262 -1.05 28.87 -15.26
C ASN A 262 0.34 28.28 -15.00
N GLN A 263 1.34 29.15 -14.89
CA GLN A 263 2.71 28.76 -14.55
C GLN A 263 3.27 27.75 -15.56
N GLN A 264 3.43 28.23 -16.78
CA GLN A 264 3.87 27.38 -17.89
C GLN A 264 4.97 28.06 -18.67
N LEU A 265 5.66 27.26 -19.49
CA LEU A 265 6.70 27.76 -20.38
C LEU A 265 6.06 28.22 -21.68
N VAL A 266 6.38 29.45 -22.10
CA VAL A 266 5.69 30.11 -23.21
C VAL A 266 6.71 30.63 -24.20
N MET A 267 6.24 30.81 -25.44
CA MET A 267 7.04 31.36 -26.52
C MET A 267 6.24 32.45 -27.25
N SER A 268 6.97 33.36 -27.90
CA SER A 268 6.40 34.55 -28.48
C SER A 268 6.63 34.59 -29.99
N HIS A 269 5.68 35.18 -30.70
CA HIS A 269 5.69 35.38 -32.14
C HIS A 269 5.34 36.82 -32.46
N PRO A 270 5.90 37.39 -33.53
CA PRO A 270 5.53 38.76 -33.91
C PRO A 270 4.08 38.90 -34.35
N GLN A 271 3.66 38.14 -35.35
CA GLN A 271 2.29 38.27 -35.86
C GLN A 271 1.27 37.64 -34.92
N TYR A 272 1.56 36.45 -34.41
CA TYR A 272 0.72 35.83 -33.39
C TYR A 272 1.09 36.42 -32.04
N GLY A 273 0.64 35.79 -30.96
CA GLY A 273 0.92 36.33 -29.65
C GLY A 273 1.95 35.56 -28.84
N LYS A 274 1.55 35.14 -27.64
CA LYS A 274 2.41 34.38 -26.74
C LYS A 274 1.65 33.14 -26.31
N ILE A 275 2.19 31.97 -26.63
CA ILE A 275 1.46 30.72 -26.48
C ILE A 275 2.30 29.72 -25.69
N PRO A 276 1.70 28.86 -24.87
CA PRO A 276 2.47 27.82 -24.19
C PRO A 276 3.11 26.85 -25.18
N LEU A 277 4.24 26.29 -24.75
CA LEU A 277 5.01 25.40 -25.63
C LEU A 277 4.24 24.13 -25.96
N SER A 278 3.44 23.63 -25.02
CA SER A 278 2.70 22.39 -25.25
C SER A 278 1.55 22.56 -26.24
N GLN A 279 1.24 23.79 -26.63
CA GLN A 279 0.18 24.07 -27.60
C GLN A 279 0.71 24.34 -28.99
N LEU A 280 2.00 24.16 -29.22
CA LEU A 280 2.65 24.51 -30.47
C LEU A 280 2.72 23.29 -31.38
N SER A 281 3.28 23.48 -32.57
CA SER A 281 3.36 22.42 -33.55
C SER A 281 4.33 21.33 -33.10
N ASP A 282 4.18 20.15 -33.71
CA ASP A 282 5.04 19.02 -33.34
C ASP A 282 6.50 19.32 -33.66
N GLY A 283 6.78 19.89 -34.84
CA GLY A 283 8.15 20.14 -35.22
C GLY A 283 8.85 21.14 -34.32
N LEU A 284 8.18 22.27 -34.05
CA LEU A 284 8.75 23.27 -33.15
C LEU A 284 8.94 22.70 -31.75
N ARG A 285 7.96 21.92 -31.29
CA ARG A 285 8.02 21.36 -29.94
C ARG A 285 9.22 20.42 -29.80
N ASN A 286 9.41 19.52 -30.77
CA ASN A 286 10.55 18.62 -30.75
C ASN A 286 11.86 19.37 -30.89
N ALA A 287 11.92 20.37 -31.77
CA ALA A 287 13.16 21.12 -31.95
C ALA A 287 13.57 21.86 -30.69
N VAL A 288 12.61 22.49 -30.02
CA VAL A 288 12.91 23.20 -28.77
C VAL A 288 13.39 22.21 -27.72
N ALA A 289 12.73 21.06 -27.61
CA ALA A 289 13.19 20.06 -26.63
C ALA A 289 14.62 19.62 -26.93
N MET A 290 14.91 19.34 -28.20
CA MET A 290 16.23 18.84 -28.59
C MET A 290 17.32 19.87 -28.29
N VAL A 291 17.09 21.14 -28.62
CA VAL A 291 18.12 22.15 -28.39
C VAL A 291 18.26 22.44 -26.90
N ALA A 292 17.15 22.50 -26.17
CA ALA A 292 17.21 22.77 -24.73
C ALA A 292 17.97 21.68 -24.01
N ASP A 293 17.80 20.42 -24.41
CA ASP A 293 18.51 19.32 -23.78
C ASP A 293 20.01 19.51 -23.79
N ILE A 294 20.55 20.14 -24.83
CA ILE A 294 21.97 20.44 -24.88
C ILE A 294 22.30 21.73 -24.15
N ALA A 295 21.44 22.75 -24.31
CA ALA A 295 21.74 24.07 -23.77
C ALA A 295 21.82 24.05 -22.25
N PHE A 296 20.85 23.42 -21.58
CA PHE A 296 20.85 23.54 -20.13
C PHE A 296 21.95 22.70 -19.51
N ARG A 297 22.28 21.57 -20.14
CA ARG A 297 23.43 20.78 -19.69
C ARG A 297 24.73 21.54 -19.86
N CYS A 298 24.87 22.26 -20.98
CA CYS A 298 26.07 23.07 -21.18
C CYS A 298 26.16 24.16 -20.12
N VAL A 299 25.04 24.78 -19.77
CA VAL A 299 25.05 25.83 -18.74
C VAL A 299 25.40 25.22 -17.38
N LYS A 300 24.83 24.07 -17.05
CA LYS A 300 25.04 23.47 -15.73
C LYS A 300 26.46 22.95 -15.56
N LEU A 301 27.02 22.32 -16.59
CA LEU A 301 28.31 21.65 -16.44
C LEU A 301 29.43 22.63 -16.13
N ASN A 302 29.55 23.69 -16.93
CA ASN A 302 30.61 24.69 -16.79
C ASN A 302 29.98 26.02 -16.42
N PRO A 303 29.93 26.37 -15.13
CA PRO A 303 29.33 27.64 -14.71
C PRO A 303 30.27 28.83 -14.71
N HIS A 304 31.54 28.63 -15.05
CA HIS A 304 32.51 29.72 -15.02
C HIS A 304 32.65 30.44 -16.36
N LEU A 305 31.94 29.99 -17.39
CA LEU A 305 31.90 30.72 -18.67
C LEU A 305 30.80 31.77 -18.65
N GLN A 306 29.62 31.38 -18.18
CA GLN A 306 28.52 32.23 -17.77
C GLN A 306 27.76 32.91 -18.91
N ASN A 307 28.36 33.00 -20.09
CA ASN A 307 27.59 33.38 -21.27
C ASN A 307 28.10 32.69 -22.52
N ASP A 308 29.13 31.86 -22.43
CA ASP A 308 29.66 31.11 -23.56
C ASP A 308 29.60 29.61 -23.31
N ALA A 309 28.69 29.17 -22.44
CA ALA A 309 28.55 27.76 -22.16
C ALA A 309 28.17 26.99 -23.43
N ALA A 310 27.27 27.55 -24.23
CA ALA A 310 26.93 26.92 -25.50
C ALA A 310 28.03 27.11 -26.54
N LEU A 311 28.76 28.22 -26.48
CA LEU A 311 29.74 28.57 -27.49
C LEU A 311 31.15 28.08 -27.18
N LYS A 312 31.38 27.53 -25.98
CA LYS A 312 32.74 27.09 -25.63
C LYS A 312 32.76 25.77 -24.88
N THR A 313 31.84 24.86 -25.16
CA THR A 313 31.81 23.54 -24.55
C THR A 313 32.17 22.48 -25.58
N GLN A 314 33.02 21.54 -25.19
CA GLN A 314 33.47 20.47 -26.05
C GLN A 314 32.84 19.14 -25.63
N GLY A 315 32.58 18.29 -26.60
CA GLY A 315 32.00 17.00 -26.31
C GLY A 315 31.47 16.33 -27.56
N ILE A 316 30.80 15.20 -27.35
CA ILE A 316 30.23 14.38 -28.41
C ILE A 316 28.73 14.27 -28.16
N VAL A 317 27.94 14.56 -29.19
CA VAL A 317 26.49 14.49 -29.11
C VAL A 317 25.97 13.60 -30.22
N LEU A 318 25.08 12.67 -29.88
CA LEU A 318 24.51 11.71 -30.83
C LEU A 318 23.04 12.00 -31.05
N ILE A 319 22.64 12.15 -32.30
CA ILE A 319 21.26 12.42 -32.69
C ILE A 319 20.83 11.39 -33.71
N ASP A 320 19.65 10.80 -33.50
CA ASP A 320 19.08 9.81 -34.40
C ASP A 320 17.83 10.40 -35.03
N GLU A 321 17.76 10.36 -36.36
CA GLU A 321 16.64 10.90 -37.13
C GLU A 321 16.43 12.38 -36.81
N VAL A 322 17.45 13.18 -37.17
CA VAL A 322 17.46 14.60 -36.82
C VAL A 322 16.42 15.41 -37.58
N ASP A 323 15.92 14.91 -38.70
CA ASP A 323 15.07 15.68 -39.59
C ASP A 323 13.61 15.25 -39.51
N MET A 324 13.17 14.74 -38.35
CA MET A 324 11.81 14.26 -38.20
C MET A 324 10.91 15.38 -37.71
N PHE A 325 9.68 15.41 -38.24
CA PHE A 325 8.66 16.40 -37.95
C PHE A 325 9.00 17.78 -38.49
N LEU A 326 9.97 17.90 -39.38
CA LEU A 326 10.36 19.19 -39.95
C LEU A 326 10.21 19.14 -41.46
N HIS A 327 9.59 20.17 -42.03
CA HIS A 327 9.38 20.24 -43.46
C HIS A 327 10.68 20.56 -44.18
N PRO A 328 10.77 20.29 -45.49
CA PRO A 328 12.06 20.41 -46.19
C PRO A 328 12.73 21.77 -46.08
N ALA A 329 11.96 22.85 -46.10
CA ALA A 329 12.54 24.17 -45.94
C ALA A 329 13.24 24.30 -44.59
N TRP A 330 12.68 23.68 -43.56
CA TRP A 330 13.36 23.60 -42.28
C TRP A 330 14.48 22.57 -42.30
N GLN A 331 14.35 21.52 -43.12
CA GLN A 331 15.37 20.49 -43.19
C GLN A 331 16.66 20.99 -43.82
N GLN A 332 16.60 22.00 -44.66
CA GLN A 332 17.79 22.50 -45.32
C GLN A 332 18.67 23.38 -44.43
N GLN A 333 18.22 23.71 -43.22
CA GLN A 333 18.92 24.67 -42.37
C GLN A 333 19.41 24.07 -41.05
N ILE A 334 19.07 22.81 -40.76
CA ILE A 334 19.25 22.28 -39.42
C ILE A 334 20.74 22.07 -39.09
N ILE A 335 21.51 21.58 -40.06
CA ILE A 335 22.93 21.32 -39.80
C ILE A 335 23.67 22.62 -39.52
N GLN A 336 23.40 23.63 -40.35
CA GLN A 336 24.04 24.93 -40.15
C GLN A 336 23.61 25.56 -38.84
N SER A 337 22.33 25.43 -38.47
CA SER A 337 21.86 25.99 -37.22
C SER A 337 22.53 25.33 -36.02
N LEU A 338 22.66 24.00 -36.05
CA LEU A 338 23.33 23.30 -34.96
C LEU A 338 24.80 23.66 -34.89
N ARG A 339 25.45 23.82 -36.03
CA ARG A 339 26.86 24.20 -36.02
C ARG A 339 27.06 25.62 -35.53
N SER A 340 26.12 26.52 -35.82
CA SER A 340 26.24 27.89 -35.34
C SER A 340 25.91 28.03 -33.87
N ALA A 341 24.99 27.22 -33.35
CA ALA A 341 24.64 27.32 -31.94
C ALA A 341 25.72 26.71 -31.05
N PHE A 342 26.27 25.57 -31.44
CA PHE A 342 27.26 24.84 -30.64
C PHE A 342 28.49 24.58 -31.51
N PRO A 343 29.41 25.55 -31.57
CA PRO A 343 30.52 25.45 -32.53
C PRO A 343 31.65 24.52 -32.12
N GLN A 344 31.68 24.02 -30.88
CA GLN A 344 32.81 23.23 -30.40
C GLN A 344 32.41 21.79 -30.06
N ILE A 345 31.34 21.27 -30.65
CA ILE A 345 30.82 19.95 -30.32
C ILE A 345 30.85 19.09 -31.56
N GLN A 346 31.39 17.88 -31.41
CA GLN A 346 31.41 16.90 -32.50
C GLN A 346 30.05 16.22 -32.59
N PHE A 347 29.37 16.42 -33.72
CA PHE A 347 28.04 15.88 -33.94
C PHE A 347 28.13 14.63 -34.81
N ILE A 348 27.42 13.58 -34.41
CA ILE A 348 27.23 12.39 -35.23
C ILE A 348 25.73 12.21 -35.40
N VAL A 349 25.24 12.36 -36.62
CA VAL A 349 23.81 12.38 -36.91
C VAL A 349 23.50 11.39 -38.01
N THR A 350 22.24 10.93 -38.04
CA THR A 350 21.76 9.97 -39.01
C THR A 350 20.50 10.48 -39.70
N THR A 351 20.39 10.24 -40.99
CA THR A 351 19.23 10.68 -41.76
C THR A 351 19.09 9.83 -43.00
N HIS A 352 17.90 9.92 -43.61
CA HIS A 352 17.65 9.27 -44.90
C HIS A 352 16.92 10.20 -45.85
N SER A 353 17.17 11.51 -45.73
CA SER A 353 16.50 12.51 -46.55
C SER A 353 17.54 13.29 -47.34
N PRO A 354 17.37 13.43 -48.66
CA PRO A 354 18.34 14.21 -49.46
C PRO A 354 18.29 15.70 -49.19
N GLN A 355 17.30 16.19 -48.45
CA GLN A 355 17.19 17.63 -48.21
C GLN A 355 18.17 18.11 -47.15
N VAL A 356 18.51 17.26 -46.19
CA VAL A 356 19.47 17.64 -45.16
C VAL A 356 20.86 17.82 -45.78
N LEU A 357 21.20 17.01 -46.78
CA LEU A 357 22.49 17.08 -47.45
C LEU A 357 22.53 18.16 -48.54
N SER A 358 21.61 19.12 -48.50
CA SER A 358 21.51 20.08 -49.58
C SER A 358 22.75 20.96 -49.68
N THR A 359 23.23 21.47 -48.55
CA THR A 359 24.36 22.39 -48.53
C THR A 359 25.44 21.88 -47.57
N VAL A 360 25.74 20.59 -47.65
CA VAL A 360 26.70 19.94 -46.77
C VAL A 360 27.85 19.41 -47.62
N LYS A 361 29.07 19.61 -47.15
CA LYS A 361 30.25 19.16 -47.87
C LYS A 361 30.27 17.64 -47.98
N ARG A 362 30.91 17.15 -49.04
CA ARG A 362 30.97 15.70 -49.26
C ARG A 362 31.90 14.99 -48.29
N GLU A 363 32.65 15.73 -47.48
CA GLU A 363 33.57 15.15 -46.52
C GLU A 363 32.91 14.81 -45.19
N SER A 364 31.59 14.99 -45.09
CA SER A 364 30.86 14.69 -43.86
C SER A 364 29.81 13.61 -44.05
N ILE A 365 29.69 13.04 -45.23
CA ILE A 365 28.65 12.06 -45.54
C ILE A 365 29.28 10.68 -45.63
N ARG A 366 28.66 9.71 -44.96
CA ARG A 366 29.12 8.32 -44.98
C ARG A 366 27.97 7.44 -45.44
N LEU A 367 28.04 6.98 -46.69
CA LEU A 367 27.08 6.01 -47.18
C LEU A 367 27.42 4.63 -46.65
N LEU A 368 26.41 3.93 -46.15
CA LEU A 368 26.58 2.60 -45.58
C LEU A 368 26.08 1.55 -46.57
N GLU A 369 26.96 0.60 -46.91
CA GLU A 369 26.64 -0.46 -47.84
C GLU A 369 27.02 -1.80 -47.22
N GLN A 370 26.39 -2.86 -47.71
CA GLN A 370 26.60 -4.20 -47.18
C GLN A 370 26.53 -5.20 -48.32
N ASP A 371 27.28 -6.29 -48.19
CA ASP A 371 27.31 -7.34 -49.20
C ASP A 371 26.46 -8.52 -48.75
N GLU A 372 26.53 -9.62 -49.49
CA GLU A 372 25.70 -10.78 -49.18
C GLU A 372 26.18 -11.52 -47.95
N ASN A 373 27.48 -11.44 -47.64
CA ASN A 373 28.04 -12.14 -46.50
C ASN A 373 28.03 -11.31 -45.21
N GLY A 374 27.59 -10.06 -45.28
CA GLY A 374 27.52 -9.21 -44.11
C GLY A 374 28.67 -8.24 -43.92
N ASN A 375 29.56 -8.12 -44.90
CA ASN A 375 30.68 -7.19 -44.79
C ASN A 375 30.21 -5.78 -45.12
N GLY A 376 30.49 -4.84 -44.22
CA GLY A 376 30.00 -3.49 -44.33
C GLY A 376 31.04 -2.50 -44.82
N LYS A 377 30.55 -1.40 -45.37
CA LYS A 377 31.40 -0.32 -45.85
C LYS A 377 30.73 1.01 -45.53
N ALA A 378 31.52 1.97 -45.07
CA ALA A 378 31.05 3.33 -44.81
C ALA A 378 31.96 4.27 -45.58
N LEU A 379 31.48 4.77 -46.72
CA LEU A 379 32.34 5.46 -47.67
C LEU A 379 31.84 6.86 -47.97
N MET A 380 32.79 7.73 -48.34
CA MET A 380 32.46 9.06 -48.81
C MET A 380 31.79 8.99 -50.18
N PRO A 381 30.85 9.87 -50.46
CA PRO A 381 30.25 9.92 -51.80
C PRO A 381 31.27 10.38 -52.83
N LEU A 382 31.10 9.89 -54.06
CA LEU A 382 31.99 10.27 -55.15
C LEU A 382 31.65 11.66 -55.67
N MET B 1 -20.81 4.28 -42.78
CA MET B 1 -20.81 5.71 -42.53
C MET B 1 -19.75 6.42 -43.38
N ARG B 2 -19.91 7.72 -43.54
CA ARG B 2 -19.05 8.52 -44.40
C ARG B 2 -19.19 9.99 -44.01
N ILE B 3 -18.10 10.73 -44.15
CA ILE B 3 -18.05 12.15 -43.83
C ILE B 3 -17.71 12.91 -45.10
N ASP B 4 -18.53 13.93 -45.42
CA ASP B 4 -18.41 14.62 -46.69
C ASP B 4 -17.87 16.04 -46.57
N LYS B 5 -18.26 16.77 -45.52
CA LYS B 5 -17.87 18.16 -45.38
C LYS B 5 -17.67 18.47 -43.91
N LEU B 6 -16.81 19.45 -43.64
CA LEU B 6 -16.51 19.85 -42.27
C LEU B 6 -16.31 21.36 -42.24
N SER B 7 -16.78 21.97 -41.15
CA SER B 7 -16.68 23.41 -40.96
C SER B 7 -16.12 23.71 -39.58
N LEU B 8 -15.21 24.67 -39.52
CA LEU B 8 -14.59 25.11 -38.27
C LEU B 8 -14.78 26.62 -38.12
N LEU B 9 -15.10 27.04 -36.91
CA LEU B 9 -15.30 28.45 -36.59
C LEU B 9 -14.65 28.76 -35.26
N ASN B 10 -13.69 29.69 -35.27
CA ASN B 10 -12.97 30.14 -34.08
C ASN B 10 -12.29 28.99 -33.35
N PHE B 11 -11.81 28.00 -34.09
CA PHE B 11 -11.01 26.94 -33.52
C PHE B 11 -9.58 27.45 -33.35
N ARG B 12 -8.63 26.54 -33.14
CA ARG B 12 -7.28 26.93 -32.70
C ARG B 12 -6.69 28.05 -33.55
N CYS B 13 -6.49 27.80 -34.83
CA CYS B 13 -5.86 28.79 -35.70
C CYS B 13 -6.74 29.18 -36.89
N PHE B 14 -8.01 28.80 -36.87
CA PHE B 14 -8.91 29.05 -37.99
C PHE B 14 -10.08 29.88 -37.52
N LYS B 15 -10.20 31.11 -38.04
CA LYS B 15 -11.41 31.87 -37.82
C LYS B 15 -12.58 31.24 -38.56
N GLN B 16 -12.35 30.75 -39.77
CA GLN B 16 -13.35 29.99 -40.50
C GLN B 16 -12.65 29.04 -41.46
N LEU B 17 -13.20 27.84 -41.59
CA LEU B 17 -12.65 26.84 -42.52
C LEU B 17 -13.77 25.94 -43.01
N ASP B 18 -13.81 25.71 -44.32
CA ASP B 18 -14.71 24.75 -44.93
C ASP B 18 -13.89 23.78 -45.75
N ILE B 19 -14.04 22.48 -45.49
CA ILE B 19 -13.21 21.46 -46.11
C ILE B 19 -14.09 20.32 -46.60
N THR B 20 -13.82 19.86 -47.82
CA THR B 20 -14.57 18.78 -48.45
C THR B 20 -13.66 17.58 -48.65
N PHE B 21 -14.17 16.38 -48.33
CA PHE B 21 -13.41 15.15 -48.37
C PHE B 21 -13.78 14.32 -49.59
N ASP B 22 -12.83 13.49 -50.01
CA ASP B 22 -13.06 12.55 -51.10
C ASP B 22 -13.69 11.26 -50.58
N GLU B 23 -14.08 10.39 -51.51
CA GLU B 23 -14.76 9.16 -51.13
C GLU B 23 -13.79 8.12 -50.57
N HIS B 24 -12.58 8.04 -51.11
CA HIS B 24 -11.65 6.98 -50.76
C HIS B 24 -10.38 7.49 -50.09
N ILE B 25 -9.69 8.45 -50.70
CA ILE B 25 -8.41 8.94 -50.18
C ILE B 25 -8.39 10.46 -50.30
N THR B 26 -7.90 11.12 -49.25
CA THR B 26 -7.68 12.56 -49.26
C THR B 26 -6.44 12.87 -48.44
N ILE B 27 -5.58 13.74 -48.98
CA ILE B 27 -4.29 14.04 -48.38
C ILE B 27 -4.19 15.53 -48.14
N LEU B 28 -3.81 15.91 -46.92
CA LEU B 28 -3.61 17.31 -46.55
C LEU B 28 -2.12 17.59 -46.55
N VAL B 29 -1.69 18.54 -47.37
CA VAL B 29 -0.28 18.87 -47.55
C VAL B 29 -0.08 20.33 -47.17
N ALA B 30 0.81 20.58 -46.22
CA ALA B 30 1.04 21.91 -45.70
C ALA B 30 2.29 21.88 -44.81
N PRO B 31 2.95 23.03 -44.61
CA PRO B 31 4.09 23.08 -43.68
C PRO B 31 3.65 23.10 -42.21
N ASN B 32 4.61 23.28 -41.31
CA ASN B 32 4.32 23.36 -39.90
C ASN B 32 3.49 24.60 -39.57
N GLY B 33 2.68 24.50 -38.52
CA GLY B 33 1.81 25.60 -38.14
C GLY B 33 0.74 25.93 -39.16
N ALA B 34 0.12 24.90 -39.74
CA ALA B 34 -0.90 25.10 -40.76
C ALA B 34 -2.27 24.56 -40.39
N GLY B 35 -2.34 23.60 -39.47
CA GLY B 35 -3.63 23.15 -38.99
C GLY B 35 -4.09 21.80 -39.50
N LYS B 36 -3.18 20.83 -39.57
CA LYS B 36 -3.56 19.49 -39.99
C LYS B 36 -4.04 18.63 -38.83
N THR B 37 -3.26 18.59 -37.75
CA THR B 37 -3.73 17.96 -36.52
C THR B 37 -4.99 18.64 -36.00
N THR B 38 -5.15 19.94 -36.29
CA THR B 38 -6.38 20.64 -35.95
C THR B 38 -7.58 20.01 -36.63
N VAL B 39 -7.47 19.76 -37.94
CA VAL B 39 -8.57 19.16 -38.68
C VAL B 39 -8.81 17.72 -38.22
N LEU B 40 -7.74 16.98 -37.95
CA LEU B 40 -7.92 15.60 -37.47
C LEU B 40 -8.62 15.57 -36.12
N ASP B 41 -8.25 16.47 -35.21
CA ASP B 41 -8.92 16.55 -33.91
C ASP B 41 -10.38 16.96 -34.08
N ALA B 42 -10.65 17.87 -35.01
CA ALA B 42 -12.03 18.25 -35.27
C ALA B 42 -12.86 17.06 -35.73
N VAL B 43 -12.32 16.26 -36.64
CA VAL B 43 -13.06 15.09 -37.12
C VAL B 43 -13.24 14.07 -35.99
N ARG B 44 -12.22 13.90 -35.15
CA ARG B 44 -12.34 12.98 -34.03
C ARG B 44 -13.44 13.41 -33.06
N LEU B 45 -13.49 14.71 -32.74
CA LEU B 45 -14.54 15.22 -31.86
C LEU B 45 -15.92 15.07 -32.50
N ALA B 46 -16.01 15.26 -33.82
CA ALA B 46 -17.28 15.10 -34.50
C ALA B 46 -17.75 13.64 -34.46
N LEU B 47 -16.82 12.69 -34.56
CA LEU B 47 -17.17 11.28 -34.62
C LEU B 47 -17.31 10.63 -33.25
N PHE B 48 -16.91 11.30 -32.17
CA PHE B 48 -16.99 10.69 -30.85
C PHE B 48 -18.37 10.17 -30.43
N PRO B 49 -19.49 10.87 -30.68
CA PRO B 49 -20.78 10.40 -30.13
C PRO B 49 -21.13 8.95 -30.45
N PHE B 50 -20.84 8.50 -31.67
CA PHE B 50 -21.15 7.13 -32.05
C PHE B 50 -20.47 6.13 -31.12
N ILE B 51 -19.20 6.38 -30.79
CA ILE B 51 -18.51 5.54 -29.83
C ILE B 51 -19.08 5.74 -28.44
N ARG B 52 -19.47 6.97 -28.11
CA ARG B 52 -20.06 7.25 -26.80
C ARG B 52 -21.34 6.47 -26.59
N GLY B 53 -21.96 5.99 -27.65
CA GLY B 53 -23.11 5.11 -27.49
C GLY B 53 -22.80 3.68 -27.12
N PHE B 54 -21.53 3.31 -26.99
CA PHE B 54 -21.13 1.93 -26.72
C PHE B 54 -20.58 1.81 -25.30
N ASP B 55 -20.74 0.62 -24.72
CA ASP B 55 -20.27 0.38 -23.36
C ASP B 55 -18.75 0.35 -23.25
N ALA B 56 -18.03 0.29 -24.36
CA ALA B 56 -16.58 0.30 -24.35
C ALA B 56 -16.00 1.69 -24.15
N SER B 57 -16.84 2.73 -24.11
CA SER B 57 -16.40 4.10 -23.95
C SER B 57 -16.46 4.58 -22.50
N LEU B 58 -16.75 3.70 -21.55
CA LEU B 58 -16.80 4.08 -20.15
C LEU B 58 -15.43 4.09 -19.49
N TYR B 59 -14.42 3.52 -20.13
CA TYR B 59 -13.08 3.43 -19.58
C TYR B 59 -12.12 4.42 -20.24
N VAL B 60 -12.64 5.42 -20.92
CA VAL B 60 -11.80 6.39 -21.62
C VAL B 60 -11.25 7.38 -20.61
N LYS B 61 -9.92 7.48 -20.56
CA LYS B 61 -9.23 8.39 -19.65
C LYS B 61 -8.56 9.54 -20.40
N ASP B 62 -9.05 9.89 -21.57
CA ASP B 62 -8.45 10.94 -22.39
C ASP B 62 -9.19 12.25 -22.14
N LYS B 63 -8.45 13.30 -21.84
CA LYS B 63 -9.01 14.62 -21.61
C LYS B 63 -9.12 15.46 -22.87
N SER B 64 -8.69 14.92 -24.01
CA SER B 64 -8.67 15.67 -25.26
C SER B 64 -9.88 15.39 -26.14
N LEU B 65 -10.83 14.59 -25.66
CA LEU B 65 -12.01 14.24 -26.45
C LEU B 65 -13.19 15.17 -26.20
N ALA B 66 -13.01 16.22 -25.42
CA ALA B 66 -13.99 17.28 -25.28
C ALA B 66 -13.34 18.61 -25.63
N ILE B 67 -14.11 19.52 -26.21
CA ILE B 67 -13.59 20.84 -26.53
C ILE B 67 -13.20 21.54 -25.24
N ARG B 68 -11.99 22.10 -25.23
CA ARG B 68 -11.43 22.70 -24.04
C ARG B 68 -11.21 24.20 -24.26
N THR B 69 -10.99 24.91 -23.15
CA THR B 69 -10.73 26.34 -23.24
C THR B 69 -9.46 26.65 -24.00
N GLU B 70 -8.52 25.70 -24.06
CA GLU B 70 -7.31 25.87 -24.84
C GLU B 70 -7.56 25.82 -26.34
N ASP B 71 -8.73 25.36 -26.78
CA ASP B 71 -9.05 25.29 -28.19
C ASP B 71 -9.71 26.55 -28.72
N LEU B 72 -10.08 27.48 -27.85
CA LEU B 72 -10.69 28.73 -28.29
C LEU B 72 -9.62 29.66 -28.85
N ARG B 73 -9.95 30.34 -29.94
CA ARG B 73 -8.96 31.12 -30.65
C ARG B 73 -8.52 32.32 -29.82
N LEU B 74 -7.22 32.61 -29.89
CA LEU B 74 -6.63 33.76 -29.20
C LEU B 74 -6.16 34.76 -30.25
N ILE B 75 -6.66 35.98 -30.18
CA ILE B 75 -6.29 37.04 -31.10
C ILE B 75 -5.29 37.95 -30.40
N TYR B 76 -4.19 38.24 -31.08
CA TYR B 76 -3.12 39.08 -30.54
C TYR B 76 -3.36 40.52 -30.96
N ARG B 77 -3.68 41.37 -29.99
CA ARG B 77 -3.84 42.81 -30.22
C ARG B 77 -2.46 43.44 -30.01
N GLN B 78 -1.87 43.93 -31.10
CA GLN B 78 -0.51 44.46 -31.04
C GLN B 78 -0.47 45.79 -30.30
N GLU B 79 -1.48 46.64 -30.52
CA GLU B 79 -1.49 47.96 -29.89
C GLU B 79 -1.53 47.85 -28.38
N ALA B 80 -2.35 46.93 -27.85
CA ALA B 80 -2.43 46.71 -26.42
C ALA B 80 -1.48 45.63 -25.93
N LEU B 81 -0.80 44.93 -26.83
CA LEU B 81 0.07 43.80 -26.48
C LEU B 81 -0.69 42.78 -25.63
N ASN B 82 -1.89 42.42 -26.10
CA ASN B 82 -2.80 41.61 -25.31
C ASN B 82 -3.27 40.41 -26.11
N MET B 83 -3.78 39.41 -25.40
CA MET B 83 -4.40 38.23 -25.98
C MET B 83 -5.88 38.20 -25.60
N GLU B 84 -6.75 38.13 -26.60
CA GLU B 84 -8.19 38.08 -26.35
C GLU B 84 -8.74 36.74 -26.80
N MET B 85 -9.59 36.15 -25.97
CA MET B 85 -10.19 34.85 -26.26
C MET B 85 -11.50 35.06 -26.99
N SER B 86 -11.57 34.60 -28.23
CA SER B 86 -12.77 34.76 -29.06
C SER B 86 -13.67 33.55 -28.87
N SER B 87 -14.96 33.81 -28.73
CA SER B 87 -15.97 32.79 -28.48
C SER B 87 -17.13 32.98 -29.45
N PRO B 88 -17.85 31.91 -29.78
CA PRO B 88 -17.67 30.52 -29.36
C PRO B 88 -16.86 29.68 -30.34
N ALA B 89 -16.51 28.46 -29.96
CA ALA B 89 -15.87 27.51 -30.85
C ALA B 89 -16.88 26.50 -31.33
N LYS B 90 -17.00 26.34 -32.65
CA LYS B 90 -18.01 25.49 -33.27
C LYS B 90 -17.36 24.50 -34.22
N ILE B 91 -17.99 23.35 -34.37
CA ILE B 91 -17.54 22.27 -35.25
C ILE B 91 -18.77 21.67 -35.92
N THR B 92 -18.89 21.85 -37.23
CA THR B 92 -20.03 21.34 -37.99
C THR B 92 -19.57 20.23 -38.93
N ALA B 93 -20.35 19.15 -39.00
CA ALA B 93 -19.97 17.98 -39.79
C ALA B 93 -21.18 17.46 -40.54
N THR B 94 -20.99 17.23 -41.84
CA THR B 94 -22.01 16.67 -42.71
C THR B 94 -21.60 15.28 -43.16
N GLY B 95 -22.54 14.35 -43.14
CA GLY B 95 -22.18 12.98 -43.47
C GLY B 95 -23.40 12.11 -43.71
N GLU B 96 -23.12 10.80 -43.79
CA GLU B 96 -24.13 9.78 -44.06
C GLU B 96 -23.87 8.59 -43.14
N TRP B 97 -24.93 8.09 -42.49
CA TRP B 97 -24.81 6.95 -41.59
C TRP B 97 -25.24 5.65 -42.25
N ALA B 98 -26.48 5.57 -42.72
CA ALA B 98 -27.04 4.39 -43.36
C ALA B 98 -27.43 4.75 -44.80
N SER B 99 -28.10 3.82 -45.48
CA SER B 99 -28.46 4.02 -46.87
C SER B 99 -29.49 5.14 -46.99
N GLY B 100 -29.20 6.10 -47.87
CA GLY B 100 -30.11 7.20 -48.15
C GLY B 100 -30.45 8.05 -46.94
N LYS B 101 -29.43 8.42 -46.15
CA LYS B 101 -29.64 9.20 -44.92
C LYS B 101 -28.52 10.21 -44.80
N THR B 102 -28.81 11.46 -45.14
CA THR B 102 -27.86 12.55 -44.97
C THR B 102 -28.14 13.29 -43.67
N ALA B 103 -27.07 13.69 -42.99
CA ALA B 103 -27.20 14.32 -41.68
C ALA B 103 -26.14 15.38 -41.52
N THR B 104 -26.42 16.33 -40.63
CA THR B 104 -25.45 17.37 -40.25
C THR B 104 -25.56 17.59 -38.74
N TRP B 105 -24.42 17.57 -38.05
CA TRP B 105 -24.41 17.72 -36.61
C TRP B 105 -23.32 18.69 -36.18
N MET B 106 -23.56 19.36 -35.05
CA MET B 106 -22.76 20.49 -34.61
C MET B 106 -22.34 20.31 -33.15
N LEU B 107 -21.14 20.79 -32.85
CA LEU B 107 -20.58 20.81 -31.50
C LEU B 107 -20.16 22.23 -31.19
N ASP B 108 -20.25 22.62 -29.92
CA ASP B 108 -19.98 24.00 -29.54
C ASP B 108 -19.40 24.07 -28.15
N LYS B 109 -18.66 25.14 -27.89
CA LYS B 109 -18.23 25.50 -26.55
C LYS B 109 -18.07 27.01 -26.48
N ARG B 110 -18.63 27.62 -25.43
CA ARG B 110 -18.60 29.06 -25.24
C ARG B 110 -18.04 29.38 -23.86
N GLY B 111 -17.03 30.23 -23.82
CA GLY B 111 -16.42 30.61 -22.56
C GLY B 111 -15.85 29.40 -21.84
N GLU B 112 -16.04 29.37 -20.53
CA GLU B 112 -15.63 28.24 -19.70
C GLU B 112 -16.79 27.32 -19.37
N GLN B 113 -17.96 27.54 -19.97
CA GLN B 113 -19.09 26.66 -19.78
C GLN B 113 -18.84 25.31 -20.43
N PRO B 114 -19.48 24.25 -19.95
CA PRO B 114 -19.27 22.92 -20.53
C PRO B 114 -19.75 22.85 -21.96
N PRO B 115 -19.19 21.96 -22.77
CA PRO B 115 -19.58 21.88 -24.18
C PRO B 115 -21.01 21.38 -24.37
N HIS B 116 -21.54 21.66 -25.55
CA HIS B 116 -22.94 21.38 -25.86
C HIS B 116 -23.02 20.72 -27.24
N GLU B 117 -24.12 19.99 -27.46
CA GLU B 117 -24.35 19.30 -28.72
C GLU B 117 -25.84 19.32 -29.02
N ASP B 118 -26.18 19.09 -30.29
CA ASP B 118 -27.54 19.18 -30.77
C ASP B 118 -28.19 17.80 -30.82
N LYS B 119 -29.42 17.76 -31.36
CA LYS B 119 -30.18 16.51 -31.43
C LYS B 119 -29.53 15.50 -32.38
N MET B 120 -29.02 15.97 -33.52
CA MET B 120 -28.40 15.06 -34.47
C MET B 120 -27.13 14.43 -33.91
N ALA B 121 -26.52 15.04 -32.90
CA ALA B 121 -25.41 14.40 -32.21
C ALA B 121 -25.90 13.30 -31.28
N ALA B 122 -27.10 13.46 -30.71
CA ALA B 122 -27.66 12.43 -29.83
C ALA B 122 -28.21 11.25 -30.62
N GLN B 123 -28.66 11.47 -31.86
CA GLN B 123 -29.14 10.36 -32.66
C GLN B 123 -28.02 9.37 -33.00
N LEU B 124 -26.79 9.86 -33.15
CA LEU B 124 -25.67 8.94 -33.35
C LEU B 124 -25.47 8.04 -32.13
N THR B 125 -25.57 8.62 -30.93
CA THR B 125 -25.48 7.82 -29.71
C THR B 125 -26.59 6.79 -29.65
N ARG B 126 -27.82 7.20 -30.03
CA ARG B 126 -28.94 6.27 -30.03
C ARG B 126 -28.72 5.15 -31.03
N TRP B 127 -28.16 5.46 -32.20
CA TRP B 127 -27.87 4.42 -33.19
C TRP B 127 -26.80 3.46 -32.69
N GLY B 128 -25.79 3.98 -32.00
CA GLY B 128 -24.80 3.10 -31.39
C GLY B 128 -25.40 2.18 -30.36
N GLU B 129 -26.31 2.71 -29.53
CA GLU B 129 -27.01 1.86 -28.56
C GLU B 129 -27.84 0.79 -29.27
N GLN B 130 -28.52 1.15 -30.35
CA GLN B 130 -29.31 0.19 -31.10
C GLN B 130 -28.44 -0.92 -31.68
N LEU B 131 -27.30 -0.56 -32.26
CA LEU B 131 -26.39 -1.56 -32.80
C LEU B 131 -25.87 -2.47 -31.70
N GLN B 132 -25.51 -1.90 -30.56
CA GLN B 132 -25.04 -2.73 -29.44
C GLN B 132 -26.12 -3.70 -28.98
N LYS B 133 -27.37 -3.24 -28.92
CA LYS B 133 -28.47 -4.13 -28.57
C LYS B 133 -28.62 -5.26 -29.58
N ARG B 134 -28.48 -4.95 -30.87
CA ARG B 134 -28.62 -5.98 -31.88
C ARG B 134 -27.44 -6.94 -31.92
N VAL B 135 -26.27 -6.54 -31.40
CA VAL B 135 -25.14 -7.47 -31.36
C VAL B 135 -25.25 -8.46 -30.21
N ARG B 136 -25.94 -8.10 -29.12
CA ARG B 136 -26.05 -8.92 -27.93
C ARG B 136 -27.33 -9.74 -27.89
N GLU B 137 -27.79 -10.23 -29.04
CA GLU B 137 -29.04 -10.97 -29.13
C GLU B 137 -28.77 -12.42 -29.48
N GLU B 138 -29.57 -13.32 -28.91
CA GLU B 138 -29.49 -14.73 -29.23
C GLU B 138 -30.58 -15.10 -30.21
N HIS B 139 -30.25 -16.03 -31.11
CA HIS B 139 -31.19 -16.51 -32.13
C HIS B 139 -31.72 -15.36 -32.99
N SER B 140 -30.80 -14.71 -33.69
CA SER B 140 -31.13 -13.66 -34.63
C SER B 140 -30.87 -14.17 -36.05
N LEU B 141 -31.91 -14.13 -36.88
CA LEU B 141 -31.77 -14.59 -38.26
C LEU B 141 -30.97 -13.61 -39.10
N GLN B 142 -31.24 -12.32 -38.94
CA GLN B 142 -30.54 -11.30 -39.71
C GLN B 142 -29.16 -11.03 -39.14
N GLN B 143 -28.21 -10.74 -40.02
CA GLN B 143 -26.84 -10.41 -39.61
C GLN B 143 -26.72 -8.91 -39.38
N VAL B 144 -25.71 -8.54 -38.60
CA VAL B 144 -25.42 -7.15 -38.27
C VAL B 144 -24.01 -6.82 -38.76
N GLU B 145 -23.89 -5.74 -39.51
CA GLU B 145 -22.60 -5.29 -40.05
C GLU B 145 -22.17 -4.03 -39.31
N LEU B 146 -21.05 -4.11 -38.61
CA LEU B 146 -20.57 -2.99 -37.81
C LEU B 146 -19.52 -2.20 -38.58
N PRO B 147 -19.51 -0.88 -38.42
CA PRO B 147 -18.50 -0.05 -39.08
C PRO B 147 -17.25 0.12 -38.23
N LEU B 148 -16.18 0.51 -38.89
CA LEU B 148 -14.87 0.67 -38.26
C LEU B 148 -14.51 2.13 -38.17
N MET B 149 -14.13 2.57 -36.97
CA MET B 149 -13.67 3.93 -36.72
C MET B 149 -12.36 3.87 -35.96
N LEU B 150 -11.35 4.59 -36.43
CA LEU B 150 -10.02 4.49 -35.86
C LEU B 150 -9.31 5.83 -35.98
N TYR B 151 -8.40 6.08 -35.04
CA TYR B 151 -7.56 7.27 -35.05
C TYR B 151 -6.14 6.85 -34.72
N LEU B 152 -5.21 7.11 -35.64
CA LEU B 152 -3.80 6.73 -35.49
C LEU B 152 -2.96 8.00 -35.48
N GLY B 153 -2.76 8.57 -34.30
CA GLY B 153 -2.00 9.80 -34.15
C GLY B 153 -0.54 9.55 -33.86
N THR B 154 0.13 10.60 -33.39
CA THR B 154 1.56 10.54 -33.09
C THR B 154 1.86 9.67 -31.87
N ALA B 155 0.86 9.34 -31.07
CA ALA B 155 1.08 8.48 -29.91
C ALA B 155 1.22 7.01 -30.26
N ARG B 156 1.05 6.65 -31.53
CA ARG B 156 1.17 5.27 -31.97
C ARG B 156 2.61 4.84 -32.14
N LEU B 157 3.57 5.75 -32.02
CA LEU B 157 4.96 5.45 -32.35
C LEU B 157 5.52 4.36 -31.46
N TRP B 158 6.41 3.57 -32.03
CA TRP B 158 7.15 2.52 -31.33
C TRP B 158 8.61 2.96 -31.27
N TYR B 159 8.96 3.73 -30.25
CA TYR B 159 10.31 4.22 -30.09
C TYR B 159 11.16 3.18 -29.36
N GLN B 160 12.43 3.52 -29.15
CA GLN B 160 13.39 2.55 -28.64
C GLN B 160 13.03 2.11 -27.23
N GLU B 161 12.99 0.80 -27.03
CA GLU B 161 12.77 0.18 -25.71
C GLU B 161 11.45 0.62 -25.07
N ARG B 162 10.44 0.91 -25.90
CA ARG B 162 9.14 1.24 -25.34
C ARG B 162 8.52 0.04 -24.64
N TYR B 163 8.47 -1.10 -25.33
CA TYR B 163 8.06 -2.39 -24.76
C TYR B 163 6.77 -2.24 -23.96
N GLU B 164 5.70 -1.90 -24.68
CA GLU B 164 4.40 -1.60 -24.07
C GLU B 164 3.95 -2.66 -23.06
N ARG B 171 -5.14 -15.56 -20.11
CA ARG B 171 -5.17 -14.50 -19.11
C ARG B 171 -5.94 -13.29 -19.63
N LEU B 172 -6.53 -13.43 -20.81
CA LEU B 172 -7.37 -12.37 -21.35
C LEU B 172 -8.64 -12.21 -20.55
N ASP B 173 -9.10 -10.97 -20.44
CA ASP B 173 -10.39 -10.71 -19.80
C ASP B 173 -11.51 -11.22 -20.69
N ASN B 174 -12.66 -11.49 -20.06
CA ASN B 174 -13.78 -12.05 -20.80
C ASN B 174 -14.36 -11.05 -21.80
N SER B 175 -14.04 -9.76 -21.65
CA SER B 175 -14.51 -8.74 -22.59
C SER B 175 -13.64 -8.66 -23.85
N ALA B 176 -12.45 -9.25 -23.83
CA ALA B 176 -11.59 -9.22 -25.00
C ALA B 176 -12.07 -10.14 -26.11
N PHE B 177 -13.07 -10.98 -25.85
CA PHE B 177 -13.60 -11.91 -26.83
C PHE B 177 -14.85 -11.40 -27.52
N SER B 178 -15.28 -10.19 -27.24
CA SER B 178 -16.51 -9.65 -27.81
C SER B 178 -16.22 -8.86 -29.09
N ARG B 179 -17.26 -8.72 -29.91
CA ARG B 179 -17.14 -7.86 -31.08
C ARG B 179 -16.90 -6.42 -30.69
N LEU B 180 -17.61 -5.93 -29.67
CA LEU B 180 -17.52 -4.52 -29.30
C LEU B 180 -16.14 -4.15 -28.78
N SER B 181 -15.29 -5.12 -28.48
CA SER B 181 -13.91 -4.83 -28.10
C SER B 181 -13.11 -4.24 -29.25
N GLY B 182 -13.65 -4.27 -30.46
CA GLY B 182 -13.04 -3.52 -31.55
C GLY B 182 -13.16 -2.02 -31.40
N TYR B 183 -13.92 -1.55 -30.42
CA TYR B 183 -14.09 -0.13 -30.16
C TYR B 183 -13.33 0.34 -28.92
N ASP B 184 -12.42 -0.47 -28.39
CA ASP B 184 -11.66 -0.11 -27.21
C ASP B 184 -10.53 0.84 -27.59
N ASP B 185 -10.57 2.06 -27.03
CA ASP B 185 -9.56 3.09 -27.29
C ASP B 185 -9.42 3.36 -28.78
N CYS B 186 -10.54 3.41 -29.48
CA CYS B 186 -10.51 3.61 -30.93
C CYS B 186 -10.14 5.04 -31.29
N LEU B 187 -10.75 6.01 -30.61
CA LEU B 187 -10.54 7.42 -30.90
C LEU B 187 -9.74 8.11 -29.79
N SER B 188 -8.74 7.42 -29.26
CA SER B 188 -7.94 7.93 -28.16
C SER B 188 -6.49 8.03 -28.59
N ALA B 189 -5.78 9.01 -28.01
CA ALA B 189 -4.36 9.23 -28.29
C ALA B 189 -3.53 8.29 -27.43
N THR B 190 -3.57 7.01 -27.78
CA THR B 190 -2.87 5.97 -27.03
C THR B 190 -2.33 4.93 -28.00
N SER B 191 -1.44 4.08 -27.48
CA SER B 191 -0.92 2.95 -28.24
C SER B 191 -1.69 1.68 -27.89
N ASN B 192 -2.03 0.90 -28.91
CA ASN B 192 -2.87 -0.28 -28.76
C ASN B 192 -2.17 -1.55 -29.21
N TYR B 193 -0.86 -1.65 -28.99
CA TYR B 193 -0.11 -2.81 -29.45
C TYR B 193 -0.30 -4.03 -28.55
N LYS B 194 -0.48 -3.81 -27.25
CA LYS B 194 -0.62 -4.93 -26.33
C LYS B 194 -1.89 -5.74 -26.60
N GLN B 195 -2.98 -5.07 -26.92
CA GLN B 195 -4.22 -5.78 -27.25
C GLN B 195 -4.01 -6.70 -28.45
N PHE B 196 -3.37 -6.18 -29.50
CA PHE B 196 -3.11 -6.99 -30.68
C PHE B 196 -2.19 -8.15 -30.35
N GLU B 197 -1.15 -7.91 -29.56
CA GLU B 197 -0.22 -8.97 -29.17
C GLU B 197 -0.97 -10.08 -28.45
N GLN B 198 -1.81 -9.73 -27.48
CA GLN B 198 -2.52 -10.75 -26.70
C GLN B 198 -3.50 -11.53 -27.57
N TRP B 199 -4.29 -10.83 -28.38
CA TRP B 199 -5.26 -11.52 -29.22
C TRP B 199 -4.57 -12.45 -30.22
N TYR B 200 -3.48 -11.98 -30.83
CA TYR B 200 -2.79 -12.76 -31.84
C TYR B 200 -2.12 -13.99 -31.22
N SER B 201 -1.51 -13.82 -30.05
CA SER B 201 -0.92 -14.96 -29.35
C SER B 201 -1.97 -15.99 -28.98
N TRP B 202 -3.14 -15.54 -28.51
CA TRP B 202 -4.22 -16.48 -28.20
C TRP B 202 -4.65 -17.25 -29.44
N LEU B 203 -4.81 -16.55 -30.57
CA LEU B 203 -5.19 -17.22 -31.81
C LEU B 203 -4.18 -18.30 -32.18
N TRP B 204 -2.89 -17.96 -32.14
CA TRP B 204 -1.87 -18.93 -32.55
C TRP B 204 -1.81 -20.11 -31.60
N LEU B 205 -1.92 -19.86 -30.30
CA LEU B 205 -1.90 -20.95 -29.33
C LEU B 205 -3.07 -21.91 -29.55
N SER B 206 -4.27 -21.36 -29.80
CA SER B 206 -5.42 -22.22 -30.04
C SER B 206 -5.23 -23.03 -31.32
N TYR B 207 -4.73 -22.41 -32.38
CA TYR B 207 -4.51 -23.13 -33.63
C TYR B 207 -3.53 -24.27 -33.43
N ARG B 208 -2.44 -24.03 -32.71
CA ARG B 208 -1.47 -25.09 -32.46
C ARG B 208 -2.08 -26.20 -31.60
N GLU B 209 -2.86 -25.84 -30.59
CA GLU B 209 -3.53 -26.86 -29.78
C GLU B 209 -4.36 -27.79 -30.66
N HIS B 210 -5.13 -27.21 -31.58
CA HIS B 210 -5.91 -28.02 -32.49
C HIS B 210 -5.01 -28.88 -33.38
N GLN B 211 -3.85 -28.34 -33.79
CA GLN B 211 -2.95 -29.09 -34.65
C GLN B 211 -2.44 -30.35 -33.95
N ILE B 212 -1.90 -30.21 -32.73
CA ILE B 212 -1.44 -31.40 -32.00
C ILE B 212 -2.59 -32.34 -31.71
N THR B 213 -3.76 -31.81 -31.34
CA THR B 213 -4.88 -32.69 -31.05
C THR B 213 -5.26 -33.53 -32.26
N GLN B 214 -5.29 -32.92 -33.45
CA GLN B 214 -5.60 -33.66 -34.67
C GLN B 214 -4.50 -34.68 -34.97
N LEU B 215 -3.24 -34.31 -34.79
CA LEU B 215 -2.14 -35.22 -35.11
C LEU B 215 -2.12 -36.43 -34.18
N GLU B 216 -2.54 -36.26 -32.91
CA GLU B 216 -2.50 -37.38 -31.97
C GLU B 216 -3.45 -38.49 -32.38
N SER B 217 -4.71 -38.16 -32.66
CA SER B 217 -5.74 -39.14 -32.97
C SER B 217 -6.44 -38.73 -34.27
N PRO B 218 -5.93 -39.18 -35.42
CA PRO B 218 -6.58 -38.85 -36.69
C PRO B 218 -8.00 -39.40 -36.75
N SER B 219 -8.88 -38.64 -37.37
CA SER B 219 -10.28 -39.04 -37.51
C SER B 219 -10.45 -40.01 -38.68
N GLU B 224 -15.51 -29.37 -34.02
CA GLU B 224 -14.06 -29.35 -33.91
C GLU B 224 -13.43 -28.90 -35.22
N GLY B 225 -14.06 -29.29 -36.34
CA GLY B 225 -13.53 -28.97 -37.65
C GLY B 225 -13.85 -27.58 -38.15
N VAL B 226 -14.74 -26.85 -37.49
CA VAL B 226 -15.12 -25.52 -37.93
C VAL B 226 -14.28 -24.44 -37.25
N ARG B 227 -14.00 -24.62 -35.96
CA ARG B 227 -13.27 -23.60 -35.21
C ARG B 227 -11.84 -23.47 -35.70
N VAL B 228 -11.21 -24.60 -36.07
CA VAL B 228 -9.88 -24.55 -36.66
C VAL B 228 -9.89 -23.77 -37.96
N GLN B 229 -10.92 -23.98 -38.77
CA GLN B 229 -11.04 -23.24 -40.03
C GLN B 229 -11.19 -21.74 -39.77
N ARG B 230 -12.00 -21.38 -38.78
CA ARG B 230 -12.18 -19.95 -38.47
C ARG B 230 -10.86 -19.33 -38.03
N MET B 231 -10.10 -20.01 -37.17
CA MET B 231 -8.83 -19.49 -36.72
C MET B 231 -7.84 -19.35 -37.87
N LYS B 232 -7.77 -20.37 -38.72
CA LYS B 232 -6.87 -20.31 -39.88
C LYS B 232 -7.21 -19.14 -40.78
N GLU B 233 -8.51 -18.91 -41.02
CA GLU B 233 -8.92 -17.82 -41.88
C GLU B 233 -8.56 -16.46 -41.29
N ALA B 234 -8.76 -16.29 -39.97
CA ALA B 234 -8.39 -15.03 -39.35
C ALA B 234 -6.89 -14.76 -39.46
N ILE B 235 -6.09 -15.80 -39.20
CA ILE B 235 -4.63 -15.64 -39.31
C ILE B 235 -4.24 -15.27 -40.73
N GLN B 236 -4.84 -15.94 -41.72
CA GLN B 236 -4.52 -15.66 -43.11
C GLN B 236 -4.89 -14.23 -43.48
N ALA B 237 -6.04 -13.75 -43.00
CA ALA B 237 -6.45 -12.37 -43.31
C ALA B 237 -5.45 -11.36 -42.76
N ILE B 238 -5.06 -11.51 -41.49
CA ILE B 238 -4.11 -10.55 -40.90
C ILE B 238 -2.77 -10.60 -41.62
N GLN B 239 -2.29 -11.82 -41.92
CA GLN B 239 -1.00 -11.96 -42.59
C GLN B 239 -1.01 -11.32 -43.97
N GLN B 240 -2.08 -11.53 -44.73
CA GLN B 240 -2.18 -10.92 -46.05
C GLN B 240 -2.22 -9.40 -45.95
N ALA B 241 -2.95 -8.87 -44.97
CA ALA B 241 -3.01 -7.43 -44.80
C ALA B 241 -1.63 -6.84 -44.55
N ILE B 242 -0.82 -7.49 -43.71
CA ILE B 242 0.52 -6.97 -43.45
C ILE B 242 1.43 -7.15 -44.68
N ASN B 243 1.29 -8.29 -45.37
CA ASN B 243 2.12 -8.55 -46.55
C ASN B 243 1.89 -7.50 -47.62
N CYS B 244 0.66 -6.99 -47.73
CA CYS B 244 0.36 -6.02 -48.78
C CYS B 244 1.20 -4.75 -48.65
N LEU B 245 1.80 -4.50 -47.48
CA LEU B 245 2.62 -3.32 -47.29
C LEU B 245 4.09 -3.62 -47.07
N THR B 246 4.43 -4.69 -46.34
CA THR B 246 5.84 -4.86 -45.97
C THR B 246 6.66 -5.63 -47.00
N GLN B 247 6.05 -6.55 -47.75
CA GLN B 247 6.83 -7.54 -48.48
C GLN B 247 7.57 -6.94 -49.67
N GLN B 248 6.89 -6.15 -50.49
CA GLN B 248 7.45 -5.78 -51.80
C GLN B 248 8.68 -4.87 -51.66
N VAL B 249 8.70 -4.00 -50.66
CA VAL B 249 9.76 -3.01 -50.54
C VAL B 249 10.91 -3.53 -49.67
N THR B 250 10.60 -4.23 -48.57
CA THR B 250 11.61 -4.65 -47.63
C THR B 250 11.94 -6.14 -47.75
N GLY B 251 10.95 -7.02 -47.63
CA GLY B 251 11.19 -8.44 -47.74
C GLY B 251 10.57 -9.27 -46.63
N TRP B 252 10.27 -8.65 -45.50
CA TRP B 252 9.69 -9.36 -44.37
C TRP B 252 8.19 -9.49 -44.57
N HIS B 253 7.68 -10.72 -44.56
CA HIS B 253 6.26 -10.94 -44.84
C HIS B 253 5.48 -11.54 -43.67
N ASP B 254 5.83 -12.73 -43.20
CA ASP B 254 4.92 -13.49 -42.34
C ASP B 254 5.13 -13.14 -40.88
N LEU B 255 4.07 -12.68 -40.23
CA LEU B 255 4.07 -12.38 -38.80
C LEU B 255 3.48 -13.58 -38.07
N GLU B 256 4.30 -14.26 -37.27
CA GLU B 256 3.88 -15.47 -36.60
C GLU B 256 4.22 -15.39 -35.12
N TYR B 257 3.60 -16.27 -34.35
CA TYR B 257 3.93 -16.46 -32.95
C TYR B 257 4.91 -17.62 -32.83
N SER B 258 5.97 -17.45 -32.06
CA SER B 258 6.99 -18.47 -31.93
C SER B 258 7.29 -18.71 -30.46
N ALA B 259 7.27 -19.98 -30.06
CA ALA B 259 7.69 -20.39 -28.73
C ALA B 259 9.17 -20.69 -28.65
N SER B 260 9.80 -21.02 -29.78
CA SER B 260 11.24 -21.26 -29.78
C SER B 260 12.03 -19.99 -29.53
N HIS B 261 11.43 -18.83 -29.85
CA HIS B 261 12.09 -17.54 -29.69
C HIS B 261 11.64 -16.81 -28.43
N ASN B 262 11.44 -17.56 -27.34
CA ASN B 262 11.03 -17.01 -26.04
C ASN B 262 9.62 -16.42 -26.12
N GLN B 263 8.74 -17.06 -26.89
CA GLN B 263 7.33 -16.71 -26.96
C GLN B 263 7.15 -15.26 -27.41
N GLN B 264 7.56 -15.02 -28.66
CA GLN B 264 7.54 -13.68 -29.23
C GLN B 264 6.95 -13.73 -30.63
N LEU B 265 6.63 -12.55 -31.16
CA LEU B 265 6.14 -12.43 -32.53
C LEU B 265 7.32 -12.20 -33.46
N VAL B 266 7.39 -12.99 -34.53
CA VAL B 266 8.56 -13.06 -35.40
C VAL B 266 8.15 -12.85 -36.85
N MET B 267 9.12 -12.44 -37.66
CA MET B 267 8.95 -12.26 -39.09
C MET B 267 10.13 -12.88 -39.82
N SER B 268 9.89 -13.24 -41.09
CA SER B 268 10.85 -14.00 -41.89
C SER B 268 11.23 -13.24 -43.15
N HIS B 269 12.44 -13.50 -43.63
CA HIS B 269 13.03 -12.86 -44.79
C HIS B 269 13.64 -13.92 -45.71
N PRO B 270 13.56 -13.73 -47.02
CA PRO B 270 14.16 -14.72 -47.94
C PRO B 270 15.66 -14.88 -47.78
N GLN B 271 16.39 -13.81 -47.49
CA GLN B 271 17.84 -13.87 -47.38
C GLN B 271 18.33 -13.97 -45.93
N TYR B 272 17.78 -13.15 -45.05
CA TYR B 272 18.06 -13.27 -43.62
C TYR B 272 17.17 -14.36 -43.05
N GLY B 273 17.12 -14.47 -41.73
CA GLY B 273 16.38 -15.55 -41.12
C GLY B 273 15.03 -15.17 -40.57
N LYS B 274 14.77 -15.59 -39.33
CA LYS B 274 13.52 -15.34 -38.63
C LYS B 274 13.83 -14.56 -37.37
N ILE B 275 13.34 -13.32 -37.29
CA ILE B 275 13.77 -12.39 -36.25
C ILE B 275 12.54 -11.83 -35.54
N PRO B 276 12.61 -11.61 -34.22
CA PRO B 276 11.49 -10.98 -33.53
C PRO B 276 11.19 -9.58 -34.05
N LEU B 277 9.92 -9.19 -33.95
CA LEU B 277 9.49 -7.89 -34.44
C LEU B 277 10.13 -6.74 -33.70
N SER B 278 10.53 -6.93 -32.45
CA SER B 278 11.09 -5.87 -31.62
C SER B 278 12.57 -5.66 -31.85
N GLN B 279 13.18 -6.40 -32.77
CA GLN B 279 14.59 -6.24 -33.11
C GLN B 279 14.79 -5.69 -34.52
N LEU B 280 13.72 -5.31 -35.20
CA LEU B 280 13.79 -4.82 -36.57
C LEU B 280 13.86 -3.29 -36.57
N SER B 281 13.85 -2.73 -37.78
CA SER B 281 14.00 -1.31 -37.96
C SER B 281 12.77 -0.55 -37.45
N ASP B 282 12.94 0.75 -37.27
CA ASP B 282 11.84 1.60 -36.82
C ASP B 282 10.70 1.61 -37.84
N GLY B 283 11.05 1.69 -39.13
CA GLY B 283 10.02 1.70 -40.16
C GLY B 283 9.21 0.42 -40.17
N LEU B 284 9.87 -0.73 -40.04
CA LEU B 284 9.16 -2.00 -40.00
C LEU B 284 8.21 -2.05 -38.82
N ARG B 285 8.69 -1.67 -37.63
CA ARG B 285 7.86 -1.71 -36.43
C ARG B 285 6.64 -0.82 -36.60
N ASN B 286 6.84 0.42 -37.04
CA ASN B 286 5.73 1.36 -37.15
C ASN B 286 4.74 0.91 -38.21
N ALA B 287 5.22 0.44 -39.37
CA ALA B 287 4.31 -0.01 -40.41
C ALA B 287 3.50 -1.23 -39.97
N VAL B 288 4.17 -2.19 -39.32
CA VAL B 288 3.46 -3.39 -38.88
C VAL B 288 2.40 -3.03 -37.84
N ALA B 289 2.75 -2.16 -36.89
CA ALA B 289 1.77 -1.74 -35.89
C ALA B 289 0.58 -1.03 -36.53
N MET B 290 0.88 -0.12 -37.47
CA MET B 290 -0.19 0.65 -38.11
C MET B 290 -1.15 -0.26 -38.88
N VAL B 291 -0.60 -1.22 -39.63
CA VAL B 291 -1.47 -2.11 -40.41
C VAL B 291 -2.22 -3.08 -39.50
N ALA B 292 -1.55 -3.62 -38.48
CA ALA B 292 -2.18 -4.58 -37.60
C ALA B 292 -3.33 -3.96 -36.81
N ASP B 293 -3.17 -2.70 -36.41
CA ASP B 293 -4.23 -2.02 -35.66
C ASP B 293 -5.53 -2.00 -36.43
N ILE B 294 -5.47 -1.85 -37.75
CA ILE B 294 -6.67 -1.89 -38.57
C ILE B 294 -7.11 -3.32 -38.81
N ALA B 295 -6.15 -4.22 -39.05
CA ALA B 295 -6.48 -5.57 -39.46
C ALA B 295 -7.21 -6.34 -38.36
N PHE B 296 -6.73 -6.26 -37.12
CA PHE B 296 -7.35 -7.12 -36.12
C PHE B 296 -8.70 -6.58 -35.69
N ARG B 297 -8.87 -5.26 -35.75
CA ARG B 297 -10.19 -4.68 -35.52
C ARG B 297 -11.16 -5.07 -36.61
N CYS B 298 -10.69 -5.12 -37.87
CA CYS B 298 -11.54 -5.61 -38.95
C CYS B 298 -11.95 -7.05 -38.72
N VAL B 299 -11.02 -7.90 -38.28
CA VAL B 299 -11.34 -9.30 -38.04
C VAL B 299 -12.32 -9.44 -36.87
N LYS B 300 -12.12 -8.65 -35.81
CA LYS B 300 -12.94 -8.82 -34.61
C LYS B 300 -14.35 -8.28 -34.80
N LEU B 301 -14.48 -7.11 -35.45
CA LEU B 301 -15.79 -6.47 -35.55
C LEU B 301 -16.78 -7.30 -36.34
N ASN B 302 -16.35 -7.86 -37.47
CA ASN B 302 -17.23 -8.59 -38.38
C ASN B 302 -16.71 -10.01 -38.53
N PRO B 303 -17.11 -10.93 -37.65
CA PRO B 303 -16.63 -12.32 -37.76
C PRO B 303 -17.36 -13.15 -38.80
N HIS B 304 -18.45 -12.65 -39.38
CA HIS B 304 -19.21 -13.44 -40.33
C HIS B 304 -18.65 -13.41 -41.75
N LEU B 305 -17.76 -12.46 -42.05
CA LEU B 305 -17.11 -12.46 -43.35
C LEU B 305 -16.07 -13.58 -43.43
N GLN B 306 -15.27 -13.72 -42.38
CA GLN B 306 -14.39 -14.85 -42.09
C GLN B 306 -13.18 -14.94 -43.01
N ASN B 307 -13.21 -14.24 -44.14
CA ASN B 307 -12.03 -14.20 -45.01
C ASN B 307 -11.81 -12.85 -45.67
N ASP B 308 -12.79 -11.96 -45.68
CA ASP B 308 -12.70 -10.67 -46.33
C ASP B 308 -12.97 -9.54 -45.33
N ALA B 309 -12.58 -9.75 -44.07
CA ALA B 309 -12.76 -8.72 -43.06
C ALA B 309 -12.00 -7.46 -43.42
N ALA B 310 -10.77 -7.60 -43.92
CA ALA B 310 -10.01 -6.45 -44.37
C ALA B 310 -10.51 -5.93 -45.71
N LEU B 311 -11.07 -6.80 -46.55
CA LEU B 311 -11.44 -6.45 -47.91
C LEU B 311 -12.90 -6.04 -48.05
N LYS B 312 -13.70 -6.14 -46.99
CA LYS B 312 -15.12 -5.79 -47.09
C LYS B 312 -15.63 -5.02 -45.88
N THR B 313 -14.78 -4.24 -45.21
CA THR B 313 -15.19 -3.45 -44.07
C THR B 313 -15.20 -1.97 -44.45
N GLN B 314 -16.24 -1.26 -43.99
CA GLN B 314 -16.42 0.15 -44.29
C GLN B 314 -16.21 0.99 -43.04
N GLY B 315 -15.69 2.19 -43.23
CA GLY B 315 -15.48 3.08 -42.11
C GLY B 315 -14.50 4.19 -42.46
N ILE B 316 -14.08 4.90 -41.42
CA ILE B 316 -13.20 6.06 -41.54
C ILE B 316 -11.97 5.82 -40.67
N VAL B 317 -10.79 6.06 -41.24
CA VAL B 317 -9.53 5.90 -40.52
C VAL B 317 -8.74 7.20 -40.65
N LEU B 318 -8.26 7.73 -39.53
CA LEU B 318 -7.50 8.97 -39.48
C LEU B 318 -6.05 8.66 -39.16
N ILE B 319 -5.14 9.09 -40.03
CA ILE B 319 -3.72 8.86 -39.87
C ILE B 319 -3.00 10.20 -39.92
N ASP B 320 -2.12 10.43 -38.95
CA ASP B 320 -1.34 11.66 -38.86
C ASP B 320 0.14 11.32 -39.11
N GLU B 321 0.76 12.04 -40.04
CA GLU B 321 2.16 11.83 -40.40
C GLU B 321 2.40 10.39 -40.84
N VAL B 322 1.76 10.03 -41.95
CA VAL B 322 1.80 8.66 -42.46
C VAL B 322 3.18 8.24 -42.94
N ASP B 323 4.11 9.19 -43.11
CA ASP B 323 5.41 8.92 -43.70
C ASP B 323 6.55 8.93 -42.67
N MET B 324 6.24 8.77 -41.38
CA MET B 324 7.27 8.76 -40.37
C MET B 324 8.11 7.50 -40.46
N PHE B 325 9.43 7.65 -40.40
CA PHE B 325 10.42 6.58 -40.38
C PHE B 325 10.45 5.76 -41.66
N LEU B 326 9.97 6.31 -42.77
CA LEU B 326 9.92 5.60 -44.05
C LEU B 326 10.73 6.36 -45.08
N HIS B 327 11.64 5.67 -45.76
CA HIS B 327 12.49 6.30 -46.75
C HIS B 327 11.72 6.53 -48.06
N PRO B 328 12.23 7.42 -48.93
CA PRO B 328 11.42 7.83 -50.10
C PRO B 328 10.91 6.69 -50.97
N ALA B 329 11.71 5.65 -51.19
CA ALA B 329 11.22 4.52 -51.98
C ALA B 329 10.01 3.88 -51.33
N TRP B 330 10.02 3.75 -50.00
CA TRP B 330 8.85 3.27 -49.30
C TRP B 330 7.75 4.33 -49.26
N GLN B 331 8.13 5.60 -49.25
CA GLN B 331 7.14 6.67 -49.20
C GLN B 331 6.30 6.74 -50.47
N GLN B 332 6.86 6.31 -51.59
CA GLN B 332 6.14 6.39 -52.86
C GLN B 332 5.02 5.38 -52.99
N GLN B 333 4.87 4.43 -52.06
CA GLN B 333 3.93 3.34 -52.22
C GLN B 333 2.94 3.16 -51.08
N ILE B 334 2.96 4.02 -50.07
CA ILE B 334 2.10 3.82 -48.89
C ILE B 334 0.63 3.93 -49.28
N ILE B 335 0.28 4.94 -50.07
CA ILE B 335 -1.11 5.17 -50.41
C ILE B 335 -1.67 4.00 -51.20
N GLN B 336 -0.91 3.54 -52.20
CA GLN B 336 -1.36 2.41 -53.00
C GLN B 336 -1.46 1.14 -52.17
N SER B 337 -0.51 0.91 -51.26
CA SER B 337 -0.55 -0.28 -50.43
C SER B 337 -1.77 -0.27 -49.51
N LEU B 338 -2.06 0.87 -48.89
CA LEU B 338 -3.21 0.97 -48.02
C LEU B 338 -4.52 0.81 -48.80
N ARG B 339 -4.58 1.37 -50.01
CA ARG B 339 -5.78 1.23 -50.83
C ARG B 339 -5.98 -0.21 -51.27
N SER B 340 -4.90 -0.94 -51.56
CA SER B 340 -5.02 -2.33 -51.97
C SER B 340 -5.35 -3.25 -50.80
N ALA B 341 -4.87 -2.92 -49.60
CA ALA B 341 -5.16 -3.77 -48.44
C ALA B 341 -6.58 -3.58 -47.93
N PHE B 342 -7.06 -2.34 -47.87
CA PHE B 342 -8.38 -2.01 -47.33
C PHE B 342 -9.14 -1.20 -48.35
N PRO B 343 -9.78 -1.87 -49.32
CA PRO B 343 -10.37 -1.14 -50.46
C PRO B 343 -11.58 -0.30 -50.11
N GLN B 344 -12.34 -0.65 -49.07
CA GLN B 344 -13.63 -0.02 -48.80
C GLN B 344 -13.57 0.99 -47.65
N ILE B 345 -12.39 1.39 -47.22
CA ILE B 345 -12.25 2.30 -46.09
C ILE B 345 -11.87 3.69 -46.61
N GLN B 346 -12.53 4.71 -46.08
CA GLN B 346 -12.22 6.10 -46.40
C GLN B 346 -11.05 6.56 -45.53
N PHE B 347 -9.99 7.03 -46.19
CA PHE B 347 -8.77 7.44 -45.51
C PHE B 347 -8.64 8.96 -45.53
N ILE B 348 -8.29 9.53 -44.40
CA ILE B 348 -7.90 10.95 -44.30
C ILE B 348 -6.51 10.96 -43.68
N VAL B 349 -5.52 11.41 -44.45
CA VAL B 349 -4.12 11.35 -44.05
C VAL B 349 -3.49 12.72 -44.24
N THR B 350 -2.43 12.97 -43.47
CA THR B 350 -1.71 14.24 -43.49
C THR B 350 -0.22 14.00 -43.71
N THR B 351 0.40 14.83 -44.54
CA THR B 351 1.82 14.71 -44.82
C THR B 351 2.36 16.06 -45.28
N HIS B 352 3.69 16.19 -45.24
CA HIS B 352 4.38 17.35 -45.77
C HIS B 352 5.53 16.96 -46.68
N SER B 353 5.52 15.75 -47.21
CA SER B 353 6.57 15.26 -48.10
C SER B 353 6.07 15.23 -49.53
N PRO B 354 6.86 15.69 -50.50
CA PRO B 354 6.42 15.65 -51.90
C PRO B 354 6.56 14.28 -52.55
N GLN B 355 7.05 13.28 -51.82
CA GLN B 355 7.23 11.94 -52.37
C GLN B 355 6.00 11.06 -52.21
N VAL B 356 5.20 11.29 -51.18
CA VAL B 356 3.96 10.56 -51.01
C VAL B 356 2.99 10.88 -52.13
N LEU B 357 3.03 12.11 -52.64
CA LEU B 357 2.12 12.58 -53.69
C LEU B 357 2.62 12.25 -55.09
N SER B 358 3.56 11.32 -55.22
CA SER B 358 4.21 11.09 -56.51
C SER B 358 3.23 10.56 -57.55
N THR B 359 2.39 9.61 -57.17
CA THR B 359 1.50 8.93 -58.10
C THR B 359 0.04 9.09 -57.68
N VAL B 360 -0.27 10.21 -57.04
CA VAL B 360 -1.62 10.45 -56.50
C VAL B 360 -2.32 11.47 -57.37
N LYS B 361 -3.61 11.23 -57.63
CA LYS B 361 -4.40 12.14 -58.43
C LYS B 361 -4.54 13.49 -57.73
N ARG B 362 -4.70 14.54 -58.53
CA ARG B 362 -4.84 15.88 -57.98
C ARG B 362 -6.19 16.10 -57.30
N GLU B 363 -7.12 15.16 -57.43
CA GLU B 363 -8.42 15.26 -56.80
C GLU B 363 -8.43 14.81 -55.35
N SER B 364 -7.29 14.37 -54.82
CA SER B 364 -7.19 13.91 -53.45
C SER B 364 -6.23 14.74 -52.60
N ILE B 365 -5.85 15.92 -53.07
CA ILE B 365 -4.87 16.77 -52.40
C ILE B 365 -5.55 18.07 -51.98
N ARG B 366 -5.37 18.46 -50.72
CA ARG B 366 -5.98 19.67 -50.17
C ARG B 366 -4.89 20.53 -49.55
N LEU B 367 -4.36 21.46 -50.33
CA LEU B 367 -3.40 22.42 -49.79
C LEU B 367 -4.11 23.36 -48.82
N LEU B 368 -3.51 23.54 -47.65
CA LEU B 368 -4.06 24.38 -46.60
C LEU B 368 -3.31 25.70 -46.55
N GLU B 369 -4.06 26.80 -46.50
CA GLU B 369 -3.49 28.14 -46.41
C GLU B 369 -4.39 28.97 -45.51
N GLN B 370 -3.87 30.11 -45.06
CA GLN B 370 -4.67 31.04 -44.28
C GLN B 370 -4.17 32.46 -44.51
N ASP B 371 -5.06 33.42 -44.24
CA ASP B 371 -4.80 34.82 -44.46
C ASP B 371 -4.21 35.45 -43.19
N GLU B 372 -4.00 36.77 -43.22
CA GLU B 372 -3.47 37.45 -42.05
C GLU B 372 -4.52 37.58 -40.94
N ASN B 373 -5.80 37.45 -41.27
CA ASN B 373 -6.87 37.56 -40.29
C ASN B 373 -7.37 36.21 -39.80
N GLY B 374 -6.80 35.10 -40.29
CA GLY B 374 -7.19 33.78 -39.86
C GLY B 374 -8.17 33.06 -40.75
N ASN B 375 -8.44 33.56 -41.94
CA ASN B 375 -9.37 32.91 -42.85
C ASN B 375 -8.66 31.81 -43.62
N GLY B 376 -9.16 30.58 -43.50
CA GLY B 376 -8.49 29.42 -44.06
C GLY B 376 -9.07 28.95 -45.37
N LYS B 377 -8.24 28.22 -46.12
CA LYS B 377 -8.64 27.62 -47.39
C LYS B 377 -7.98 26.26 -47.52
N ALA B 378 -8.75 25.29 -47.99
CA ALA B 378 -8.27 23.95 -48.30
C ALA B 378 -8.66 23.68 -49.75
N LEU B 379 -7.70 23.81 -50.67
CA LEU B 379 -8.01 23.82 -52.09
C LEU B 379 -7.21 22.77 -52.85
N MET B 380 -7.77 22.36 -53.98
CA MET B 380 -7.07 21.47 -54.89
C MET B 380 -5.92 22.21 -55.58
N PRO B 381 -4.88 21.51 -55.98
CA PRO B 381 -3.76 22.17 -56.66
C PRO B 381 -4.15 22.64 -58.05
N LEU B 382 -3.20 23.32 -58.70
CA LEU B 382 -3.40 23.94 -60.00
C LEU B 382 -4.51 24.98 -59.97
N MET C 1 -40.33 -9.20 7.08
CA MET C 1 -41.27 -9.13 5.98
C MET C 1 -41.72 -10.53 5.55
N ARG C 2 -41.85 -10.74 4.25
CA ARG C 2 -42.18 -12.04 3.68
C ARG C 2 -42.01 -11.97 2.17
N ILE C 3 -41.64 -13.09 1.56
CA ILE C 3 -41.46 -13.19 0.11
C ILE C 3 -42.37 -14.29 -0.41
N ASP C 4 -43.08 -14.00 -1.51
CA ASP C 4 -44.01 -14.96 -2.09
C ASP C 4 -43.62 -15.45 -3.46
N LYS C 5 -42.72 -14.77 -4.17
CA LYS C 5 -42.36 -15.18 -5.52
C LYS C 5 -41.00 -14.56 -5.86
N LEU C 6 -40.32 -15.19 -6.80
CA LEU C 6 -39.06 -14.66 -7.31
C LEU C 6 -38.89 -15.07 -8.76
N SER C 7 -38.58 -14.11 -9.61
CA SER C 7 -38.35 -14.35 -11.03
C SER C 7 -36.93 -13.92 -11.39
N LEU C 8 -36.25 -14.75 -12.17
CA LEU C 8 -34.88 -14.51 -12.59
C LEU C 8 -34.80 -14.52 -14.10
N LEU C 9 -34.05 -13.56 -14.65
CA LEU C 9 -33.87 -13.44 -16.10
C LEU C 9 -32.43 -13.10 -16.39
N ASN C 10 -31.79 -13.92 -17.24
CA ASN C 10 -30.43 -13.68 -17.70
C ASN C 10 -29.45 -13.51 -16.54
N PHE C 11 -29.62 -14.34 -15.52
CA PHE C 11 -28.71 -14.34 -14.37
C PHE C 11 -27.60 -15.36 -14.63
N ARG C 12 -26.88 -15.72 -13.56
CA ARG C 12 -25.66 -16.52 -13.66
C ARG C 12 -25.80 -17.73 -14.59
N CYS C 13 -26.70 -18.64 -14.27
CA CYS C 13 -26.88 -19.84 -15.07
C CYS C 13 -28.32 -20.07 -15.51
N PHE C 14 -29.25 -19.21 -15.09
CA PHE C 14 -30.66 -19.34 -15.46
C PHE C 14 -30.99 -18.29 -16.49
N LYS C 15 -31.46 -18.72 -17.67
CA LYS C 15 -31.98 -17.78 -18.64
C LYS C 15 -33.35 -17.26 -18.24
N GLN C 16 -34.16 -18.10 -17.60
CA GLN C 16 -35.49 -17.71 -17.14
C GLN C 16 -35.92 -18.66 -16.04
N LEU C 17 -36.42 -18.10 -14.94
CA LEU C 17 -36.85 -18.93 -13.81
C LEU C 17 -37.97 -18.22 -13.06
N ASP C 18 -38.96 -18.99 -12.62
CA ASP C 18 -40.02 -18.50 -11.75
C ASP C 18 -40.17 -19.48 -10.60
N ILE C 19 -40.04 -18.99 -9.36
CA ILE C 19 -40.09 -19.85 -8.18
C ILE C 19 -41.00 -19.23 -7.14
N THR C 20 -41.76 -20.08 -6.45
CA THR C 20 -42.69 -19.66 -5.41
C THR C 20 -42.23 -20.23 -4.07
N PHE C 21 -42.40 -19.45 -3.01
CA PHE C 21 -41.94 -19.82 -1.68
C PHE C 21 -43.11 -20.08 -0.75
N ASP C 22 -42.92 -21.01 0.17
CA ASP C 22 -43.94 -21.39 1.12
C ASP C 22 -44.00 -20.37 2.27
N GLU C 23 -45.05 -20.48 3.08
CA GLU C 23 -45.29 -19.50 4.13
C GLU C 23 -44.31 -19.65 5.28
N HIS C 24 -43.99 -20.89 5.66
CA HIS C 24 -43.17 -21.16 6.83
C HIS C 24 -41.82 -21.77 6.50
N ILE C 25 -41.81 -22.90 5.77
CA ILE C 25 -40.58 -23.62 5.48
C ILE C 25 -40.59 -24.02 4.01
N THR C 26 -39.44 -23.83 3.34
CA THR C 26 -39.27 -24.27 1.97
C THR C 26 -37.88 -24.87 1.82
N ILE C 27 -37.79 -25.90 0.98
CA ILE C 27 -36.55 -26.63 0.77
C ILE C 27 -36.26 -26.67 -0.73
N LEU C 28 -35.01 -26.40 -1.08
CA LEU C 28 -34.56 -26.42 -2.48
C LEU C 28 -33.68 -27.63 -2.71
N VAL C 29 -33.99 -28.39 -3.75
CA VAL C 29 -33.28 -29.63 -4.07
C VAL C 29 -32.88 -29.58 -5.53
N ALA C 30 -31.60 -29.82 -5.80
CA ALA C 30 -31.08 -29.82 -7.17
C ALA C 30 -30.10 -30.97 -7.36
N PRO C 31 -30.45 -31.96 -8.20
CA PRO C 31 -29.54 -33.09 -8.40
C PRO C 31 -28.15 -32.70 -8.88
N ASN C 32 -28.03 -31.69 -9.74
CA ASN C 32 -26.74 -31.28 -10.27
C ASN C 32 -26.77 -29.80 -10.60
N GLY C 33 -25.59 -29.21 -10.68
CA GLY C 33 -25.45 -27.79 -10.93
C GLY C 33 -25.25 -27.00 -9.65
N ALA C 34 -25.30 -25.68 -9.81
CA ALA C 34 -25.14 -24.73 -8.71
C ALA C 34 -26.30 -23.76 -8.68
N GLY C 35 -27.53 -24.28 -8.80
CA GLY C 35 -28.69 -23.42 -8.80
C GLY C 35 -29.12 -22.95 -7.44
N LYS C 36 -28.84 -23.74 -6.40
CA LYS C 36 -29.27 -23.37 -5.05
C LYS C 36 -28.56 -22.12 -4.56
N THR C 37 -27.25 -22.06 -4.77
CA THR C 37 -26.51 -20.86 -4.40
C THR C 37 -26.99 -19.66 -5.21
N THR C 38 -27.33 -19.88 -6.49
CA THR C 38 -27.84 -18.80 -7.33
C THR C 38 -29.15 -18.23 -6.78
N VAL C 39 -30.07 -19.11 -6.40
CA VAL C 39 -31.36 -18.65 -5.90
C VAL C 39 -31.18 -17.95 -4.55
N LEU C 40 -30.31 -18.50 -3.69
CA LEU C 40 -30.08 -17.84 -2.41
C LEU C 40 -29.44 -16.47 -2.59
N ASP C 41 -28.52 -16.34 -3.54
CA ASP C 41 -27.91 -15.04 -3.81
C ASP C 41 -28.92 -14.07 -4.41
N ALA C 42 -29.84 -14.57 -5.24
CA ALA C 42 -30.90 -13.71 -5.76
C ALA C 42 -31.79 -13.18 -4.64
N VAL C 43 -32.15 -14.06 -3.69
CA VAL C 43 -32.98 -13.63 -2.56
C VAL C 43 -32.20 -12.65 -1.68
N ARG C 44 -30.90 -12.88 -1.51
CA ARG C 44 -30.06 -11.99 -0.72
C ARG C 44 -29.93 -10.63 -1.38
N LEU C 45 -29.89 -10.57 -2.70
CA LEU C 45 -29.78 -9.30 -3.41
C LEU C 45 -31.08 -8.52 -3.40
N ALA C 46 -32.21 -9.19 -3.21
CA ALA C 46 -33.51 -8.52 -3.23
C ALA C 46 -33.88 -7.93 -1.88
N LEU C 47 -33.08 -8.14 -0.84
CA LEU C 47 -33.36 -7.62 0.47
C LEU C 47 -32.40 -6.52 0.90
N PHE C 48 -31.29 -6.34 0.19
CA PHE C 48 -30.37 -5.26 0.53
C PHE C 48 -30.98 -3.86 0.49
N PRO C 49 -32.00 -3.56 -0.32
CA PRO C 49 -32.64 -2.24 -0.20
C PRO C 49 -33.14 -1.94 1.21
N PHE C 50 -33.64 -2.93 1.94
CA PHE C 50 -34.12 -2.68 3.30
C PHE C 50 -32.97 -2.36 4.24
N ILE C 51 -31.91 -3.18 4.22
CA ILE C 51 -30.79 -2.96 5.14
C ILE C 51 -29.99 -1.71 4.79
N ARG C 52 -29.97 -1.30 3.52
CA ARG C 52 -29.20 -0.12 3.14
C ARG C 52 -29.70 1.15 3.82
N GLY C 53 -30.93 1.13 4.36
CA GLY C 53 -31.47 2.27 5.07
C GLY C 53 -31.02 2.42 6.50
N PHE C 54 -30.13 1.55 6.96
CA PHE C 54 -29.57 1.62 8.31
C PHE C 54 -28.09 2.01 8.21
N ASP C 55 -27.70 3.02 8.99
CA ASP C 55 -26.31 3.47 8.95
C ASP C 55 -25.35 2.44 9.52
N ALA C 56 -25.85 1.47 10.29
CA ALA C 56 -24.98 0.44 10.86
C ALA C 56 -24.32 -0.42 9.78
N SER C 57 -24.83 -0.37 8.54
CA SER C 57 -24.21 -1.07 7.44
C SER C 57 -22.89 -0.44 7.00
N LEU C 58 -22.54 0.73 7.54
CA LEU C 58 -21.29 1.38 7.18
C LEU C 58 -20.08 0.53 7.54
N TYR C 59 -20.23 -0.35 8.53
CA TYR C 59 -19.12 -1.22 8.94
C TYR C 59 -18.68 -2.17 7.83
N VAL C 60 -19.54 -2.47 6.87
CA VAL C 60 -19.24 -3.38 5.78
C VAL C 60 -19.38 -2.64 4.46
N LYS C 61 -18.39 -2.81 3.58
CA LYS C 61 -18.43 -2.22 2.24
C LYS C 61 -17.99 -3.21 1.19
N ASP C 62 -18.35 -4.48 1.35
CA ASP C 62 -17.97 -5.51 0.39
C ASP C 62 -18.68 -5.29 -0.94
N LYS C 63 -17.93 -5.47 -2.02
CA LYS C 63 -18.48 -5.34 -3.38
C LYS C 63 -19.13 -6.64 -3.84
N SER C 64 -20.04 -7.17 -3.02
CA SER C 64 -20.71 -8.42 -3.32
C SER C 64 -22.21 -8.37 -3.12
N LEU C 65 -22.77 -7.26 -2.65
CA LEU C 65 -24.21 -7.14 -2.45
C LEU C 65 -24.88 -6.32 -3.54
N ALA C 66 -24.21 -6.14 -4.67
CA ALA C 66 -24.79 -5.56 -5.87
C ALA C 66 -24.48 -6.46 -7.05
N ILE C 67 -25.29 -6.36 -8.11
CA ILE C 67 -25.14 -7.20 -9.28
C ILE C 67 -23.83 -6.82 -9.98
N ARG C 68 -22.86 -7.72 -9.92
CA ARG C 68 -21.58 -7.48 -10.57
C ARG C 68 -21.67 -7.80 -12.06
N THR C 69 -20.59 -7.47 -12.79
CA THR C 69 -20.54 -7.82 -14.20
C THR C 69 -20.25 -9.31 -14.40
N GLU C 70 -19.67 -9.97 -13.41
CA GLU C 70 -19.45 -11.41 -13.49
C GLU C 70 -20.72 -12.20 -13.20
N ASP C 71 -21.77 -11.56 -12.70
CA ASP C 71 -23.03 -12.23 -12.45
C ASP C 71 -23.89 -12.37 -13.69
N LEU C 72 -23.48 -11.77 -14.81
CA LEU C 72 -24.26 -11.86 -16.03
C LEU C 72 -23.96 -13.17 -16.76
N ARG C 73 -24.71 -13.41 -17.82
CA ARG C 73 -24.63 -14.64 -18.59
C ARG C 73 -23.75 -14.43 -19.80
N LEU C 74 -22.78 -15.32 -19.99
CA LEU C 74 -21.91 -15.31 -21.16
C LEU C 74 -22.21 -16.56 -22.00
N ILE C 75 -22.35 -16.37 -23.30
CA ILE C 75 -22.72 -17.46 -24.20
C ILE C 75 -21.48 -17.88 -24.99
N TYR C 76 -21.11 -19.15 -24.87
CA TYR C 76 -20.02 -19.73 -25.63
C TYR C 76 -20.61 -20.59 -26.74
N ARG C 77 -20.26 -20.30 -27.98
CA ARG C 77 -20.63 -21.10 -29.12
C ARG C 77 -19.38 -21.72 -29.74
N GLN C 78 -19.46 -23.01 -30.09
CA GLN C 78 -18.31 -23.74 -30.57
C GLN C 78 -17.93 -23.38 -32.01
N GLU C 79 -18.86 -22.81 -32.77
CA GLU C 79 -18.63 -22.50 -34.18
C GLU C 79 -18.28 -21.04 -34.42
N ALA C 80 -18.06 -20.26 -33.37
CA ALA C 80 -17.79 -18.83 -33.52
C ALA C 80 -16.64 -18.43 -32.61
N LEU C 81 -15.89 -17.41 -33.04
CA LEU C 81 -14.75 -16.92 -32.28
C LEU C 81 -15.12 -15.87 -31.24
N ASN C 82 -16.34 -15.34 -31.28
CA ASN C 82 -16.76 -14.29 -30.36
C ASN C 82 -17.64 -14.88 -29.25
N MET C 83 -17.53 -14.28 -28.07
CA MET C 83 -18.29 -14.69 -26.90
C MET C 83 -19.02 -13.48 -26.34
N GLU C 84 -20.34 -13.54 -26.35
CA GLU C 84 -21.16 -12.37 -26.04
C GLU C 84 -21.82 -12.50 -24.68
N MET C 85 -22.37 -11.37 -24.22
CA MET C 85 -22.91 -11.20 -22.89
C MET C 85 -24.38 -10.85 -23.00
N SER C 86 -25.23 -11.69 -22.44
CA SER C 86 -26.68 -11.47 -22.53
C SER C 86 -27.09 -10.37 -21.56
N SER C 87 -27.82 -9.38 -22.08
CA SER C 87 -28.29 -8.27 -21.28
C SER C 87 -29.77 -8.05 -21.54
N PRO C 88 -30.52 -7.56 -20.55
CA PRO C 88 -30.11 -7.20 -19.19
C PRO C 88 -30.31 -8.32 -18.19
N ALA C 89 -29.76 -8.19 -16.98
CA ALA C 89 -29.99 -9.14 -15.91
C ALA C 89 -31.00 -8.55 -14.93
N LYS C 90 -32.04 -9.31 -14.62
CA LYS C 90 -33.14 -8.82 -13.81
C LYS C 90 -33.46 -9.80 -12.68
N ILE C 91 -33.66 -9.23 -11.49
CA ILE C 91 -34.15 -9.96 -10.32
C ILE C 91 -35.45 -9.29 -9.91
N THR C 92 -36.55 -10.00 -10.04
CA THR C 92 -37.87 -9.49 -9.68
C THR C 92 -38.34 -10.22 -8.44
N ALA C 93 -38.58 -9.47 -7.37
CA ALA C 93 -38.97 -10.03 -6.08
C ALA C 93 -40.37 -9.54 -5.73
N THR C 94 -41.27 -10.47 -5.47
CA THR C 94 -42.62 -10.18 -5.03
C THR C 94 -42.75 -10.53 -3.56
N GLY C 95 -43.16 -9.55 -2.76
CA GLY C 95 -43.21 -9.77 -1.33
C GLY C 95 -44.31 -9.03 -0.61
N GLU C 96 -44.34 -9.18 0.70
CA GLU C 96 -45.29 -8.49 1.55
C GLU C 96 -44.58 -7.99 2.80
N TRP C 97 -44.82 -6.74 3.14
CA TRP C 97 -44.37 -6.19 4.41
C TRP C 97 -45.50 -5.37 5.03
N ALA C 98 -45.29 -4.98 6.29
CA ALA C 98 -46.28 -4.28 7.11
C ALA C 98 -47.55 -5.10 7.32
N SER C 99 -47.46 -6.41 7.11
CA SER C 99 -48.58 -7.35 7.30
C SER C 99 -49.82 -6.89 6.56
N GLY C 100 -49.68 -6.84 5.23
CA GLY C 100 -50.79 -6.47 4.38
C GLY C 100 -50.39 -5.64 3.17
N LYS C 101 -49.14 -5.20 3.13
CA LYS C 101 -48.63 -4.35 2.05
C LYS C 101 -47.92 -5.25 1.03
N THR C 102 -48.60 -5.52 -0.09
CA THR C 102 -48.03 -6.30 -1.17
C THR C 102 -47.22 -5.41 -2.10
N ALA C 103 -46.07 -5.93 -2.54
CA ALA C 103 -45.17 -5.14 -3.37
C ALA C 103 -44.44 -6.07 -4.33
N THR C 104 -43.94 -5.47 -5.41
CA THR C 104 -43.19 -6.20 -6.43
C THR C 104 -42.06 -5.27 -6.90
N TRP C 105 -40.86 -5.48 -6.36
CA TRP C 105 -39.73 -4.65 -6.74
C TRP C 105 -38.80 -5.39 -7.67
N MET C 106 -37.94 -4.62 -8.35
CA MET C 106 -37.13 -5.15 -9.43
C MET C 106 -35.75 -4.50 -9.39
N LEU C 107 -34.72 -5.31 -9.63
CA LEU C 107 -33.35 -4.85 -9.77
C LEU C 107 -32.83 -5.31 -11.12
N ASP C 108 -32.09 -4.44 -11.81
CA ASP C 108 -31.61 -4.78 -13.15
C ASP C 108 -30.23 -4.19 -13.37
N LYS C 109 -29.51 -4.81 -14.29
CA LYS C 109 -28.21 -4.34 -14.76
C LYS C 109 -28.13 -4.52 -16.26
N ARG C 110 -27.56 -3.52 -16.94
CA ARG C 110 -27.45 -3.50 -18.39
C ARG C 110 -25.96 -3.43 -18.76
N GLY C 111 -25.34 -4.58 -18.92
CA GLY C 111 -23.95 -4.61 -19.35
C GLY C 111 -23.03 -4.04 -18.28
N GLU C 112 -22.15 -3.14 -18.69
CA GLU C 112 -21.17 -2.53 -17.80
C GLU C 112 -21.71 -1.31 -17.08
N GLN C 113 -22.96 -0.94 -17.30
CA GLN C 113 -23.55 0.19 -16.61
C GLN C 113 -23.77 -0.12 -15.13
N PRO C 114 -23.80 0.91 -14.29
CA PRO C 114 -24.03 0.67 -12.86
C PRO C 114 -25.42 0.10 -12.63
N PRO C 115 -25.61 -0.64 -11.54
CA PRO C 115 -26.92 -1.26 -11.29
C PRO C 115 -28.03 -0.23 -11.14
N HIS C 116 -29.24 -0.64 -11.50
CA HIS C 116 -30.39 0.24 -11.52
C HIS C 116 -31.51 -0.36 -10.68
N GLU C 117 -32.33 0.51 -10.11
CA GLU C 117 -33.43 0.11 -9.23
C GLU C 117 -34.70 0.86 -9.60
N ASP C 118 -35.84 0.27 -9.24
CA ASP C 118 -37.13 0.88 -9.54
C ASP C 118 -37.62 1.70 -8.34
N LYS C 119 -38.86 2.16 -8.41
CA LYS C 119 -39.42 2.99 -7.35
C LYS C 119 -39.63 2.20 -6.07
N MET C 120 -39.99 0.91 -6.20
CA MET C 120 -40.30 0.12 -5.01
C MET C 120 -39.06 -0.17 -4.17
N ALA C 121 -37.89 -0.28 -4.80
CA ALA C 121 -36.66 -0.40 -4.02
C ALA C 121 -36.41 0.85 -3.19
N ALA C 122 -36.64 2.03 -3.79
CA ALA C 122 -36.53 3.27 -3.04
C ALA C 122 -37.55 3.32 -1.92
N GLN C 123 -38.76 2.81 -2.17
CA GLN C 123 -39.77 2.77 -1.12
C GLN C 123 -39.32 1.88 0.04
N LEU C 124 -38.71 0.74 -0.26
CA LEU C 124 -38.22 -0.15 0.79
C LEU C 124 -37.12 0.51 1.60
N THR C 125 -36.19 1.19 0.92
CA THR C 125 -35.14 1.91 1.64
C THR C 125 -35.72 3.01 2.50
N ARG C 126 -36.73 3.72 1.99
CA ARG C 126 -37.38 4.77 2.77
C ARG C 126 -38.10 4.21 3.98
N TRP C 127 -38.72 3.03 3.83
CA TRP C 127 -39.35 2.39 4.98
C TRP C 127 -38.33 1.99 6.03
N GLY C 128 -37.16 1.51 5.59
CA GLY C 128 -36.09 1.25 6.54
C GLY C 128 -35.64 2.50 7.27
N GLU C 129 -35.50 3.61 6.53
CA GLU C 129 -35.15 4.89 7.15
C GLU C 129 -36.22 5.32 8.16
N GLN C 130 -37.49 5.15 7.80
CA GLN C 130 -38.58 5.50 8.70
C GLN C 130 -38.52 4.69 9.99
N LEU C 131 -38.29 3.38 9.87
CA LEU C 131 -38.17 2.55 11.07
C LEU C 131 -36.97 2.98 11.91
N GLN C 132 -35.86 3.32 11.26
CA GLN C 132 -34.70 3.77 12.02
C GLN C 132 -35.00 5.04 12.80
N LYS C 133 -35.62 6.02 12.14
CA LYS C 133 -35.89 7.29 12.81
C LYS C 133 -36.93 7.10 13.92
N ARG C 134 -37.87 6.18 13.73
CA ARG C 134 -38.86 5.91 14.76
C ARG C 134 -38.26 5.19 15.95
N VAL C 135 -37.28 4.32 15.72
CA VAL C 135 -36.56 3.66 16.81
C VAL C 135 -35.65 4.63 17.56
N ARG C 136 -35.02 5.58 16.86
CA ARG C 136 -34.04 6.46 17.49
C ARG C 136 -34.63 7.33 18.58
N GLU C 137 -35.96 7.46 18.65
CA GLU C 137 -36.59 8.16 19.76
C GLU C 137 -36.52 7.33 21.03
N GLU C 138 -36.61 8.01 22.17
CA GLU C 138 -36.54 7.35 23.47
C GLU C 138 -37.75 7.63 24.35
N HIS C 139 -38.31 8.84 24.31
CA HIS C 139 -39.40 9.20 25.19
C HIS C 139 -40.72 8.53 24.79
N SER C 140 -40.84 8.08 23.55
CA SER C 140 -42.09 7.51 23.06
C SER C 140 -42.47 6.28 23.88
N LEU C 141 -43.77 6.16 24.17
CA LEU C 141 -44.26 5.03 24.96
C LEU C 141 -44.44 3.78 24.09
N GLN C 142 -45.06 3.93 22.93
CA GLN C 142 -45.22 2.80 22.03
C GLN C 142 -43.87 2.35 21.49
N GLN C 143 -43.66 1.04 21.45
CA GLN C 143 -42.39 0.47 21.05
C GLN C 143 -42.50 -0.19 19.68
N VAL C 144 -41.38 -0.21 18.97
CA VAL C 144 -41.33 -0.65 17.58
C VAL C 144 -40.79 -2.07 17.53
N GLU C 145 -41.36 -2.88 16.65
CA GLU C 145 -40.91 -4.25 16.42
C GLU C 145 -40.16 -4.28 15.09
N LEU C 146 -38.87 -4.57 15.15
CA LEU C 146 -38.03 -4.64 13.96
C LEU C 146 -38.05 -6.06 13.38
N PRO C 147 -37.84 -6.18 12.06
CA PRO C 147 -37.73 -7.52 11.46
C PRO C 147 -36.29 -8.00 11.39
N LEU C 148 -36.10 -9.30 11.10
CA LEU C 148 -34.78 -9.90 11.07
C LEU C 148 -34.48 -10.41 9.67
N MET C 149 -33.29 -10.08 9.16
CA MET C 149 -32.84 -10.55 7.85
C MET C 149 -31.43 -11.11 8.04
N LEU C 150 -31.32 -12.44 8.02
CA LEU C 150 -30.05 -13.12 8.30
C LEU C 150 -29.74 -14.10 7.18
N TYR C 151 -28.45 -14.29 6.92
CA TYR C 151 -27.97 -15.22 5.91
C TYR C 151 -26.82 -16.04 6.47
N LEU C 152 -26.95 -17.36 6.41
CA LEU C 152 -25.92 -18.28 6.88
C LEU C 152 -25.40 -19.08 5.70
N GLY C 153 -24.09 -19.04 5.47
CA GLY C 153 -23.47 -19.70 4.35
C GLY C 153 -22.60 -20.88 4.77
N THR C 154 -22.06 -21.56 3.76
CA THR C 154 -21.19 -22.70 4.03
C THR C 154 -19.87 -22.30 4.66
N ALA C 155 -19.51 -21.01 4.59
CA ALA C 155 -18.29 -20.51 5.20
C ALA C 155 -18.51 -19.98 6.61
N ARG C 156 -19.46 -20.54 7.34
CA ARG C 156 -19.79 -20.07 8.68
C ARG C 156 -19.01 -20.78 9.77
N LEU C 157 -18.06 -21.64 9.42
CA LEU C 157 -17.17 -22.28 10.39
C LEU C 157 -15.70 -22.01 10.10
N TRP C 158 -15.38 -21.13 9.15
CA TRP C 158 -14.00 -20.98 8.72
C TRP C 158 -13.22 -20.03 9.63
N TYR C 159 -13.71 -18.80 9.78
CA TYR C 159 -12.94 -17.77 10.47
C TYR C 159 -12.78 -18.05 11.96
N GLN C 160 -13.53 -19.00 12.50
CA GLN C 160 -13.44 -19.34 13.92
C GLN C 160 -12.03 -19.80 14.30
N GLU C 169 -18.38 -1.13 25.68
CA GLU C 169 -18.62 -1.49 24.29
C GLU C 169 -19.95 -2.23 24.15
N GLN C 170 -20.00 -3.46 24.66
CA GLN C 170 -21.22 -4.25 24.57
C GLN C 170 -22.32 -3.66 25.44
N ARG C 171 -23.53 -3.58 24.88
CA ARG C 171 -24.68 -3.05 25.60
C ARG C 171 -25.90 -3.89 25.23
N LEU C 172 -26.90 -3.87 26.12
CA LEU C 172 -28.16 -4.56 25.89
C LEU C 172 -29.39 -3.69 26.08
N ASP C 173 -29.30 -2.66 26.92
CA ASP C 173 -30.48 -1.87 27.25
C ASP C 173 -31.04 -1.15 26.03
N ASN C 174 -32.33 -0.84 26.09
CA ASN C 174 -33.00 -0.18 24.98
C ASN C 174 -32.35 1.16 24.66
N SER C 175 -32.07 1.37 23.38
CA SER C 175 -31.43 2.58 22.88
C SER C 175 -31.39 2.48 21.36
N ALA C 176 -31.02 3.58 20.71
CA ALA C 176 -30.80 3.56 19.27
C ALA C 176 -29.67 2.61 18.92
N PHE C 177 -28.57 2.69 19.65
CA PHE C 177 -27.57 1.63 19.63
C PHE C 177 -28.05 0.44 20.47
N SER C 178 -27.44 -0.71 20.21
CA SER C 178 -27.77 -2.01 20.78
C SER C 178 -29.12 -2.53 20.28
N ARG C 179 -29.87 -1.75 19.49
CA ARG C 179 -30.99 -2.26 18.71
C ARG C 179 -30.73 -2.27 17.22
N LEU C 180 -29.76 -1.49 16.74
CA LEU C 180 -29.35 -1.51 15.35
C LEU C 180 -28.00 -2.18 15.14
N SER C 181 -27.28 -2.50 16.21
CA SER C 181 -26.03 -3.24 16.09
C SER C 181 -26.26 -4.71 15.76
N GLY C 182 -27.49 -5.21 15.92
CA GLY C 182 -27.80 -6.56 15.50
C GLY C 182 -27.93 -6.74 14.02
N TYR C 183 -27.96 -5.65 13.25
CA TYR C 183 -27.96 -5.69 11.80
C TYR C 183 -26.56 -5.66 11.22
N ASP C 184 -25.53 -5.65 12.06
CA ASP C 184 -24.16 -5.58 11.58
C ASP C 184 -23.78 -6.89 10.91
N ASP C 185 -23.38 -6.83 9.65
CA ASP C 185 -22.97 -8.00 8.88
C ASP C 185 -24.06 -9.07 8.86
N CYS C 186 -25.31 -8.64 8.69
CA CYS C 186 -26.41 -9.59 8.69
C CYS C 186 -26.47 -10.41 7.42
N LEU C 187 -25.98 -9.88 6.30
CA LEU C 187 -26.03 -10.58 5.02
C LEU C 187 -24.63 -10.89 4.49
N SER C 188 -23.61 -10.80 5.33
CA SER C 188 -22.26 -11.14 4.92
C SER C 188 -22.06 -12.65 4.94
N ALA C 189 -21.03 -13.10 4.23
CA ALA C 189 -20.72 -14.52 4.10
C ALA C 189 -19.55 -14.96 4.97
N THR C 190 -19.17 -14.14 5.95
CA THR C 190 -18.09 -14.48 6.86
C THR C 190 -18.66 -14.82 8.24
N SER C 191 -18.04 -15.80 8.90
CA SER C 191 -18.52 -16.26 10.20
C SER C 191 -18.39 -15.15 11.24
N ASN C 192 -19.34 -15.14 12.18
CA ASN C 192 -19.40 -14.16 13.25
C ASN C 192 -19.64 -14.82 14.59
N TYR C 193 -18.88 -15.88 14.88
CA TYR C 193 -18.98 -16.54 16.17
C TYR C 193 -18.20 -15.80 17.25
N LYS C 194 -17.12 -15.09 16.88
CA LYS C 194 -16.37 -14.33 17.86
C LYS C 194 -17.23 -13.23 18.48
N GLN C 195 -17.99 -12.52 17.64
CA GLN C 195 -18.84 -11.45 18.12
C GLN C 195 -20.02 -11.95 18.92
N PHE C 196 -20.32 -13.26 18.88
CA PHE C 196 -21.31 -13.83 19.78
C PHE C 196 -20.71 -14.26 21.11
N GLU C 197 -19.53 -14.88 21.09
CA GLU C 197 -18.91 -15.30 22.34
C GLU C 197 -18.52 -14.10 23.18
N GLN C 198 -18.04 -13.02 22.54
CA GLN C 198 -17.70 -11.81 23.30
C GLN C 198 -18.93 -11.24 24.01
N TRP C 199 -20.03 -11.10 23.28
CA TRP C 199 -21.26 -10.55 23.86
C TRP C 199 -21.80 -11.46 24.96
N TYR C 200 -21.80 -12.77 24.74
CA TYR C 200 -22.32 -13.69 25.74
C TYR C 200 -21.47 -13.70 27.00
N SER C 201 -20.13 -13.69 26.84
CA SER C 201 -19.25 -13.63 27.99
C SER C 201 -19.44 -12.33 28.76
N TRP C 202 -19.58 -11.22 28.06
CA TRP C 202 -19.83 -9.94 28.72
C TRP C 202 -21.14 -9.98 29.51
N LEU C 203 -22.19 -10.52 28.90
CA LEU C 203 -23.48 -10.58 29.57
C LEU C 203 -23.41 -11.46 30.82
N TRP C 204 -22.78 -12.63 30.70
CA TRP C 204 -22.70 -13.53 31.85
C TRP C 204 -21.87 -12.93 32.98
N LEU C 205 -20.73 -12.31 32.65
CA LEU C 205 -19.90 -11.69 33.67
C LEU C 205 -20.63 -10.55 34.35
N SER C 206 -21.32 -9.71 33.57
CA SER C 206 -22.06 -8.60 34.16
C SER C 206 -23.19 -9.08 35.06
N TYR C 207 -23.90 -10.12 34.63
CA TYR C 207 -24.97 -10.68 35.46
C TYR C 207 -24.41 -11.24 36.77
N ARG C 208 -23.28 -11.96 36.68
CA ARG C 208 -22.67 -12.51 37.89
C ARG C 208 -22.22 -11.39 38.82
N GLU C 209 -21.65 -10.33 38.27
CA GLU C 209 -21.19 -9.21 39.11
C GLU C 209 -22.37 -8.50 39.77
N HIS C 210 -23.47 -8.31 39.03
CA HIS C 210 -24.67 -7.73 39.63
C HIS C 210 -25.20 -8.60 40.75
N GLN C 211 -25.26 -9.92 40.53
CA GLN C 211 -25.72 -10.82 41.59
C GLN C 211 -24.81 -10.77 42.81
N ILE C 212 -23.49 -10.72 42.58
CA ILE C 212 -22.53 -10.70 43.67
C ILE C 212 -22.69 -9.43 44.49
N THR C 213 -22.70 -8.28 43.83
CA THR C 213 -22.90 -7.02 44.54
C THR C 213 -24.30 -6.90 45.12
N GLN C 214 -25.23 -7.76 44.68
CA GLN C 214 -26.54 -7.79 45.29
C GLN C 214 -26.53 -8.53 46.62
N LEU C 215 -26.09 -9.79 46.62
CA LEU C 215 -26.18 -10.55 47.86
C LEU C 215 -25.11 -10.16 48.86
N GLU C 216 -23.94 -9.71 48.39
CA GLU C 216 -22.88 -9.29 49.31
C GLU C 216 -23.26 -8.00 50.04
N SER C 217 -23.88 -7.06 49.33
CA SER C 217 -24.27 -5.77 49.90
C SER C 217 -25.77 -5.60 49.70
N PRO C 218 -26.59 -6.04 50.67
CA PRO C 218 -28.04 -5.87 50.53
C PRO C 218 -28.50 -4.42 50.48
N SER C 219 -27.68 -3.48 50.94
CA SER C 219 -28.06 -2.08 50.93
C SER C 219 -28.20 -1.51 49.52
N ALA C 220 -27.60 -2.17 48.53
CA ALA C 220 -27.66 -1.72 47.14
C ALA C 220 -28.75 -2.46 46.35
N LYS C 221 -29.85 -2.82 47.00
CA LYS C 221 -30.95 -3.53 46.36
C LYS C 221 -32.09 -2.60 45.98
N LEU C 222 -31.81 -1.30 45.80
CA LEU C 222 -32.87 -0.32 45.56
C LEU C 222 -33.59 -0.56 44.23
N LYS C 223 -32.87 -0.40 43.11
CA LYS C 223 -33.52 -0.51 41.80
C LYS C 223 -32.68 -1.26 40.77
N GLU C 224 -31.67 -2.02 41.19
CA GLU C 224 -30.85 -2.76 40.25
C GLU C 224 -31.45 -4.10 39.86
N GLY C 225 -32.62 -4.46 40.41
CA GLY C 225 -33.21 -5.74 40.11
C GLY C 225 -33.77 -5.86 38.71
N VAL C 226 -34.14 -4.73 38.09
CA VAL C 226 -34.72 -4.78 36.75
C VAL C 226 -33.67 -5.17 35.73
N ARG C 227 -32.46 -4.63 35.85
CA ARG C 227 -31.38 -5.03 34.96
C ARG C 227 -31.07 -6.51 35.11
N VAL C 228 -31.04 -7.00 36.34
CA VAL C 228 -30.79 -8.42 36.59
C VAL C 228 -31.87 -9.27 35.96
N GLN C 229 -33.14 -8.87 36.11
CA GLN C 229 -34.24 -9.64 35.54
C GLN C 229 -34.16 -9.68 34.01
N ARG C 230 -33.86 -8.53 33.39
CA ARG C 230 -33.76 -8.50 31.93
C ARG C 230 -32.63 -9.39 31.44
N MET C 231 -31.47 -9.32 32.09
CA MET C 231 -30.34 -10.14 31.67
C MET C 231 -30.63 -11.62 31.88
N LYS C 232 -31.27 -11.96 32.99
CA LYS C 232 -31.64 -13.35 33.25
C LYS C 232 -32.58 -13.87 32.17
N GLU C 233 -33.55 -13.07 31.76
CA GLU C 233 -34.51 -13.56 30.77
C GLU C 233 -33.86 -13.70 29.40
N ALA C 234 -32.93 -12.79 29.06
CA ALA C 234 -32.19 -12.93 27.82
C ALA C 234 -31.39 -14.23 27.80
N ILE C 235 -30.68 -14.52 28.89
CA ILE C 235 -29.93 -15.76 29.00
C ILE C 235 -30.86 -16.96 28.87
N GLN C 236 -32.02 -16.90 29.53
CA GLN C 236 -32.96 -18.01 29.48
C GLN C 236 -33.46 -18.25 28.05
N ALA C 237 -33.77 -17.18 27.32
CA ALA C 237 -34.27 -17.34 25.96
C ALA C 237 -33.21 -17.97 25.05
N ILE C 238 -31.96 -17.48 25.15
CA ILE C 238 -30.90 -18.07 24.32
C ILE C 238 -30.71 -19.54 24.67
N GLN C 239 -30.68 -19.85 25.97
CA GLN C 239 -30.46 -21.22 26.40
C GLN C 239 -31.57 -22.14 25.93
N GLN C 240 -32.82 -21.68 26.00
CA GLN C 240 -33.93 -22.50 25.54
C GLN C 240 -33.86 -22.73 24.05
N ALA C 241 -33.50 -21.70 23.27
CA ALA C 241 -33.37 -21.86 21.83
C ALA C 241 -32.31 -22.90 21.48
N ILE C 242 -31.19 -22.89 22.19
CA ILE C 242 -30.15 -23.89 21.91
C ILE C 242 -30.58 -25.28 22.38
N ASN C 243 -31.26 -25.35 23.52
CA ASN C 243 -31.70 -26.63 24.06
C ASN C 243 -32.65 -27.33 23.10
N CYS C 244 -33.54 -26.55 22.47
CA CYS C 244 -34.57 -27.14 21.59
C CYS C 244 -33.98 -27.98 20.47
N LEU C 245 -32.74 -27.73 20.05
CA LEU C 245 -32.02 -28.64 19.18
C LEU C 245 -31.18 -29.65 19.93
N THR C 246 -30.38 -29.23 20.89
CA THR C 246 -29.35 -30.13 21.40
C THR C 246 -29.92 -31.24 22.28
N GLN C 247 -30.89 -30.92 23.15
CA GLN C 247 -31.18 -31.79 24.30
C GLN C 247 -31.77 -33.13 23.87
N GLN C 248 -32.80 -33.11 23.04
CA GLN C 248 -33.58 -34.32 22.80
C GLN C 248 -32.81 -35.39 22.04
N VAL C 249 -31.82 -34.99 21.23
CA VAL C 249 -31.11 -35.93 20.38
C VAL C 249 -29.70 -36.20 20.90
N THR C 250 -29.02 -35.19 21.44
CA THR C 250 -27.65 -35.40 21.91
C THR C 250 -27.52 -35.41 23.42
N GLY C 251 -28.47 -34.84 24.15
CA GLY C 251 -28.44 -34.82 25.59
C GLY C 251 -27.79 -33.59 26.20
N TRP C 252 -27.01 -32.85 25.42
CA TRP C 252 -26.36 -31.65 25.92
C TRP C 252 -27.37 -30.50 26.01
N HIS C 253 -27.20 -29.65 27.02
CA HIS C 253 -28.10 -28.54 27.22
C HIS C 253 -27.45 -27.50 28.12
N ASP C 254 -28.06 -26.31 28.14
CA ASP C 254 -27.75 -25.27 29.11
C ASP C 254 -26.27 -24.85 29.03
N LEU C 255 -25.94 -24.22 27.91
CA LEU C 255 -24.58 -23.70 27.75
C LEU C 255 -24.32 -22.60 28.77
N GLU C 256 -23.07 -22.50 29.19
CA GLU C 256 -22.69 -21.69 30.34
C GLU C 256 -21.34 -21.04 30.08
N TYR C 257 -21.09 -19.94 30.77
CA TYR C 257 -19.76 -19.34 30.82
C TYR C 257 -19.20 -19.53 32.22
N SER C 258 -17.97 -20.04 32.29
CA SER C 258 -17.32 -20.29 33.58
C SER C 258 -15.82 -20.07 33.42
N ALA C 259 -15.27 -19.19 34.24
CA ALA C 259 -13.84 -18.93 34.22
C ALA C 259 -13.02 -20.07 34.83
N SER C 260 -13.68 -21.04 35.48
CA SER C 260 -12.96 -22.16 36.06
C SER C 260 -12.30 -23.03 35.00
N HIS C 261 -12.73 -22.92 33.75
CA HIS C 261 -12.15 -23.68 32.64
C HIS C 261 -11.38 -22.76 31.69
N ASN C 262 -10.63 -21.82 32.27
CA ASN C 262 -9.83 -20.84 31.54
C ASN C 262 -10.69 -19.89 30.70
N GLN C 263 -11.82 -19.46 31.26
CA GLN C 263 -12.69 -18.46 30.63
C GLN C 263 -13.15 -18.90 29.24
N GLN C 264 -13.90 -20.01 29.23
CA GLN C 264 -14.31 -20.64 27.97
C GLN C 264 -15.74 -21.13 28.11
N LEU C 265 -16.46 -21.15 26.99
CA LEU C 265 -17.83 -21.64 26.97
C LEU C 265 -17.86 -23.13 27.30
N VAL C 266 -18.92 -23.55 28.01
CA VAL C 266 -19.04 -24.92 28.50
C VAL C 266 -20.47 -25.38 28.23
N MET C 267 -20.63 -26.70 28.10
CA MET C 267 -21.94 -27.32 27.96
C MET C 267 -22.05 -28.49 28.91
N SER C 268 -23.28 -28.81 29.31
CA SER C 268 -23.55 -29.78 30.36
C SER C 268 -24.27 -31.01 29.81
N HIS C 269 -23.92 -32.17 30.35
CA HIS C 269 -24.50 -33.46 30.00
C HIS C 269 -24.68 -34.25 31.28
N PRO C 270 -25.84 -34.91 31.45
CA PRO C 270 -26.10 -35.62 32.72
C PRO C 270 -25.08 -36.72 33.02
N GLN C 271 -24.58 -37.42 32.01
CA GLN C 271 -23.70 -38.56 32.24
C GLN C 271 -22.25 -38.30 31.88
N TYR C 272 -21.89 -37.08 31.49
CA TYR C 272 -20.50 -36.76 31.20
C TYR C 272 -20.03 -35.45 31.81
N GLY C 273 -20.91 -34.66 32.42
CA GLY C 273 -20.47 -33.48 33.13
C GLY C 273 -20.43 -32.21 32.29
N LYS C 274 -19.51 -31.31 32.61
CA LYS C 274 -19.39 -30.03 31.94
C LYS C 274 -18.11 -30.00 31.13
N ILE C 275 -18.23 -29.76 29.83
CA ILE C 275 -17.10 -29.83 28.91
C ILE C 275 -17.03 -28.56 28.08
N PRO C 276 -15.83 -28.03 27.80
CA PRO C 276 -15.73 -26.85 26.95
C PRO C 276 -16.28 -27.10 25.56
N LEU C 277 -16.92 -26.07 25.00
CA LEU C 277 -17.59 -26.21 23.70
C LEU C 277 -16.61 -26.49 22.58
N SER C 278 -15.38 -26.00 22.69
CA SER C 278 -14.41 -26.18 21.62
C SER C 278 -13.91 -27.60 21.48
N GLN C 279 -14.44 -28.57 22.23
CA GLN C 279 -13.96 -29.94 22.12
C GLN C 279 -15.08 -30.94 21.89
N LEU C 280 -16.29 -30.48 21.59
CA LEU C 280 -17.40 -31.37 21.32
C LEU C 280 -17.39 -31.80 19.84
N SER C 281 -18.45 -32.48 19.43
CA SER C 281 -18.55 -32.94 18.05
C SER C 281 -18.75 -31.77 17.10
N ASP C 282 -18.59 -32.04 15.80
CA ASP C 282 -18.71 -31.00 14.80
C ASP C 282 -20.16 -30.58 14.60
N GLY C 283 -21.08 -31.55 14.59
CA GLY C 283 -22.48 -31.22 14.37
C GLY C 283 -23.07 -30.38 15.48
N LEU C 284 -22.72 -30.70 16.73
CA LEU C 284 -23.23 -29.92 17.85
C LEU C 284 -22.69 -28.49 17.80
N ARG C 285 -21.42 -28.34 17.44
CA ARG C 285 -20.85 -26.99 17.29
C ARG C 285 -21.56 -26.22 16.19
N ASN C 286 -21.84 -26.88 15.06
CA ASN C 286 -22.56 -26.22 13.97
C ASN C 286 -23.94 -25.76 14.41
N ALA C 287 -24.69 -26.63 15.07
CA ALA C 287 -26.03 -26.27 15.52
C ALA C 287 -25.99 -25.13 16.53
N VAL C 288 -25.03 -25.18 17.45
CA VAL C 288 -24.90 -24.11 18.44
C VAL C 288 -24.61 -22.79 17.74
N ALA C 289 -23.70 -22.80 16.76
CA ALA C 289 -23.37 -21.57 16.05
C ALA C 289 -24.59 -21.00 15.33
N MET C 290 -25.35 -21.87 14.64
CA MET C 290 -26.51 -21.39 13.88
C MET C 290 -27.55 -20.76 14.81
N VAL C 291 -27.95 -21.50 15.84
CA VAL C 291 -29.04 -21.02 16.69
C VAL C 291 -28.59 -19.81 17.50
N ALA C 292 -27.32 -19.78 17.92
CA ALA C 292 -26.80 -18.57 18.54
C ALA C 292 -26.87 -17.38 17.60
N ASP C 293 -26.45 -17.58 16.34
CA ASP C 293 -26.44 -16.49 15.37
C ASP C 293 -27.84 -15.92 15.15
N ILE C 294 -28.85 -16.78 15.13
CA ILE C 294 -30.22 -16.27 15.07
C ILE C 294 -30.59 -15.58 16.38
N ALA C 295 -30.22 -16.19 17.50
CA ALA C 295 -30.81 -15.85 18.79
C ALA C 295 -30.33 -14.51 19.30
N PHE C 296 -29.03 -14.22 19.22
CA PHE C 296 -28.60 -13.01 19.90
C PHE C 296 -29.01 -11.79 19.08
N ARG C 297 -29.13 -11.95 17.76
CA ARG C 297 -29.73 -10.91 16.95
C ARG C 297 -31.19 -10.70 17.30
N CYS C 298 -31.94 -11.80 17.49
CA CYS C 298 -33.33 -11.66 17.89
C CYS C 298 -33.48 -10.96 19.23
N VAL C 299 -32.52 -11.13 20.13
CA VAL C 299 -32.67 -10.54 21.46
C VAL C 299 -32.13 -9.11 21.49
N LYS C 300 -31.10 -8.80 20.69
CA LYS C 300 -30.64 -7.42 20.60
C LYS C 300 -31.62 -6.54 19.84
N LEU C 301 -32.27 -7.08 18.81
CA LEU C 301 -33.20 -6.27 18.03
C LEU C 301 -34.44 -5.88 18.84
N ASN C 302 -34.96 -6.80 19.65
CA ASN C 302 -36.20 -6.57 20.39
C ASN C 302 -36.01 -6.89 21.87
N PRO C 303 -35.26 -6.06 22.61
CA PRO C 303 -35.23 -6.21 24.07
C PRO C 303 -36.57 -5.94 24.73
N HIS C 304 -37.46 -5.21 24.07
CA HIS C 304 -38.71 -4.80 24.71
C HIS C 304 -39.64 -5.97 24.96
N LEU C 305 -39.61 -6.97 24.07
CA LEU C 305 -40.42 -8.17 24.30
C LEU C 305 -40.01 -8.84 25.60
N GLN C 306 -38.70 -8.95 25.82
CA GLN C 306 -38.04 -9.33 27.08
C GLN C 306 -38.55 -10.64 27.65
N ASN C 307 -39.40 -11.36 26.92
CA ASN C 307 -39.73 -12.74 27.25
C ASN C 307 -39.80 -13.66 26.04
N ASP C 308 -40.09 -13.14 24.85
CA ASP C 308 -40.26 -13.93 23.64
C ASP C 308 -39.46 -13.34 22.51
N ALA C 309 -38.21 -12.98 22.78
CA ALA C 309 -37.35 -12.41 21.73
C ALA C 309 -37.15 -13.41 20.60
N ALA C 310 -37.26 -14.71 20.89
CA ALA C 310 -37.16 -15.74 19.88
C ALA C 310 -38.50 -16.27 19.41
N LEU C 311 -39.54 -16.18 20.24
CA LEU C 311 -40.83 -16.75 19.92
C LEU C 311 -41.80 -15.75 19.29
N LYS C 312 -41.37 -14.51 19.08
CA LYS C 312 -42.25 -13.51 18.49
C LYS C 312 -41.57 -12.62 17.45
N THR C 313 -40.28 -12.78 17.20
CA THR C 313 -39.59 -11.99 16.19
C THR C 313 -39.87 -12.55 14.80
N GLN C 314 -40.19 -11.66 13.86
CA GLN C 314 -40.52 -12.05 12.50
C GLN C 314 -39.39 -11.66 11.55
N GLY C 315 -39.25 -12.43 10.48
CA GLY C 315 -38.21 -12.15 9.52
C GLY C 315 -38.01 -13.31 8.56
N ILE C 316 -36.91 -13.23 7.81
CA ILE C 316 -36.55 -14.21 6.79
C ILE C 316 -35.12 -14.65 7.03
N VAL C 317 -34.89 -15.96 7.09
CA VAL C 317 -33.56 -16.52 7.33
C VAL C 317 -33.24 -17.53 6.24
N LEU C 318 -32.02 -17.45 5.72
CA LEU C 318 -31.54 -18.31 4.65
C LEU C 318 -30.44 -19.21 5.19
N ILE C 319 -30.52 -20.50 4.88
CA ILE C 319 -29.53 -21.48 5.32
C ILE C 319 -29.09 -22.32 4.13
N ASP C 320 -27.79 -22.45 3.94
CA ASP C 320 -27.19 -23.31 2.93
C ASP C 320 -26.62 -24.53 3.63
N GLU C 321 -27.04 -25.72 3.18
CA GLU C 321 -26.60 -27.00 3.75
C GLU C 321 -26.95 -27.08 5.24
N VAL C 322 -28.26 -27.09 5.49
CA VAL C 322 -28.75 -27.09 6.87
C VAL C 322 -28.37 -28.36 7.61
N ASP C 323 -28.19 -29.47 6.88
CA ASP C 323 -27.89 -30.77 7.49
C ASP C 323 -26.40 -31.06 7.58
N MET C 324 -25.57 -30.02 7.68
CA MET C 324 -24.13 -30.20 7.70
C MET C 324 -23.70 -30.91 8.99
N PHE C 325 -22.91 -31.98 8.83
CA PHE C 325 -22.24 -32.66 9.94
C PHE C 325 -23.22 -33.27 10.95
N LEU C 326 -24.41 -33.66 10.49
CA LEU C 326 -25.40 -34.29 11.37
C LEU C 326 -25.68 -35.70 10.91
N HIS C 327 -25.98 -36.58 11.87
CA HIS C 327 -26.25 -37.98 11.58
C HIS C 327 -27.74 -38.21 11.33
N PRO C 328 -28.10 -39.34 10.71
CA PRO C 328 -29.49 -39.51 10.25
C PRO C 328 -30.55 -39.37 11.34
N ALA C 329 -30.26 -39.80 12.57
CA ALA C 329 -31.23 -39.61 13.64
C ALA C 329 -31.46 -38.13 13.94
N TRP C 330 -30.44 -37.31 13.71
CA TRP C 330 -30.55 -35.87 13.90
C TRP C 330 -31.14 -35.17 12.68
N GLN C 331 -31.09 -35.79 11.51
CA GLN C 331 -31.63 -35.20 10.30
C GLN C 331 -33.13 -35.42 10.16
N GLN C 332 -33.73 -36.19 11.05
CA GLN C 332 -35.18 -36.33 11.10
C GLN C 332 -35.81 -35.46 12.18
N GLN C 333 -35.03 -34.57 12.80
CA GLN C 333 -35.52 -33.72 13.87
C GLN C 333 -35.04 -32.28 13.76
N ILE C 334 -34.44 -31.88 12.64
CA ILE C 334 -33.85 -30.55 12.56
C ILE C 334 -34.89 -29.51 12.14
N ILE C 335 -35.74 -29.85 11.17
CA ILE C 335 -36.72 -28.90 10.67
C ILE C 335 -37.75 -28.57 11.75
N GLN C 336 -38.27 -29.60 12.42
CA GLN C 336 -39.28 -29.38 13.45
C GLN C 336 -38.71 -28.61 14.62
N SER C 337 -37.47 -28.89 15.00
CA SER C 337 -36.87 -28.18 16.12
C SER C 337 -36.57 -26.73 15.77
N LEU C 338 -36.15 -26.47 14.53
CA LEU C 338 -35.99 -25.07 14.09
C LEU C 338 -37.32 -24.34 14.13
N ARG C 339 -38.39 -24.99 13.68
CA ARG C 339 -39.70 -24.37 13.71
C ARG C 339 -40.15 -24.08 15.15
N SER C 340 -39.90 -25.03 16.05
CA SER C 340 -40.32 -24.85 17.44
C SER C 340 -39.52 -23.76 18.14
N ALA C 341 -38.22 -23.67 17.84
CA ALA C 341 -37.40 -22.64 18.47
C ALA C 341 -37.84 -21.24 18.06
N PHE C 342 -38.15 -21.04 16.78
CA PHE C 342 -38.55 -19.74 16.25
C PHE C 342 -39.81 -19.94 15.42
N PRO C 343 -40.99 -19.78 16.02
CA PRO C 343 -42.23 -20.13 15.32
C PRO C 343 -42.67 -19.11 14.28
N GLN C 344 -42.14 -17.89 14.31
CA GLN C 344 -42.63 -16.84 13.42
C GLN C 344 -41.52 -16.30 12.51
N ILE C 345 -40.72 -17.18 11.94
CA ILE C 345 -39.68 -16.80 10.99
C ILE C 345 -39.80 -17.65 9.75
N GLN C 346 -39.74 -17.00 8.59
CA GLN C 346 -39.73 -17.70 7.32
C GLN C 346 -38.31 -18.22 7.06
N PHE C 347 -38.22 -19.44 6.54
CA PHE C 347 -36.96 -20.12 6.34
C PHE C 347 -36.83 -20.55 4.89
N ILE C 348 -35.68 -20.26 4.28
CA ILE C 348 -35.32 -20.80 2.98
C ILE C 348 -34.03 -21.58 3.16
N VAL C 349 -34.11 -22.90 3.04
CA VAL C 349 -32.99 -23.78 3.35
C VAL C 349 -32.70 -24.66 2.14
N THR C 350 -31.42 -24.99 1.96
CA THR C 350 -30.98 -25.87 0.89
C THR C 350 -30.32 -27.12 1.49
N THR C 351 -30.60 -28.28 0.91
CA THR C 351 -30.09 -29.53 1.45
C THR C 351 -30.04 -30.60 0.37
N HIS C 352 -29.32 -31.69 0.68
CA HIS C 352 -29.18 -32.87 -0.17
C HIS C 352 -29.87 -34.10 0.38
N SER C 353 -29.84 -34.29 1.70
CA SER C 353 -30.12 -35.60 2.27
C SER C 353 -31.58 -36.00 2.04
N PRO C 354 -31.85 -37.26 1.71
CA PRO C 354 -33.23 -37.72 1.60
C PRO C 354 -33.93 -37.91 2.94
N GLN C 355 -33.20 -37.85 4.05
CA GLN C 355 -33.83 -38.01 5.36
C GLN C 355 -34.60 -36.75 5.75
N VAL C 356 -34.04 -35.58 5.49
CA VAL C 356 -34.73 -34.33 5.79
C VAL C 356 -35.99 -34.20 4.96
N LEU C 357 -35.93 -34.59 3.68
CA LEU C 357 -37.06 -34.46 2.78
C LEU C 357 -38.27 -35.26 3.23
N SER C 358 -38.07 -36.25 4.10
CA SER C 358 -39.18 -37.06 4.59
C SER C 358 -39.85 -36.47 5.83
N THR C 359 -39.30 -35.40 6.40
CA THR C 359 -39.89 -34.77 7.57
C THR C 359 -40.75 -33.56 7.23
N VAL C 360 -40.93 -33.26 5.95
CA VAL C 360 -41.73 -32.11 5.52
C VAL C 360 -42.76 -32.57 4.51
N LYS C 361 -43.79 -31.76 4.34
CA LYS C 361 -44.88 -32.09 3.43
C LYS C 361 -44.43 -31.95 1.99
N ARG C 362 -45.31 -32.34 1.07
CA ARG C 362 -45.03 -32.27 -0.35
C ARG C 362 -45.12 -30.85 -0.89
N GLU C 363 -45.71 -29.92 -0.14
CA GLU C 363 -45.89 -28.54 -0.59
C GLU C 363 -44.71 -27.64 -0.27
N SER C 364 -43.69 -28.14 0.42
CA SER C 364 -42.53 -27.34 0.80
C SER C 364 -41.25 -27.81 0.11
N ILE C 365 -41.37 -28.49 -1.03
CA ILE C 365 -40.22 -29.02 -1.76
C ILE C 365 -40.22 -28.42 -3.16
N ARG C 366 -39.06 -27.91 -3.57
CA ARG C 366 -38.88 -27.34 -4.90
C ARG C 366 -37.70 -28.02 -5.57
N LEU C 367 -37.93 -28.59 -6.75
CA LEU C 367 -36.88 -29.25 -7.53
C LEU C 367 -36.56 -28.37 -8.73
N LEU C 368 -35.31 -27.91 -8.81
CA LEU C 368 -34.85 -27.03 -9.88
C LEU C 368 -34.19 -27.85 -10.96
N GLU C 369 -34.64 -27.67 -12.20
CA GLU C 369 -34.03 -28.35 -13.34
C GLU C 369 -33.76 -27.33 -14.44
N GLN C 370 -32.71 -27.57 -15.21
CA GLN C 370 -32.32 -26.71 -16.32
C GLN C 370 -32.39 -27.48 -17.63
N ASP C 371 -32.71 -26.77 -18.70
CA ASP C 371 -32.69 -27.33 -20.04
C ASP C 371 -31.31 -27.14 -20.65
N GLU C 372 -31.16 -27.48 -21.93
CA GLU C 372 -29.89 -27.26 -22.60
C GLU C 372 -29.62 -25.79 -22.86
N ASN C 373 -30.69 -25.00 -23.08
CA ASN C 373 -30.56 -23.58 -23.36
C ASN C 373 -30.57 -22.72 -22.11
N GLY C 374 -30.71 -23.32 -20.93
CA GLY C 374 -30.67 -22.59 -19.68
C GLY C 374 -32.03 -22.33 -19.04
N ASN C 375 -33.11 -22.63 -19.74
CA ASN C 375 -34.44 -22.46 -19.14
C ASN C 375 -34.59 -23.34 -17.92
N GLY C 376 -35.09 -22.76 -16.83
CA GLY C 376 -35.18 -23.46 -15.56
C GLY C 376 -36.63 -23.61 -15.12
N LYS C 377 -36.90 -24.72 -14.44
CA LYS C 377 -38.22 -24.98 -13.89
C LYS C 377 -38.10 -25.47 -12.46
N ALA C 378 -38.99 -24.99 -11.60
CA ALA C 378 -39.03 -25.35 -10.18
C ALA C 378 -40.31 -26.14 -9.95
N LEU C 379 -40.19 -27.46 -10.05
CA LEU C 379 -41.34 -28.35 -9.92
C LEU C 379 -41.55 -28.77 -8.47
N MET C 380 -42.73 -29.36 -8.23
CA MET C 380 -43.11 -29.99 -6.97
C MET C 380 -43.28 -31.49 -7.18
N PRO C 381 -42.85 -32.30 -6.22
CA PRO C 381 -42.97 -33.75 -6.38
C PRO C 381 -44.41 -34.21 -6.39
N LEU C 382 -44.64 -35.35 -7.04
CA LEU C 382 -45.96 -35.95 -7.10
C LEU C 382 -46.24 -36.89 -5.94
N GLY C 383 -45.25 -37.70 -5.55
CA GLY C 383 -45.40 -38.61 -4.44
C GLY C 383 -45.13 -37.95 -3.11
N ALA C 384 -45.32 -38.72 -2.05
CA ALA C 384 -45.09 -38.24 -0.69
C ALA C 384 -43.62 -38.34 -0.31
N MET D 1 4.93 -49.68 5.14
CA MET D 1 4.38 -48.91 6.24
C MET D 1 2.92 -49.27 6.48
N ARG D 2 2.63 -49.86 7.64
CA ARG D 2 1.28 -50.30 7.96
C ARG D 2 1.04 -50.13 9.45
N ILE D 3 -0.24 -50.15 9.82
CA ILE D 3 -0.67 -50.19 11.21
C ILE D 3 -1.65 -51.35 11.37
N ASP D 4 -1.44 -52.16 12.40
CA ASP D 4 -2.27 -53.34 12.61
C ASP D 4 -3.06 -53.33 13.91
N LYS D 5 -2.79 -52.40 14.84
CA LYS D 5 -3.47 -52.40 16.12
C LYS D 5 -3.20 -51.08 16.82
N LEU D 6 -4.23 -50.54 17.47
CA LEU D 6 -4.10 -49.34 18.29
C LEU D 6 -4.87 -49.53 19.57
N SER D 7 -4.31 -49.02 20.68
CA SER D 7 -4.92 -49.17 21.98
C SER D 7 -4.84 -47.87 22.76
N LEU D 8 -5.91 -47.55 23.48
CA LEU D 8 -6.00 -46.37 24.33
C LEU D 8 -6.58 -46.76 25.68
N LEU D 9 -6.13 -46.09 26.74
CA LEU D 9 -6.62 -46.37 28.07
C LEU D 9 -7.12 -45.15 28.82
N ASN D 10 -6.59 -43.98 28.54
CA ASN D 10 -7.05 -42.77 29.21
C ASN D 10 -7.17 -41.60 28.24
N PHE D 11 -7.72 -41.86 27.05
CA PHE D 11 -7.86 -40.82 26.06
C PHE D 11 -9.07 -39.93 26.40
N ARG D 12 -9.35 -38.97 25.51
CA ARG D 12 -10.31 -37.92 25.84
C ARG D 12 -11.73 -38.47 25.96
N CYS D 13 -11.97 -39.68 25.46
CA CYS D 13 -13.31 -40.25 25.52
C CYS D 13 -13.34 -41.71 25.96
N PHE D 14 -12.25 -42.44 25.83
CA PHE D 14 -12.24 -43.89 26.06
C PHE D 14 -11.37 -44.24 27.26
N LYS D 15 -11.90 -45.11 28.11
CA LYS D 15 -11.11 -45.68 29.20
C LYS D 15 -10.45 -46.99 28.80
N GLN D 16 -10.97 -47.67 27.77
CA GLN D 16 -10.35 -48.90 27.28
C GLN D 16 -10.83 -49.12 25.86
N LEU D 17 -9.94 -48.88 24.89
CA LEU D 17 -10.28 -49.15 23.50
C LEU D 17 -9.13 -49.92 22.85
N ASP D 18 -9.48 -50.99 22.14
CA ASP D 18 -8.53 -51.75 21.33
C ASP D 18 -9.13 -51.98 19.95
N ILE D 19 -8.49 -51.41 18.92
CA ILE D 19 -9.03 -51.44 17.56
C ILE D 19 -7.97 -52.05 16.65
N THR D 20 -8.40 -52.97 15.79
CA THR D 20 -7.54 -53.60 14.80
C THR D 20 -7.93 -53.12 13.41
N PHE D 21 -6.94 -52.70 12.65
CA PHE D 21 -7.17 -52.15 11.31
C PHE D 21 -7.09 -53.26 10.27
N ASP D 22 -7.36 -52.90 9.02
CA ASP D 22 -7.36 -53.84 7.91
C ASP D 22 -6.20 -53.53 6.98
N GLU D 23 -5.98 -54.44 6.02
CA GLU D 23 -4.86 -54.31 5.10
C GLU D 23 -4.98 -53.06 4.25
N HIS D 24 -6.17 -52.81 3.71
CA HIS D 24 -6.37 -51.75 2.72
C HIS D 24 -7.34 -50.68 3.17
N ILE D 25 -8.54 -51.05 3.58
CA ILE D 25 -9.63 -50.10 3.83
C ILE D 25 -10.24 -50.39 5.19
N THR D 26 -10.63 -49.31 5.89
CA THR D 26 -11.35 -49.44 7.14
C THR D 26 -12.22 -48.21 7.35
N ILE D 27 -13.45 -48.43 7.80
CA ILE D 27 -14.43 -47.36 8.00
C ILE D 27 -14.92 -47.44 9.44
N LEU D 28 -14.90 -46.30 10.12
CA LEU D 28 -15.47 -46.17 11.46
C LEU D 28 -16.85 -45.53 11.32
N VAL D 29 -17.88 -46.24 11.75
CA VAL D 29 -19.26 -45.89 11.41
C VAL D 29 -20.01 -45.54 12.70
N ALA D 30 -19.31 -44.90 13.64
CA ALA D 30 -19.99 -44.39 14.82
C ALA D 30 -20.92 -43.24 14.43
N PRO D 31 -22.09 -43.15 15.07
CA PRO D 31 -23.08 -42.14 14.64
C PRO D 31 -22.63 -40.70 14.82
N ASN D 32 -22.36 -40.28 16.06
CA ASN D 32 -21.98 -38.91 16.35
C ASN D 32 -21.61 -38.81 17.82
N GLY D 33 -20.57 -38.04 18.12
CA GLY D 33 -20.11 -37.90 19.49
C GLY D 33 -19.69 -39.21 20.12
N ALA D 34 -19.10 -40.11 19.34
CA ALA D 34 -18.72 -41.42 19.83
C ALA D 34 -17.22 -41.70 19.66
N GLY D 35 -16.45 -40.73 19.17
CA GLY D 35 -15.01 -40.90 19.12
C GLY D 35 -14.47 -41.39 17.79
N LYS D 36 -14.83 -40.75 16.69
CA LYS D 36 -14.24 -41.03 15.39
C LYS D 36 -13.04 -40.15 15.10
N THR D 37 -13.12 -38.86 15.41
CA THR D 37 -11.97 -37.98 15.24
C THR D 37 -10.87 -38.33 16.23
N THR D 38 -11.23 -38.85 17.41
CA THR D 38 -10.23 -39.22 18.40
C THR D 38 -9.33 -40.33 17.89
N VAL D 39 -9.90 -41.32 17.21
CA VAL D 39 -9.10 -42.44 16.72
C VAL D 39 -8.14 -41.97 15.64
N LEU D 40 -8.62 -41.15 14.70
CA LEU D 40 -7.74 -40.62 13.66
C LEU D 40 -6.65 -39.74 14.26
N ASP D 41 -6.99 -38.94 15.26
CA ASP D 41 -6.00 -38.10 15.92
C ASP D 41 -4.96 -38.94 16.65
N ALA D 42 -5.38 -40.04 17.27
CA ALA D 42 -4.43 -40.95 17.90
C ALA D 42 -3.48 -41.55 16.87
N VAL D 43 -4.02 -41.97 15.73
CA VAL D 43 -3.16 -42.50 14.66
C VAL D 43 -2.19 -41.44 14.19
N ARG D 44 -2.67 -40.20 14.05
CA ARG D 44 -1.81 -39.11 13.60
C ARG D 44 -0.69 -38.85 14.59
N LEU D 45 -0.99 -38.85 15.89
CA LEU D 45 0.04 -38.65 16.90
C LEU D 45 1.03 -39.80 16.88
N ALA D 46 0.56 -41.03 16.70
CA ALA D 46 1.45 -42.18 16.61
C ALA D 46 2.36 -42.09 15.41
N LEU D 47 1.88 -41.52 14.30
CA LEU D 47 2.68 -41.37 13.11
C LEU D 47 3.53 -40.10 13.09
N PHE D 48 3.30 -39.20 14.04
CA PHE D 48 4.13 -38.00 14.13
C PHE D 48 5.64 -38.25 14.22
N PRO D 49 6.14 -39.22 15.01
CA PRO D 49 7.60 -39.34 15.15
C PRO D 49 8.35 -39.54 13.84
N PHE D 50 7.79 -40.29 12.89
CA PHE D 50 8.50 -40.52 11.63
C PHE D 50 8.71 -39.22 10.88
N ILE D 51 7.67 -38.37 10.83
CA ILE D 51 7.79 -37.06 10.19
C ILE D 51 8.56 -36.07 11.04
N ARG D 52 8.73 -36.37 12.34
CA ARG D 52 9.34 -35.41 13.25
C ARG D 52 10.76 -35.06 12.82
N GLY D 53 11.54 -36.06 12.42
CA GLY D 53 12.90 -35.80 11.99
C GLY D 53 12.99 -35.49 10.51
N PHE D 54 12.98 -34.20 10.18
CA PHE D 54 13.08 -33.75 8.80
C PHE D 54 13.48 -32.27 8.82
N ASP D 55 14.28 -31.87 7.84
CA ASP D 55 14.80 -30.51 7.82
C ASP D 55 13.69 -29.48 7.65
N ALA D 56 12.71 -29.76 6.81
CA ALA D 56 11.62 -28.81 6.55
C ALA D 56 10.62 -28.72 7.69
N SER D 57 10.70 -29.61 8.68
CA SER D 57 9.73 -29.62 9.77
C SER D 57 9.77 -28.33 10.59
N LEU D 58 10.87 -27.58 10.54
CA LEU D 58 10.96 -26.32 11.25
C LEU D 58 10.30 -25.17 10.50
N TYR D 59 9.84 -25.39 9.26
CA TYR D 59 9.22 -24.34 8.47
C TYR D 59 7.73 -24.18 8.73
N VAL D 60 7.15 -25.00 9.61
CA VAL D 60 5.73 -24.93 9.94
C VAL D 60 5.61 -24.39 11.36
N LYS D 61 4.60 -23.55 11.58
CA LYS D 61 4.37 -22.93 12.89
C LYS D 61 3.34 -23.68 13.72
N ASP D 62 2.85 -24.83 13.25
CA ASP D 62 1.87 -25.58 14.01
C ASP D 62 2.46 -26.08 15.31
N LYS D 63 1.63 -26.11 16.35
CA LYS D 63 2.06 -26.48 17.69
C LYS D 63 1.16 -27.49 18.37
N SER D 64 0.22 -28.09 17.64
CA SER D 64 -0.75 -29.02 18.21
C SER D 64 -0.52 -30.45 17.73
N LEU D 65 0.76 -30.83 17.58
CA LEU D 65 1.12 -32.16 17.14
C LEU D 65 1.60 -33.04 18.30
N ALA D 66 1.37 -32.63 19.54
CA ALA D 66 1.70 -33.42 20.72
C ALA D 66 0.53 -33.38 21.69
N ILE D 67 0.47 -34.39 22.56
CA ILE D 67 -0.64 -34.47 23.50
C ILE D 67 -0.61 -33.27 24.45
N ARG D 68 -1.77 -32.64 24.63
CA ARG D 68 -1.89 -31.45 25.45
C ARG D 68 -2.78 -31.73 26.65
N THR D 69 -2.87 -30.75 27.54
CA THR D 69 -3.63 -30.93 28.78
C THR D 69 -5.10 -31.16 28.50
N GLU D 70 -5.65 -30.51 27.48
CA GLU D 70 -7.07 -30.68 27.15
C GLU D 70 -7.38 -32.12 26.77
N ASP D 71 -6.40 -32.85 26.26
CA ASP D 71 -6.60 -34.23 25.87
C ASP D 71 -6.83 -35.16 27.06
N LEU D 72 -6.45 -34.71 28.26
CA LEU D 72 -6.55 -35.58 29.44
C LEU D 72 -8.01 -35.90 29.75
N ARG D 73 -8.25 -37.15 30.12
CA ARG D 73 -9.62 -37.63 30.33
C ARG D 73 -10.22 -37.01 31.59
N LEU D 74 -11.52 -36.70 31.51
CA LEU D 74 -12.27 -36.17 32.64
C LEU D 74 -13.37 -37.15 33.03
N ILE D 75 -13.55 -37.35 34.33
CA ILE D 75 -14.58 -38.23 34.86
C ILE D 75 -15.46 -37.44 35.82
N TYR D 76 -16.76 -37.64 35.71
CA TYR D 76 -17.71 -36.91 36.54
C TYR D 76 -17.70 -37.43 37.97
N ARG D 77 -18.03 -36.55 38.91
CA ARG D 77 -18.17 -36.91 40.32
C ARG D 77 -19.34 -36.12 40.88
N GLN D 78 -20.51 -36.78 40.98
CA GLN D 78 -21.67 -36.13 41.57
C GLN D 78 -21.44 -35.83 43.05
N GLU D 79 -20.84 -36.78 43.78
CA GLU D 79 -20.56 -36.55 45.19
C GLU D 79 -19.58 -35.40 45.38
N ALA D 80 -18.53 -35.36 44.55
CA ALA D 80 -17.60 -34.24 44.58
C ALA D 80 -18.09 -33.06 43.74
N LEU D 81 -19.20 -33.23 43.01
CA LEU D 81 -19.86 -32.19 42.24
C LEU D 81 -18.99 -31.58 41.15
N ASN D 82 -17.99 -32.30 40.65
CA ASN D 82 -17.08 -31.72 39.66
C ASN D 82 -16.39 -32.84 38.89
N MET D 83 -15.49 -32.45 37.99
CA MET D 83 -14.77 -33.37 37.14
C MET D 83 -13.37 -33.61 37.69
N GLU D 84 -12.87 -34.83 37.45
CA GLU D 84 -11.54 -35.23 37.91
C GLU D 84 -10.72 -35.67 36.72
N MET D 85 -9.45 -35.26 36.69
CA MET D 85 -8.54 -35.58 35.58
C MET D 85 -7.95 -36.96 35.81
N SER D 86 -8.32 -37.92 34.96
CA SER D 86 -7.69 -39.23 35.01
C SER D 86 -6.31 -39.17 34.37
N SER D 87 -5.50 -40.18 34.66
CA SER D 87 -4.14 -40.26 34.17
C SER D 87 -3.64 -41.70 34.35
N PRO D 88 -2.72 -42.19 33.50
CA PRO D 88 -2.04 -41.54 32.38
C PRO D 88 -2.64 -41.83 31.01
N ALA D 89 -2.69 -40.83 30.13
CA ALA D 89 -3.19 -41.04 28.78
C ALA D 89 -2.17 -41.83 27.96
N LYS D 90 -2.57 -43.00 27.50
CA LYS D 90 -1.67 -43.95 26.85
C LYS D 90 -2.14 -44.23 25.43
N ILE D 91 -1.21 -44.24 24.48
CA ILE D 91 -1.48 -44.60 23.10
C ILE D 91 -0.48 -45.65 22.68
N THR D 92 -0.95 -46.85 22.34
CA THR D 92 -0.10 -47.92 21.86
C THR D 92 -0.38 -48.18 20.40
N ALA D 93 0.67 -48.20 19.58
CA ALA D 93 0.55 -48.52 18.17
C ALA D 93 1.47 -49.69 17.84
N THR D 94 0.93 -50.66 17.11
CA THR D 94 1.66 -51.86 16.71
C THR D 94 1.51 -51.99 15.20
N GLY D 95 2.57 -51.65 14.46
CA GLY D 95 2.49 -51.66 13.03
C GLY D 95 3.60 -52.43 12.33
N GLU D 96 3.23 -53.20 11.32
CA GLU D 96 4.21 -53.82 10.44
C GLU D 96 5.01 -52.74 9.72
N TRP D 97 6.31 -52.99 9.56
CA TRP D 97 7.22 -52.00 9.02
C TRP D 97 8.01 -52.61 7.87
N ALA D 98 8.35 -51.77 6.90
CA ALA D 98 9.14 -52.17 5.73
C ALA D 98 8.51 -53.34 4.98
N SER D 99 7.21 -53.56 5.18
CA SER D 99 6.46 -54.66 4.56
C SER D 99 7.16 -56.00 4.83
N GLY D 100 7.22 -56.34 6.12
CA GLY D 100 7.84 -57.58 6.54
C GLY D 100 8.52 -57.53 7.90
N LYS D 101 8.81 -56.34 8.41
CA LYS D 101 9.36 -56.20 9.75
C LYS D 101 8.23 -55.91 10.73
N THR D 102 8.58 -55.74 12.00
CA THR D 102 7.59 -55.50 13.05
C THR D 102 8.20 -54.58 14.10
N ALA D 103 7.33 -53.82 14.77
CA ALA D 103 7.72 -52.93 15.85
C ALA D 103 6.47 -52.61 16.66
N THR D 104 6.67 -51.93 17.79
CA THR D 104 5.57 -51.50 18.65
C THR D 104 6.02 -50.33 19.51
N TRP D 105 5.22 -49.28 19.59
CA TRP D 105 5.64 -48.06 20.27
C TRP D 105 4.46 -47.46 21.04
N MET D 106 4.81 -46.57 21.98
CA MET D 106 3.83 -46.02 22.91
C MET D 106 4.10 -44.54 23.14
N LEU D 107 3.02 -43.79 23.39
CA LEU D 107 3.06 -42.39 23.79
C LEU D 107 2.29 -42.25 25.09
N ASP D 108 2.81 -41.42 26.00
CA ASP D 108 2.24 -41.32 27.34
C ASP D 108 2.16 -39.85 27.76
N LYS D 109 1.26 -39.59 28.70
CA LYS D 109 1.07 -38.28 29.30
C LYS D 109 0.69 -38.45 30.77
N ARG D 110 1.19 -37.54 31.61
CA ARG D 110 0.97 -37.63 33.04
C ARG D 110 0.71 -36.23 33.59
N GLY D 111 -0.56 -35.90 33.80
CA GLY D 111 -0.91 -34.62 34.40
C GLY D 111 -0.38 -33.46 33.58
N GLU D 112 0.32 -32.54 34.25
CA GLU D 112 0.95 -31.42 33.59
C GLU D 112 2.39 -31.71 33.15
N GLN D 113 2.88 -32.92 33.40
CA GLN D 113 4.23 -33.27 32.98
C GLN D 113 4.26 -33.44 31.47
N PRO D 114 5.30 -32.98 30.78
CA PRO D 114 5.33 -33.10 29.33
C PRO D 114 5.32 -34.55 28.90
N PRO D 115 4.73 -34.84 27.74
CA PRO D 115 4.61 -36.25 27.32
C PRO D 115 5.96 -36.87 27.02
N HIS D 116 6.04 -38.19 27.24
CA HIS D 116 7.23 -38.98 27.02
C HIS D 116 7.11 -39.74 25.70
N GLU D 117 8.09 -40.62 25.46
CA GLU D 117 8.12 -41.44 24.26
C GLU D 117 9.08 -42.59 24.47
N ASP D 118 8.65 -43.79 24.07
CA ASP D 118 9.50 -44.96 24.16
C ASP D 118 10.66 -44.86 23.18
N LYS D 119 11.74 -45.56 23.48
CA LYS D 119 12.94 -45.51 22.64
C LYS D 119 12.68 -46.03 21.24
N MET D 120 11.64 -46.83 21.04
CA MET D 120 11.28 -47.26 19.69
C MET D 120 10.82 -46.08 18.85
N ALA D 121 10.20 -45.08 19.47
CA ALA D 121 9.88 -43.85 18.77
C ALA D 121 11.14 -43.13 18.31
N ALA D 122 12.17 -43.13 19.16
CA ALA D 122 13.46 -42.59 18.74
C ALA D 122 14.05 -43.40 17.59
N GLN D 123 13.81 -44.71 17.60
CA GLN D 123 14.25 -45.54 16.47
C GLN D 123 13.54 -45.15 15.18
N LEU D 124 12.24 -44.85 15.27
CA LEU D 124 11.49 -44.40 14.10
C LEU D 124 12.02 -43.06 13.60
N THR D 125 12.31 -42.14 14.51
CA THR D 125 12.90 -40.86 14.11
C THR D 125 14.26 -41.07 13.46
N ARG D 126 15.04 -42.01 13.97
CA ARG D 126 16.33 -42.33 13.36
C ARG D 126 16.14 -42.91 11.97
N TRP D 127 15.11 -43.73 11.78
CA TRP D 127 14.83 -44.26 10.45
C TRP D 127 14.48 -43.13 9.48
N GLY D 128 13.68 -42.17 9.94
CA GLY D 128 13.37 -41.02 9.10
C GLY D 128 14.61 -40.20 8.75
N GLU D 129 15.49 -39.98 9.73
CA GLU D 129 16.73 -39.27 9.46
C GLU D 129 17.61 -40.04 8.48
N GLN D 130 17.66 -41.36 8.63
CA GLN D 130 18.43 -42.18 7.69
C GLN D 130 17.88 -42.06 6.28
N LEU D 131 16.55 -42.09 6.15
CA LEU D 131 15.95 -41.96 4.82
C LEU D 131 16.25 -40.60 4.20
N GLN D 132 16.15 -39.52 4.99
CA GLN D 132 16.40 -38.20 4.42
C GLN D 132 17.87 -38.04 4.04
N LYS D 133 18.79 -38.58 4.85
CA LYS D 133 20.20 -38.47 4.51
C LYS D 133 20.55 -39.36 3.31
N ARG D 134 19.83 -40.47 3.13
CA ARG D 134 20.09 -41.34 2.00
C ARG D 134 19.56 -40.73 0.70
N VAL D 135 18.41 -40.05 0.76
CA VAL D 135 17.89 -39.40 -0.44
C VAL D 135 18.56 -38.05 -0.72
N ARG D 136 19.22 -37.47 0.28
CA ARG D 136 19.83 -36.15 0.08
C ARG D 136 21.00 -36.21 -0.89
N GLU D 137 21.79 -37.28 -0.83
CA GLU D 137 22.96 -37.38 -1.69
C GLU D 137 22.55 -37.60 -3.15
N GLU D 138 23.51 -37.40 -4.05
CA GLU D 138 23.29 -37.52 -5.49
C GLU D 138 24.27 -38.52 -6.08
N HIS D 139 24.14 -38.74 -7.39
CA HIS D 139 24.96 -39.64 -8.18
C HIS D 139 24.84 -41.10 -7.76
N SER D 140 23.85 -41.44 -6.95
CA SER D 140 23.67 -42.83 -6.52
C SER D 140 22.84 -43.60 -7.54
N LEU D 141 23.17 -44.88 -7.71
CA LEU D 141 22.52 -45.74 -8.69
C LEU D 141 21.44 -46.63 -8.09
N GLN D 142 21.17 -46.50 -6.79
CA GLN D 142 20.13 -47.30 -6.15
C GLN D 142 18.88 -46.46 -5.94
N GLN D 143 17.72 -47.11 -6.04
CA GLN D 143 16.44 -46.41 -5.98
C GLN D 143 15.87 -46.49 -4.57
N VAL D 144 15.41 -45.33 -4.07
CA VAL D 144 14.84 -45.21 -2.74
C VAL D 144 13.35 -44.91 -2.87
N GLU D 145 12.54 -45.68 -2.17
CA GLU D 145 11.09 -45.52 -2.17
C GLU D 145 10.65 -44.91 -0.85
N LEU D 146 9.86 -43.85 -0.93
CA LEU D 146 9.39 -43.17 0.26
C LEU D 146 7.89 -43.41 0.47
N PRO D 147 7.42 -43.42 1.71
CA PRO D 147 6.00 -43.64 1.97
C PRO D 147 5.21 -42.33 1.93
N LEU D 148 3.89 -42.48 1.92
CA LEU D 148 2.98 -41.34 1.87
C LEU D 148 2.31 -41.18 3.24
N MET D 149 2.49 -40.02 3.85
CA MET D 149 1.83 -39.66 5.10
C MET D 149 0.97 -38.44 4.84
N LEU D 150 -0.34 -38.60 5.00
CA LEU D 150 -1.28 -37.54 4.66
C LEU D 150 -2.50 -37.61 5.57
N TYR D 151 -2.94 -36.45 6.04
CA TYR D 151 -4.12 -36.33 6.89
C TYR D 151 -5.04 -35.28 6.30
N LEU D 152 -6.22 -35.69 5.85
CA LEU D 152 -7.22 -34.79 5.30
C LEU D 152 -8.37 -34.70 6.30
N GLY D 153 -8.48 -33.55 6.95
CA GLY D 153 -9.45 -33.34 8.00
C GLY D 153 -10.72 -32.68 7.52
N THR D 154 -11.45 -32.12 8.48
CA THR D 154 -12.68 -31.38 8.19
C THR D 154 -12.42 -29.90 7.93
N ALA D 155 -11.17 -29.45 8.04
CA ALA D 155 -10.79 -28.07 7.76
C ALA D 155 -9.90 -27.98 6.53
N ARG D 156 -10.16 -28.82 5.53
CA ARG D 156 -9.32 -28.86 4.34
C ARG D 156 -9.77 -27.89 3.25
N LEU D 157 -11.04 -27.51 3.21
CA LEU D 157 -11.53 -26.61 2.18
C LEU D 157 -11.23 -25.15 2.48
N TRP D 158 -10.68 -24.85 3.66
CA TRP D 158 -10.39 -23.46 4.01
C TRP D 158 -9.32 -22.90 3.09
N TYR D 159 -9.55 -21.68 2.62
CA TYR D 159 -8.64 -21.05 1.68
C TYR D 159 -7.65 -20.13 2.40
N LEU D 172 11.52 -30.23 -12.48
CA LEU D 172 10.92 -31.33 -11.73
C LEU D 172 11.81 -32.57 -11.77
N ASP D 173 13.10 -32.37 -11.51
CA ASP D 173 14.07 -33.46 -11.53
C ASP D 173 14.01 -34.22 -10.20
N ASN D 174 15.02 -35.04 -9.95
CA ASN D 174 15.11 -35.84 -8.73
C ASN D 174 15.77 -35.09 -7.59
N SER D 175 15.72 -33.76 -7.61
CA SER D 175 16.34 -32.97 -6.55
C SER D 175 15.70 -33.29 -5.21
N ALA D 176 16.51 -33.20 -4.15
CA ALA D 176 16.01 -33.50 -2.81
C ALA D 176 14.89 -32.54 -2.41
N PHE D 177 14.95 -31.29 -2.86
CA PHE D 177 13.89 -30.34 -2.56
C PHE D 177 12.55 -30.79 -3.13
N SER D 178 12.56 -31.28 -4.37
CA SER D 178 11.32 -31.71 -5.02
C SER D 178 10.70 -32.89 -4.28
N ARG D 179 11.51 -33.89 -3.90
CA ARG D 179 10.97 -35.06 -3.25
C ARG D 179 10.56 -34.77 -1.80
N LEU D 180 11.29 -33.88 -1.13
CA LEU D 180 10.94 -33.53 0.24
C LEU D 180 9.79 -32.53 0.32
N SER D 181 9.43 -31.89 -0.79
CA SER D 181 8.25 -31.04 -0.79
C SER D 181 6.97 -31.84 -0.65
N GLY D 182 7.02 -33.16 -0.86
CA GLY D 182 5.83 -33.98 -0.69
C GLY D 182 5.33 -33.98 0.75
N TYR D 183 6.26 -33.99 1.71
CA TYR D 183 5.92 -33.95 3.12
C TYR D 183 5.71 -32.54 3.65
N ASP D 184 5.46 -31.57 2.77
CA ASP D 184 5.17 -30.21 3.21
C ASP D 184 3.69 -30.12 3.57
N ASP D 185 3.41 -29.72 4.81
CA ASP D 185 2.05 -29.67 5.34
C ASP D 185 1.36 -31.02 5.19
N CYS D 186 2.10 -32.08 5.53
CA CYS D 186 1.61 -33.43 5.35
C CYS D 186 0.57 -33.85 6.38
N LEU D 187 0.35 -33.04 7.43
CA LEU D 187 -0.66 -33.36 8.43
C LEU D 187 -1.70 -32.26 8.61
N SER D 188 -1.63 -31.19 7.83
CA SER D 188 -2.62 -30.12 7.86
C SER D 188 -2.98 -29.73 6.43
N ALA D 189 -3.25 -30.73 5.60
CA ALA D 189 -3.40 -30.50 4.16
C ALA D 189 -4.68 -29.75 3.83
N THR D 190 -4.64 -29.01 2.72
CA THR D 190 -5.79 -28.30 2.18
C THR D 190 -6.00 -28.75 0.73
N SER D 191 -7.26 -28.93 0.35
CA SER D 191 -7.60 -29.46 -0.97
C SER D 191 -8.73 -28.65 -1.60
N ASN D 192 -8.59 -27.33 -1.62
CA ASN D 192 -9.56 -26.50 -2.32
C ASN D 192 -9.35 -26.59 -3.82
N TYR D 193 -10.28 -26.00 -4.56
CA TYR D 193 -10.26 -26.09 -6.02
C TYR D 193 -9.44 -24.99 -6.68
N LYS D 194 -9.28 -23.84 -6.04
CA LYS D 194 -8.54 -22.74 -6.64
C LYS D 194 -7.07 -23.09 -6.86
N GLN D 195 -6.42 -23.60 -5.81
CA GLN D 195 -5.01 -23.97 -5.93
C GLN D 195 -4.82 -25.09 -6.95
N PHE D 196 -5.71 -26.07 -6.94
CA PHE D 196 -5.65 -27.17 -7.90
C PHE D 196 -5.72 -26.64 -9.33
N GLU D 197 -6.69 -25.75 -9.59
CA GLU D 197 -6.82 -25.19 -10.92
C GLU D 197 -5.56 -24.43 -11.31
N GLN D 198 -5.01 -23.65 -10.37
CA GLN D 198 -3.83 -22.84 -10.67
C GLN D 198 -2.65 -23.71 -11.09
N TRP D 199 -2.29 -24.71 -10.28
CA TRP D 199 -1.09 -25.45 -10.63
C TRP D 199 -1.31 -26.40 -11.80
N TYR D 200 -2.53 -26.96 -11.96
CA TYR D 200 -2.79 -27.75 -13.15
C TYR D 200 -2.68 -26.91 -14.42
N SER D 201 -3.20 -25.69 -14.37
CA SER D 201 -3.10 -24.80 -15.53
C SER D 201 -1.64 -24.46 -15.85
N TRP D 202 -0.84 -24.16 -14.83
CA TRP D 202 0.57 -23.85 -15.07
C TRP D 202 1.29 -25.03 -15.72
N LEU D 203 1.07 -26.23 -15.19
CA LEU D 203 1.73 -27.42 -15.72
C LEU D 203 1.33 -27.67 -17.16
N TRP D 204 0.04 -27.55 -17.47
CA TRP D 204 -0.42 -27.77 -18.83
C TRP D 204 0.13 -26.71 -19.78
N LEU D 205 0.24 -25.46 -19.33
CA LEU D 205 0.81 -24.41 -20.16
C LEU D 205 2.26 -24.73 -20.52
N SER D 206 3.05 -25.17 -19.54
CA SER D 206 4.44 -25.52 -19.83
C SER D 206 4.53 -26.68 -20.81
N TYR D 207 3.71 -27.71 -20.60
CA TYR D 207 3.73 -28.86 -21.52
C TYR D 207 3.36 -28.44 -22.94
N ARG D 208 2.34 -27.59 -23.09
CA ARG D 208 1.94 -27.14 -24.41
C ARG D 208 3.02 -26.30 -25.07
N GLU D 209 3.72 -25.48 -24.28
CA GLU D 209 4.84 -24.71 -24.83
C GLU D 209 5.90 -25.64 -25.40
N HIS D 210 6.26 -26.68 -24.65
CA HIS D 210 7.26 -27.63 -25.15
C HIS D 210 6.78 -28.33 -26.41
N GLN D 211 5.50 -28.73 -26.43
CA GLN D 211 4.98 -29.41 -27.61
C GLN D 211 5.01 -28.51 -28.85
N ILE D 212 4.62 -27.24 -28.69
CA ILE D 212 4.65 -26.31 -29.81
C ILE D 212 6.07 -26.08 -30.29
N THR D 213 7.01 -25.94 -29.34
CA THR D 213 8.42 -25.77 -29.72
C THR D 213 8.91 -26.95 -30.53
N GLN D 214 8.55 -28.16 -30.13
CA GLN D 214 8.93 -29.35 -30.90
C GLN D 214 8.26 -29.35 -32.27
N LEU D 215 6.99 -28.93 -32.34
CA LEU D 215 6.26 -29.02 -33.60
C LEU D 215 6.77 -28.02 -34.63
N GLU D 216 7.17 -26.81 -34.19
CA GLU D 216 7.58 -25.78 -35.14
C GLU D 216 8.83 -26.19 -35.91
N SER D 217 9.84 -26.73 -35.21
CA SER D 217 11.11 -27.13 -35.83
C SER D 217 11.36 -28.60 -35.54
N PRO D 218 10.97 -29.50 -36.45
CA PRO D 218 11.16 -30.95 -36.27
C PRO D 218 12.63 -31.34 -36.20
N GLY D 225 15.01 -31.95 -23.05
CA GLY D 225 14.35 -33.21 -23.35
C GLY D 225 14.19 -34.09 -22.13
N VAL D 226 14.32 -33.50 -20.95
CA VAL D 226 14.19 -34.20 -19.68
C VAL D 226 12.85 -33.87 -19.00
N ARG D 227 12.54 -32.57 -18.87
CA ARG D 227 11.32 -32.16 -18.20
C ARG D 227 10.07 -32.50 -19.01
N VAL D 228 10.21 -32.68 -20.33
CA VAL D 228 9.06 -32.99 -21.16
C VAL D 228 8.42 -34.31 -20.73
N GLN D 229 9.25 -35.34 -20.55
CA GLN D 229 8.73 -36.64 -20.12
C GLN D 229 8.14 -36.56 -18.72
N ARG D 230 8.79 -35.82 -17.81
CA ARG D 230 8.26 -35.69 -16.46
C ARG D 230 6.87 -35.06 -16.47
N MET D 231 6.70 -33.98 -17.24
CA MET D 231 5.40 -33.32 -17.31
C MET D 231 4.36 -34.22 -17.95
N LYS D 232 4.72 -34.90 -19.04
CA LYS D 232 3.78 -35.79 -19.70
C LYS D 232 3.31 -36.90 -18.76
N GLU D 233 4.25 -37.48 -18.01
CA GLU D 233 3.90 -38.59 -17.13
C GLU D 233 3.11 -38.12 -15.91
N ALA D 234 3.42 -36.93 -15.38
CA ALA D 234 2.59 -36.39 -14.30
C ALA D 234 1.16 -36.18 -14.77
N ILE D 235 0.99 -35.64 -15.98
CA ILE D 235 -0.34 -35.49 -16.55
C ILE D 235 -1.02 -36.85 -16.67
N GLN D 236 -0.29 -37.85 -17.15
CA GLN D 236 -0.88 -39.18 -17.31
C GLN D 236 -1.37 -39.74 -15.98
N ALA D 237 -0.56 -39.61 -14.93
CA ALA D 237 -0.93 -40.14 -13.62
C ALA D 237 -2.17 -39.44 -13.08
N ILE D 238 -2.17 -38.10 -13.11
CA ILE D 238 -3.31 -37.35 -12.56
C ILE D 238 -4.58 -37.65 -13.34
N GLN D 239 -4.46 -37.70 -14.67
CA GLN D 239 -5.62 -37.99 -15.51
C GLN D 239 -6.16 -39.38 -15.23
N GLN D 240 -5.29 -40.37 -15.07
CA GLN D 240 -5.75 -41.73 -14.80
C GLN D 240 -6.48 -41.81 -13.46
N ALA D 241 -5.96 -41.14 -12.44
CA ALA D 241 -6.64 -41.13 -11.15
C ALA D 241 -8.03 -40.50 -11.26
N ILE D 242 -8.11 -39.33 -11.89
CA ILE D 242 -9.40 -38.65 -11.99
C ILE D 242 -10.38 -39.47 -12.82
N ASN D 243 -9.89 -40.10 -13.90
CA ASN D 243 -10.75 -40.95 -14.71
C ASN D 243 -11.26 -42.15 -13.92
N CYS D 244 -10.40 -42.74 -13.09
CA CYS D 244 -10.87 -43.79 -12.19
C CYS D 244 -11.97 -43.28 -11.29
N LEU D 245 -11.92 -42.00 -10.93
CA LEU D 245 -13.00 -41.43 -10.11
C LEU D 245 -14.29 -41.25 -10.91
N THR D 246 -14.20 -40.71 -12.13
CA THR D 246 -15.37 -40.19 -12.82
C THR D 246 -15.86 -40.99 -14.02
N GLN D 247 -15.02 -41.85 -14.61
CA GLN D 247 -15.40 -42.46 -15.89
C GLN D 247 -16.41 -43.58 -15.74
N GLN D 248 -16.68 -44.06 -14.52
CA GLN D 248 -17.62 -45.16 -14.37
C GLN D 248 -19.07 -44.68 -14.34
N VAL D 249 -19.41 -43.76 -13.43
CA VAL D 249 -20.79 -43.31 -13.32
C VAL D 249 -21.16 -42.43 -14.52
N THR D 250 -20.23 -41.60 -14.98
CA THR D 250 -20.44 -40.71 -16.12
C THR D 250 -19.37 -40.98 -17.16
N GLY D 251 -19.63 -40.53 -18.38
CA GLY D 251 -18.68 -40.74 -19.46
C GLY D 251 -17.50 -39.80 -19.48
N TRP D 252 -17.44 -38.84 -18.56
CA TRP D 252 -16.40 -37.82 -18.58
C TRP D 252 -15.04 -38.43 -18.28
N HIS D 253 -14.02 -37.92 -18.96
CA HIS D 253 -12.65 -38.41 -18.79
C HIS D 253 -11.69 -37.39 -19.39
N ASP D 254 -10.41 -37.57 -19.08
CA ASP D 254 -9.31 -36.82 -19.69
C ASP D 254 -9.47 -35.31 -19.47
N LEU D 255 -9.39 -34.92 -18.20
CA LEU D 255 -9.37 -33.51 -17.86
C LEU D 255 -8.15 -32.84 -18.45
N GLU D 256 -8.36 -31.69 -19.08
CA GLU D 256 -7.26 -30.96 -19.71
C GLU D 256 -7.51 -29.47 -19.60
N TYR D 257 -6.53 -28.70 -20.05
CA TYR D 257 -6.63 -27.24 -20.11
C TYR D 257 -6.65 -26.82 -21.56
N SER D 258 -7.70 -26.11 -21.97
CA SER D 258 -7.86 -25.69 -23.35
C SER D 258 -7.81 -24.18 -23.42
N ALA D 259 -6.87 -23.65 -24.20
CA ALA D 259 -6.85 -22.22 -24.49
C ALA D 259 -7.89 -21.85 -25.52
N SER D 260 -8.26 -22.79 -26.40
CA SER D 260 -9.29 -22.51 -27.40
C SER D 260 -10.64 -22.29 -26.73
N HIS D 261 -10.99 -23.12 -25.76
CA HIS D 261 -12.29 -23.05 -25.10
C HIS D 261 -12.25 -22.04 -23.95
N ASN D 262 -11.98 -20.79 -24.30
CA ASN D 262 -12.04 -19.66 -23.38
C ASN D 262 -11.05 -19.81 -22.22
N GLN D 263 -9.95 -20.53 -22.45
CA GLN D 263 -8.87 -20.67 -21.48
C GLN D 263 -9.39 -21.27 -20.17
N GLN D 264 -9.83 -22.52 -20.27
CA GLN D 264 -10.53 -23.17 -19.18
C GLN D 264 -10.14 -24.63 -19.07
N LEU D 265 -10.36 -25.20 -17.88
CA LEU D 265 -10.22 -26.63 -17.68
C LEU D 265 -11.48 -27.33 -18.16
N VAL D 266 -11.31 -28.33 -19.02
CA VAL D 266 -12.42 -28.99 -19.69
C VAL D 266 -12.32 -30.50 -19.53
N MET D 267 -13.48 -31.15 -19.58
CA MET D 267 -13.65 -32.60 -19.56
C MET D 267 -14.24 -33.04 -20.89
N SER D 268 -13.93 -34.28 -21.27
CA SER D 268 -14.37 -34.85 -22.54
C SER D 268 -15.38 -35.96 -22.30
N HIS D 269 -16.34 -36.06 -23.21
CA HIS D 269 -17.39 -37.07 -23.18
C HIS D 269 -17.59 -37.55 -24.61
N PRO D 270 -17.55 -38.86 -24.87
CA PRO D 270 -17.62 -39.33 -26.26
C PRO D 270 -18.89 -38.93 -27.00
N GLN D 271 -20.00 -38.76 -26.29
CA GLN D 271 -21.27 -38.40 -26.92
C GLN D 271 -21.57 -36.91 -26.86
N TYR D 272 -21.29 -36.26 -25.73
CA TYR D 272 -21.65 -34.86 -25.54
C TYR D 272 -20.51 -33.88 -25.83
N GLY D 273 -19.35 -34.37 -26.27
CA GLY D 273 -18.27 -33.47 -26.60
C GLY D 273 -17.55 -32.94 -25.35
N LYS D 274 -17.15 -31.68 -25.42
CA LYS D 274 -16.38 -31.08 -24.35
C LYS D 274 -17.26 -30.21 -23.47
N ILE D 275 -16.97 -30.22 -22.17
CA ILE D 275 -17.70 -29.38 -21.22
C ILE D 275 -16.71 -28.72 -20.27
N PRO D 276 -17.07 -27.54 -19.78
CA PRO D 276 -16.21 -26.88 -18.78
C PRO D 276 -16.33 -27.53 -17.42
N LEU D 277 -15.30 -27.33 -16.61
CA LEU D 277 -15.29 -27.83 -15.24
C LEU D 277 -15.95 -26.86 -14.27
N SER D 278 -16.24 -25.63 -14.70
CA SER D 278 -16.87 -24.64 -13.85
C SER D 278 -18.38 -24.80 -13.77
N GLN D 279 -18.97 -25.68 -14.57
CA GLN D 279 -20.40 -25.91 -14.56
C GLN D 279 -20.79 -27.12 -13.72
N LEU D 280 -19.85 -27.71 -12.99
CA LEU D 280 -20.12 -28.82 -12.10
C LEU D 280 -20.32 -28.31 -10.67
N SER D 281 -20.97 -29.14 -9.86
CA SER D 281 -21.24 -28.76 -8.48
C SER D 281 -19.95 -28.70 -7.67
N ASP D 282 -20.04 -28.04 -6.52
CA ASP D 282 -18.85 -27.85 -5.69
C ASP D 282 -18.32 -29.16 -5.14
N GLY D 283 -19.20 -30.11 -4.81
CA GLY D 283 -18.76 -31.36 -4.23
C GLY D 283 -17.90 -32.18 -5.17
N LEU D 284 -18.33 -32.31 -6.43
CA LEU D 284 -17.54 -33.05 -7.40
C LEU D 284 -16.21 -32.37 -7.66
N ARG D 285 -16.21 -31.04 -7.73
CA ARG D 285 -14.95 -30.31 -7.89
C ARG D 285 -14.00 -30.57 -6.74
N ASN D 286 -14.52 -30.57 -5.51
CA ASN D 286 -13.67 -30.80 -4.35
C ASN D 286 -13.14 -32.24 -4.34
N ALA D 287 -13.98 -33.21 -4.73
CA ALA D 287 -13.51 -34.59 -4.81
C ALA D 287 -12.40 -34.73 -5.85
N VAL D 288 -12.57 -34.08 -7.00
CA VAL D 288 -11.52 -34.09 -8.03
C VAL D 288 -10.25 -33.47 -7.50
N ALA D 289 -10.37 -32.36 -6.77
CA ALA D 289 -9.19 -31.70 -6.21
C ALA D 289 -8.47 -32.60 -5.21
N MET D 290 -9.22 -33.31 -4.37
CA MET D 290 -8.62 -34.22 -3.40
C MET D 290 -7.85 -35.33 -4.10
N VAL D 291 -8.49 -36.00 -5.07
CA VAL D 291 -7.83 -37.09 -5.77
C VAL D 291 -6.59 -36.59 -6.51
N ALA D 292 -6.70 -35.43 -7.16
CA ALA D 292 -5.58 -34.88 -7.90
C ALA D 292 -4.43 -34.50 -6.98
N ASP D 293 -4.74 -33.94 -5.80
CA ASP D 293 -3.68 -33.60 -4.86
C ASP D 293 -2.95 -34.84 -4.37
N ILE D 294 -3.70 -35.91 -4.05
CA ILE D 294 -3.05 -37.15 -3.62
C ILE D 294 -2.14 -37.68 -4.72
N ALA D 295 -2.64 -37.69 -5.96
CA ALA D 295 -1.84 -38.19 -7.07
C ALA D 295 -0.60 -37.33 -7.30
N PHE D 296 -0.73 -36.01 -7.15
CA PHE D 296 0.41 -35.13 -7.34
C PHE D 296 1.47 -35.38 -6.28
N ARG D 297 1.06 -35.56 -5.03
CA ARG D 297 2.04 -35.89 -3.99
C ARG D 297 2.72 -37.22 -4.28
N CYS D 298 1.96 -38.21 -4.75
CA CYS D 298 2.54 -39.49 -5.10
C CYS D 298 3.57 -39.35 -6.22
N VAL D 299 3.27 -38.55 -7.24
CA VAL D 299 4.21 -38.35 -8.34
C VAL D 299 5.47 -37.63 -7.85
N LYS D 300 5.30 -36.62 -7.00
CA LYS D 300 6.45 -35.88 -6.49
C LYS D 300 7.35 -36.76 -5.65
N LEU D 301 6.78 -37.64 -4.82
CA LEU D 301 7.59 -38.38 -3.86
C LEU D 301 8.51 -39.40 -4.53
N ASN D 302 8.02 -40.08 -5.57
CA ASN D 302 8.76 -41.19 -6.20
C ASN D 302 8.88 -40.95 -7.70
N PRO D 303 9.83 -40.11 -8.12
CA PRO D 303 10.02 -39.87 -9.56
C PRO D 303 10.45 -41.10 -10.34
N HIS D 304 11.09 -42.08 -9.70
CA HIS D 304 11.70 -43.17 -10.45
C HIS D 304 10.70 -44.17 -10.98
N LEU D 305 9.52 -44.29 -10.35
CA LEU D 305 8.45 -45.07 -10.96
C LEU D 305 8.00 -44.45 -12.28
N GLN D 306 7.86 -43.12 -12.29
CA GLN D 306 7.85 -42.22 -13.44
C GLN D 306 6.61 -42.35 -14.31
N ASN D 307 5.80 -43.38 -14.12
CA ASN D 307 4.46 -43.38 -14.71
C ASN D 307 3.39 -43.95 -13.80
N ASP D 308 3.74 -44.80 -12.84
CA ASP D 308 2.79 -45.45 -11.94
C ASP D 308 3.05 -45.05 -10.50
N ALA D 309 3.40 -43.79 -10.28
CA ALA D 309 3.67 -43.33 -8.92
C ALA D 309 2.42 -43.46 -8.04
N ALA D 310 1.26 -43.10 -8.58
CA ALA D 310 0.03 -43.22 -7.80
C ALA D 310 -0.39 -44.68 -7.64
N LEU D 311 0.00 -45.54 -8.58
CA LEU D 311 -0.41 -46.94 -8.56
C LEU D 311 0.60 -47.85 -7.88
N LYS D 312 1.71 -47.31 -7.36
CA LYS D 312 2.73 -48.15 -6.75
C LYS D 312 3.31 -47.58 -5.46
N THR D 313 2.89 -46.40 -5.03
CA THR D 313 3.38 -45.86 -3.77
C THR D 313 2.55 -46.39 -2.61
N GLN D 314 3.22 -46.66 -1.49
CA GLN D 314 2.59 -47.22 -0.31
C GLN D 314 2.64 -46.21 0.83
N GLY D 315 1.66 -46.28 1.72
CA GLY D 315 1.59 -45.35 2.83
C GLY D 315 0.23 -45.41 3.51
N ILE D 316 0.00 -44.41 4.35
CA ILE D 316 -1.24 -44.29 5.11
C ILE D 316 -1.82 -42.91 4.85
N VAL D 317 -3.10 -42.87 4.45
CA VAL D 317 -3.83 -41.62 4.22
C VAL D 317 -5.06 -41.63 5.13
N LEU D 318 -5.24 -40.55 5.87
CA LEU D 318 -6.33 -40.43 6.83
C LEU D 318 -7.31 -39.36 6.35
N ILE D 319 -8.57 -39.75 6.21
CA ILE D 319 -9.62 -38.85 5.75
C ILE D 319 -10.73 -38.80 6.79
N ASP D 320 -11.15 -37.60 7.16
CA ASP D 320 -12.25 -37.40 8.10
C ASP D 320 -13.47 -36.91 7.32
N GLU D 321 -14.60 -37.60 7.52
CA GLU D 321 -15.87 -37.26 6.87
C GLU D 321 -15.73 -37.28 5.34
N VAL D 322 -15.47 -38.48 4.83
CA VAL D 322 -15.20 -38.65 3.40
C VAL D 322 -16.43 -38.37 2.55
N ASP D 323 -17.62 -38.34 3.16
CA ASP D 323 -18.84 -38.19 2.41
C ASP D 323 -19.53 -36.85 2.66
N MET D 324 -18.75 -35.77 2.72
CA MET D 324 -19.32 -34.45 2.96
C MET D 324 -19.40 -33.67 1.66
N PHE D 325 -20.54 -33.01 1.46
CA PHE D 325 -20.83 -32.22 0.26
C PHE D 325 -20.90 -33.06 -1.00
N LEU D 326 -21.21 -34.35 -0.86
CA LEU D 326 -21.42 -35.24 -2.01
C LEU D 326 -22.86 -35.69 -2.05
N HIS D 327 -23.44 -35.69 -3.25
CA HIS D 327 -24.79 -36.19 -3.45
C HIS D 327 -24.81 -37.70 -3.19
N PRO D 328 -25.96 -38.25 -2.78
CA PRO D 328 -26.03 -39.70 -2.52
C PRO D 328 -25.60 -40.57 -3.69
N ALA D 329 -25.76 -40.10 -4.93
CA ALA D 329 -25.30 -40.89 -6.07
C ALA D 329 -23.79 -41.05 -6.06
N TRP D 330 -23.06 -39.99 -5.67
CA TRP D 330 -21.61 -40.05 -5.59
C TRP D 330 -21.12 -40.69 -4.30
N GLN D 331 -22.00 -40.92 -3.33
CA GLN D 331 -21.62 -41.57 -2.09
C GLN D 331 -21.52 -43.09 -2.22
N GLN D 332 -21.96 -43.65 -3.34
CA GLN D 332 -21.89 -45.08 -3.56
C GLN D 332 -20.69 -45.50 -4.40
N GLN D 333 -19.82 -44.56 -4.78
CA GLN D 333 -18.67 -44.88 -5.60
C GLN D 333 -17.35 -44.35 -5.06
N ILE D 334 -17.35 -43.64 -3.93
CA ILE D 334 -16.12 -42.99 -3.47
C ILE D 334 -15.11 -44.02 -2.99
N ILE D 335 -15.57 -45.03 -2.25
CA ILE D 335 -14.64 -45.98 -1.64
C ILE D 335 -13.97 -46.85 -2.71
N GLN D 336 -14.77 -47.37 -3.65
CA GLN D 336 -14.21 -48.20 -4.71
C GLN D 336 -13.28 -47.40 -5.61
N SER D 337 -13.64 -46.14 -5.89
CA SER D 337 -12.77 -45.30 -6.70
C SER D 337 -11.44 -45.05 -6.03
N LEU D 338 -11.46 -44.75 -4.72
CA LEU D 338 -10.20 -44.55 -4.00
C LEU D 338 -9.38 -45.83 -3.97
N ARG D 339 -10.04 -46.98 -3.79
CA ARG D 339 -9.31 -48.25 -3.80
C ARG D 339 -8.67 -48.52 -5.16
N SER D 340 -9.40 -48.26 -6.24
CA SER D 340 -8.88 -48.60 -7.57
C SER D 340 -7.79 -47.63 -8.01
N ALA D 341 -7.89 -46.36 -7.63
CA ALA D 341 -6.91 -45.38 -8.05
C ALA D 341 -5.63 -45.42 -7.23
N PHE D 342 -5.62 -46.11 -6.10
CA PHE D 342 -4.41 -46.26 -5.28
C PHE D 342 -4.43 -47.63 -4.62
N PRO D 343 -4.04 -48.67 -5.36
CA PRO D 343 -4.16 -50.03 -4.85
C PRO D 343 -3.10 -50.43 -3.83
N GLN D 344 -2.23 -49.52 -3.41
CA GLN D 344 -1.21 -49.84 -2.42
C GLN D 344 -1.30 -49.00 -1.16
N ILE D 345 -2.08 -47.93 -1.15
CA ILE D 345 -2.22 -47.10 0.04
C ILE D 345 -3.18 -47.76 1.01
N GLN D 346 -2.93 -47.60 2.30
CA GLN D 346 -3.85 -48.02 3.35
C GLN D 346 -4.70 -46.82 3.76
N PHE D 347 -6.01 -47.02 3.80
CA PHE D 347 -6.97 -45.94 4.02
C PHE D 347 -7.70 -46.16 5.34
N ILE D 348 -7.79 -45.10 6.14
CA ILE D 348 -8.64 -45.07 7.34
C ILE D 348 -9.57 -43.88 7.19
N VAL D 349 -10.86 -44.15 7.09
CA VAL D 349 -11.87 -43.12 6.84
C VAL D 349 -12.98 -43.26 7.87
N THR D 350 -13.68 -42.15 8.13
CA THR D 350 -14.77 -42.10 9.09
C THR D 350 -16.02 -41.56 8.41
N THR D 351 -17.12 -42.29 8.56
CA THR D 351 -18.40 -41.90 7.98
C THR D 351 -19.50 -42.06 9.01
N HIS D 352 -20.67 -41.48 8.70
CA HIS D 352 -21.88 -41.79 9.44
C HIS D 352 -23.09 -41.94 8.51
N SER D 353 -22.87 -42.32 7.26
CA SER D 353 -23.94 -42.41 6.27
C SER D 353 -24.05 -43.84 5.76
N PRO D 354 -25.24 -44.45 5.81
CA PRO D 354 -25.38 -45.81 5.24
C PRO D 354 -25.06 -45.89 3.76
N GLN D 355 -25.27 -44.81 3.01
CA GLN D 355 -25.10 -44.86 1.57
C GLN D 355 -23.65 -45.20 1.18
N VAL D 356 -22.70 -44.82 2.03
CA VAL D 356 -21.31 -45.17 1.77
C VAL D 356 -21.10 -46.67 1.87
N LEU D 357 -21.78 -47.33 2.80
CA LEU D 357 -21.57 -48.74 3.09
C LEU D 357 -22.43 -49.65 2.21
N SER D 358 -23.04 -49.11 1.15
CA SER D 358 -23.96 -49.89 0.33
C SER D 358 -23.27 -51.00 -0.45
N THR D 359 -21.94 -50.96 -0.60
CA THR D 359 -21.22 -51.98 -1.35
C THR D 359 -20.01 -52.55 -0.64
N VAL D 360 -19.51 -51.89 0.41
CA VAL D 360 -18.30 -52.36 1.08
C VAL D 360 -18.57 -53.69 1.79
N LYS D 361 -17.55 -54.53 1.87
CA LYS D 361 -17.66 -55.80 2.57
C LYS D 361 -17.67 -55.58 4.08
N ARG D 362 -18.05 -56.63 4.81
CA ARG D 362 -18.24 -56.52 6.26
C ARG D 362 -16.93 -56.56 7.03
N GLU D 363 -15.82 -56.94 6.40
CA GLU D 363 -14.58 -57.09 7.15
C GLU D 363 -13.95 -55.76 7.53
N SER D 364 -14.25 -54.70 6.78
CA SER D 364 -13.61 -53.41 6.96
C SER D 364 -14.44 -52.42 7.78
N ILE D 365 -15.59 -52.82 8.29
CA ILE D 365 -16.47 -51.92 9.04
C ILE D 365 -16.20 -52.09 10.52
N ARG D 366 -15.90 -50.99 11.20
CA ARG D 366 -15.64 -50.99 12.63
C ARG D 366 -16.66 -50.09 13.31
N LEU D 367 -17.69 -50.69 13.90
CA LEU D 367 -18.69 -49.97 14.67
C LEU D 367 -18.17 -49.76 16.08
N LEU D 368 -18.28 -48.52 16.57
CA LEU D 368 -17.78 -48.14 17.87
C LEU D 368 -18.93 -48.09 18.87
N GLU D 369 -18.72 -48.69 20.04
CA GLU D 369 -19.70 -48.68 21.11
C GLU D 369 -19.01 -48.30 22.41
N GLN D 370 -19.77 -47.68 23.31
CA GLN D 370 -19.27 -47.24 24.59
C GLN D 370 -20.32 -47.48 25.65
N ASP D 371 -19.91 -48.02 26.79
CA ASP D 371 -20.81 -48.30 27.89
C ASP D 371 -20.99 -47.05 28.75
N GLU D 372 -21.66 -47.22 29.90
CA GLU D 372 -21.85 -46.08 30.80
C GLU D 372 -20.52 -45.60 31.37
N ASN D 373 -19.63 -46.53 31.74
CA ASN D 373 -18.36 -46.14 32.32
C ASN D 373 -17.45 -45.47 31.30
N GLY D 374 -17.43 -45.99 30.08
CA GLY D 374 -16.54 -45.47 29.06
C GLY D 374 -15.55 -46.48 28.53
N ASN D 375 -15.95 -47.76 28.57
CA ASN D 375 -15.12 -48.84 28.04
C ASN D 375 -15.44 -49.03 26.56
N GLY D 376 -14.56 -48.56 25.69
CA GLY D 376 -14.82 -48.61 24.27
C GLY D 376 -14.78 -50.02 23.72
N LYS D 377 -15.40 -50.17 22.55
CA LYS D 377 -15.45 -51.48 21.89
C LYS D 377 -15.66 -51.24 20.41
N ALA D 378 -14.64 -51.53 19.59
CA ALA D 378 -14.72 -51.38 18.14
C ALA D 378 -14.82 -52.77 17.52
N LEU D 379 -15.99 -53.10 16.98
CA LEU D 379 -16.24 -54.46 16.52
C LEU D 379 -16.91 -54.45 15.16
N MET D 380 -16.83 -55.62 14.51
CA MET D 380 -17.40 -55.84 13.19
C MET D 380 -18.91 -56.00 13.28
N PRO D 381 -19.63 -55.78 12.18
CA PRO D 381 -21.06 -56.06 12.17
C PRO D 381 -21.36 -57.54 12.34
N LEU D 382 -22.49 -57.83 12.96
CA LEU D 382 -22.90 -59.21 13.20
C LEU D 382 -24.23 -59.50 12.50
N MET E 1 31.59 -1.09 27.00
CA MET E 1 32.97 -0.84 26.65
C MET E 1 33.45 0.50 27.22
N ARG E 2 34.03 1.33 26.35
CA ARG E 2 34.52 2.65 26.73
C ARG E 2 34.91 3.40 25.47
N ILE E 3 34.94 4.73 25.57
CA ILE E 3 35.37 5.60 24.48
C ILE E 3 36.32 6.65 25.05
N ASP E 4 37.42 6.89 24.34
CA ASP E 4 38.42 7.86 24.76
C ASP E 4 38.35 9.17 24.00
N LYS E 5 38.23 9.12 22.67
CA LYS E 5 38.13 10.33 21.88
C LYS E 5 37.36 10.03 20.60
N LEU E 6 36.88 11.10 19.98
CA LEU E 6 36.12 10.99 18.73
C LEU E 6 36.53 12.13 17.80
N SER E 7 36.70 11.79 16.53
CA SER E 7 37.09 12.75 15.51
C SER E 7 36.05 12.75 14.39
N LEU E 8 35.70 13.94 13.92
CA LEU E 8 34.72 14.12 12.87
C LEU E 8 35.34 14.89 11.72
N LEU E 9 35.09 14.42 10.50
CA LEU E 9 35.55 15.07 9.28
C LEU E 9 34.40 15.18 8.31
N ASN E 10 34.13 16.40 7.83
CA ASN E 10 33.13 16.66 6.81
C ASN E 10 31.77 16.08 7.18
N PHE E 11 31.39 16.25 8.45
CA PHE E 11 30.09 15.80 8.92
C PHE E 11 29.06 16.92 8.72
N ARG E 12 27.91 16.80 9.39
CA ARG E 12 26.77 17.67 9.13
C ARG E 12 27.14 19.14 9.22
N CYS E 13 27.61 19.59 10.38
CA CYS E 13 27.94 20.99 10.57
C CYS E 13 29.40 21.23 10.90
N PHE E 14 30.21 20.18 11.05
CA PHE E 14 31.61 20.31 11.43
C PHE E 14 32.49 19.92 10.25
N LYS E 15 33.31 20.86 9.79
CA LYS E 15 34.34 20.51 8.82
C LYS E 15 35.37 19.57 9.44
N GLN E 16 35.76 19.82 10.68
CA GLN E 16 36.64 18.92 11.42
C GLN E 16 36.47 19.19 12.90
N LEU E 17 36.60 18.13 13.71
CA LEU E 17 36.44 18.23 15.14
C LEU E 17 37.19 17.10 15.82
N ASP E 18 37.82 17.42 16.95
CA ASP E 18 38.46 16.43 17.82
C ASP E 18 37.96 16.65 19.23
N ILE E 19 37.38 15.62 19.85
CA ILE E 19 36.77 15.74 21.17
C ILE E 19 37.26 14.59 22.04
N THR E 20 37.48 14.87 23.31
CA THR E 20 37.94 13.89 24.29
C THR E 20 36.87 13.68 25.35
N PHE E 21 36.75 12.44 25.82
CA PHE E 21 35.70 12.06 26.75
C PHE E 21 36.30 11.67 28.10
N ASP E 22 35.61 12.03 29.17
CA ASP E 22 36.06 11.75 30.51
C ASP E 22 35.68 10.32 30.92
N GLU E 23 36.37 9.83 31.95
CA GLU E 23 36.23 8.43 32.35
C GLU E 23 34.83 8.12 32.85
N HIS E 24 34.24 9.03 33.64
CA HIS E 24 32.98 8.76 34.33
C HIS E 24 31.84 9.61 33.80
N ILE E 25 31.99 10.94 33.81
CA ILE E 25 30.93 11.86 33.44
C ILE E 25 31.52 12.95 32.56
N THR E 26 30.79 13.31 31.50
CA THR E 26 31.17 14.43 30.65
C THR E 26 29.92 15.17 30.23
N ILE E 27 30.03 16.50 30.15
CA ILE E 27 28.90 17.37 29.83
C ILE E 27 29.28 18.21 28.62
N LEU E 28 28.39 18.25 27.63
CA LEU E 28 28.58 19.04 26.42
C LEU E 28 27.63 20.22 26.43
N VAL E 29 28.18 21.43 26.28
CA VAL E 29 27.40 22.65 26.27
C VAL E 29 27.79 23.47 25.05
N ALA E 30 26.78 23.94 24.31
CA ALA E 30 26.99 24.71 23.09
C ALA E 30 26.09 25.94 23.15
N PRO E 31 26.65 27.14 23.29
CA PRO E 31 25.79 28.34 23.43
C PRO E 31 24.84 28.56 22.27
N ASN E 32 25.28 28.33 21.03
CA ASN E 32 24.48 28.64 19.87
C ASN E 32 24.57 27.52 18.84
N GLY E 33 23.49 27.37 18.07
CA GLY E 33 23.45 26.38 17.01
C GLY E 33 23.30 24.98 17.54
N ALA E 34 23.26 24.03 16.61
CA ALA E 34 23.27 22.62 16.96
C ALA E 34 24.71 22.17 17.19
N GLY E 35 24.91 20.86 17.37
CA GLY E 35 26.24 20.35 17.60
C GLY E 35 26.27 19.30 18.69
N LYS E 36 25.39 19.45 19.68
CA LYS E 36 25.27 18.42 20.71
C LYS E 36 24.61 17.17 20.13
N THR E 37 23.51 17.36 19.39
CA THR E 37 22.87 16.24 18.72
C THR E 37 23.82 15.62 17.69
N THR E 38 24.63 16.44 17.04
CA THR E 38 25.59 15.93 16.06
C THR E 38 26.60 14.99 16.72
N VAL E 39 27.17 15.39 17.85
CA VAL E 39 28.15 14.55 18.53
C VAL E 39 27.49 13.30 19.09
N LEU E 40 26.29 13.43 19.63
CA LEU E 40 25.61 12.23 20.13
C LEU E 40 25.28 11.25 19.01
N ASP E 41 24.88 11.77 17.85
CA ASP E 41 24.63 10.90 16.70
C ASP E 41 25.91 10.27 16.20
N ALA E 42 27.02 10.99 16.27
CA ALA E 42 28.31 10.42 15.90
C ALA E 42 28.69 9.27 16.82
N VAL E 43 28.48 9.44 18.13
CA VAL E 43 28.78 8.37 19.08
C VAL E 43 27.84 7.19 18.86
N ARG E 44 26.58 7.47 18.56
CA ARG E 44 25.59 6.43 18.31
C ARG E 44 25.92 5.65 17.04
N LEU E 45 26.48 6.31 16.03
CA LEU E 45 26.89 5.63 14.80
C LEU E 45 28.18 4.85 14.96
N ALA E 46 28.95 5.11 16.01
CA ALA E 46 30.19 4.42 16.26
C ALA E 46 30.03 3.18 17.13
N LEU E 47 28.81 2.84 17.51
CA LEU E 47 28.56 1.67 18.33
C LEU E 47 27.63 0.66 17.69
N PHE E 48 27.01 0.99 16.56
CA PHE E 48 26.14 0.04 15.88
C PHE E 48 26.85 -1.24 15.42
N PRO E 49 28.14 -1.25 15.13
CA PRO E 49 28.80 -2.55 14.86
C PRO E 49 28.61 -3.58 15.97
N PHE E 50 28.57 -3.15 17.23
CA PHE E 50 28.40 -4.10 18.32
C PHE E 50 26.99 -4.70 18.31
N ILE E 51 25.98 -3.85 18.21
CA ILE E 51 24.59 -4.33 18.25
C ILE E 51 24.21 -5.09 16.99
N ARG E 52 24.84 -4.79 15.85
CA ARG E 52 24.51 -5.50 14.62
C ARG E 52 24.81 -6.99 14.72
N GLY E 53 25.79 -7.36 15.55
CA GLY E 53 26.10 -8.76 15.76
C GLY E 53 25.26 -9.38 16.88
N PHE E 54 24.00 -8.96 16.97
CA PHE E 54 23.07 -9.48 17.97
C PHE E 54 21.69 -9.70 17.38
N ASP E 55 21.63 -10.07 16.10
CA ASP E 55 20.43 -10.33 15.31
C ASP E 55 19.65 -9.05 15.01
N ALA E 56 20.12 -7.89 15.45
CA ALA E 56 19.48 -6.61 15.14
C ALA E 56 20.10 -6.06 13.87
N SER E 57 19.32 -6.00 12.80
CA SER E 57 19.83 -5.61 11.49
C SER E 57 18.70 -4.91 10.73
N LEU E 58 18.85 -4.83 9.41
CA LEU E 58 17.94 -4.06 8.55
C LEU E 58 16.54 -4.66 8.46
N TYR E 59 16.27 -5.73 9.23
CA TYR E 59 14.91 -6.28 9.26
C TYR E 59 13.91 -5.25 9.77
N VAL E 60 14.29 -4.50 10.82
CA VAL E 60 13.44 -3.43 11.31
C VAL E 60 13.52 -2.22 10.38
N LYS E 61 14.51 -2.17 9.49
CA LYS E 61 14.70 -1.07 8.54
C LYS E 61 14.90 0.25 9.26
N ASP E 62 15.78 0.25 10.26
CA ASP E 62 16.17 1.46 10.97
C ASP E 62 17.32 2.11 10.20
N LYS E 63 16.95 2.86 9.17
CA LYS E 63 17.93 3.47 8.27
C LYS E 63 18.73 4.59 8.94
N SER E 64 18.32 5.04 10.12
CA SER E 64 19.03 6.12 10.79
C SER E 64 20.35 5.67 11.43
N LEU E 65 20.64 4.38 11.44
CA LEU E 65 21.84 3.87 12.08
C LEU E 65 23.03 3.75 11.13
N ALA E 66 22.89 4.22 9.90
CA ALA E 66 23.99 4.27 8.95
C ALA E 66 24.12 5.69 8.39
N ILE E 67 25.34 6.05 7.99
CA ILE E 67 25.56 7.38 7.46
C ILE E 67 24.77 7.55 6.17
N ARG E 68 23.99 8.63 6.08
CA ARG E 68 23.11 8.89 4.96
C ARG E 68 23.62 10.07 4.16
N THR E 69 23.06 10.23 2.97
CA THR E 69 23.45 11.34 2.09
C THR E 69 23.10 12.68 2.73
N GLU E 70 21.98 12.75 3.45
CA GLU E 70 21.60 13.96 4.15
C GLU E 70 22.56 14.32 5.29
N ASP E 71 23.44 13.41 5.67
CA ASP E 71 24.40 13.65 6.74
C ASP E 71 25.73 14.18 6.23
N LEU E 72 25.86 14.43 4.93
CA LEU E 72 27.08 14.97 4.36
C LEU E 72 26.96 16.48 4.23
N ARG E 73 28.09 17.16 4.39
CA ARG E 73 28.10 18.62 4.33
C ARG E 73 27.77 19.10 2.92
N LEU E 74 27.03 20.20 2.84
CA LEU E 74 26.61 20.79 1.58
C LEU E 74 26.75 22.30 1.70
N ILE E 75 27.72 22.86 0.98
CA ILE E 75 28.09 24.27 1.15
C ILE E 75 27.34 25.11 0.13
N TYR E 76 26.85 26.26 0.59
CA TYR E 76 26.14 27.23 -0.24
C TYR E 76 27.02 28.45 -0.42
N ARG E 77 27.26 28.83 -1.68
CA ARG E 77 28.03 30.03 -2.00
C ARG E 77 27.13 31.00 -2.75
N GLN E 78 27.16 32.27 -2.33
CA GLN E 78 26.23 33.26 -2.85
C GLN E 78 26.58 33.73 -4.26
N GLU E 79 27.83 33.61 -4.67
CA GLU E 79 28.27 34.11 -5.97
C GLU E 79 28.28 33.01 -7.04
N ALA E 80 27.72 31.84 -6.77
CA ALA E 80 27.73 30.75 -7.72
C ALA E 80 26.37 30.06 -7.72
N LEU E 81 26.00 29.49 -8.86
CA LEU E 81 24.71 28.84 -9.03
C LEU E 81 24.72 27.38 -8.61
N ASN E 82 25.86 26.78 -8.36
CA ASN E 82 25.96 25.38 -8.00
C ASN E 82 26.10 25.20 -6.49
N MET E 83 25.95 23.95 -6.05
CA MET E 83 25.99 23.62 -4.63
C MET E 83 26.53 22.21 -4.50
N GLU E 84 27.78 22.09 -4.04
CA GLU E 84 28.55 20.86 -4.15
C GLU E 84 28.73 20.19 -2.80
N MET E 85 28.53 18.87 -2.78
CA MET E 85 28.75 18.09 -1.57
C MET E 85 30.25 18.03 -1.26
N SER E 86 30.55 17.98 0.04
CA SER E 86 31.92 17.80 0.51
C SER E 86 32.12 16.34 0.87
N SER E 87 33.05 15.68 0.20
CA SER E 87 33.28 14.26 0.38
C SER E 87 34.72 14.01 0.78
N PRO E 88 34.99 12.99 1.61
CA PRO E 88 34.06 12.05 2.22
C PRO E 88 33.71 12.37 3.67
N ALA E 89 32.61 11.83 4.18
CA ALA E 89 32.27 11.94 5.59
C ALA E 89 32.95 10.81 6.36
N LYS E 90 33.52 11.15 7.52
CA LYS E 90 34.38 10.20 8.21
C LYS E 90 34.25 10.37 9.72
N ILE E 91 33.93 9.28 10.41
CA ILE E 91 33.87 9.22 11.86
C ILE E 91 34.98 8.29 12.33
N THR E 92 35.85 8.79 13.21
CA THR E 92 37.00 8.04 13.70
C THR E 92 36.84 7.89 15.22
N ALA E 93 36.36 6.74 15.67
CA ALA E 93 36.08 6.49 17.07
C ALA E 93 37.23 5.71 17.70
N THR E 94 37.80 6.26 18.77
CA THR E 94 38.84 5.60 19.53
C THR E 94 38.24 5.10 20.84
N GLY E 95 38.38 3.81 21.10
CA GLY E 95 37.79 3.23 22.28
C GLY E 95 38.63 2.15 22.95
N GLU E 96 38.04 1.51 23.96
CA GLU E 96 38.73 0.50 24.75
C GLU E 96 37.69 -0.51 25.23
N TRP E 97 37.85 -1.77 24.83
CA TRP E 97 36.86 -2.79 25.13
C TRP E 97 37.19 -3.53 26.43
N ALA E 98 38.34 -4.18 26.48
CA ALA E 98 38.82 -4.88 27.66
C ALA E 98 40.16 -4.27 28.05
N SER E 99 40.39 -4.13 29.36
CA SER E 99 41.54 -3.42 29.89
C SER E 99 42.84 -3.89 29.26
N GLY E 100 43.51 -2.97 28.55
CA GLY E 100 44.78 -3.28 27.92
C GLY E 100 44.85 -2.94 26.45
N LYS E 101 43.71 -3.00 25.75
CA LYS E 101 43.68 -2.82 24.31
C LYS E 101 43.02 -1.49 23.96
N THR E 102 43.63 -0.77 23.03
CA THR E 102 43.08 0.48 22.50
C THR E 102 42.76 0.28 21.03
N ALA E 103 41.51 0.53 20.65
CA ALA E 103 41.05 0.31 19.30
C ALA E 103 40.68 1.63 18.65
N THR E 104 40.76 1.68 17.32
CA THR E 104 40.45 2.89 16.56
C THR E 104 39.71 2.45 15.29
N TRP E 105 38.39 2.56 15.30
CA TRP E 105 37.59 2.12 14.17
C TRP E 105 36.98 3.32 13.44
N MET E 106 36.91 3.21 12.13
CA MET E 106 36.54 4.30 11.25
C MET E 106 35.33 3.91 10.40
N LEU E 107 34.43 4.87 10.21
CA LEU E 107 33.27 4.71 9.34
C LEU E 107 33.24 5.87 8.35
N ASP E 108 33.23 5.55 7.05
CA ASP E 108 33.30 6.60 6.04
C ASP E 108 32.24 6.38 4.98
N LYS E 109 31.81 7.49 4.38
CA LYS E 109 30.89 7.49 3.25
C LYS E 109 31.41 8.45 2.20
N ARG E 110 31.28 8.05 0.93
CA ARG E 110 31.79 8.82 -0.20
C ARG E 110 30.66 9.06 -1.19
N GLY E 111 30.06 10.25 -1.12
CA GLY E 111 29.03 10.61 -2.08
C GLY E 111 27.79 9.77 -1.92
N GLU E 112 27.30 9.22 -3.03
CA GLU E 112 26.10 8.40 -3.03
C GLU E 112 26.40 6.91 -2.87
N GLN E 113 27.67 6.55 -2.68
CA GLN E 113 28.03 5.15 -2.50
C GLN E 113 27.58 4.64 -1.13
N PRO E 114 27.38 3.34 -1.00
CA PRO E 114 27.02 2.78 0.30
C PRO E 114 28.14 2.99 1.30
N PRO E 115 27.82 3.10 2.59
CA PRO E 115 28.85 3.36 3.60
C PRO E 115 29.84 2.21 3.70
N HIS E 116 31.07 2.57 4.11
CA HIS E 116 32.18 1.63 4.18
C HIS E 116 32.71 1.57 5.61
N GLU E 117 33.19 0.39 6.00
CA GLU E 117 33.75 0.17 7.32
C GLU E 117 35.16 -0.39 7.21
N ASP E 118 35.99 -0.08 8.20
CA ASP E 118 37.36 -0.56 8.23
C ASP E 118 37.40 -1.99 8.80
N LYS E 119 38.62 -2.50 8.98
CA LYS E 119 38.78 -3.84 9.54
C LYS E 119 38.38 -3.89 11.01
N MET E 120 38.59 -2.81 11.74
CA MET E 120 38.28 -2.82 13.16
C MET E 120 36.78 -2.90 13.43
N ALA E 121 35.96 -2.34 12.55
CA ALA E 121 34.51 -2.51 12.68
C ALA E 121 34.12 -3.98 12.52
N ALA E 122 34.73 -4.68 11.56
CA ALA E 122 34.50 -6.10 11.42
C ALA E 122 34.97 -6.86 12.65
N GLN E 123 36.12 -6.48 13.20
CA GLN E 123 36.60 -7.11 14.43
C GLN E 123 35.61 -6.91 15.56
N LEU E 124 35.03 -5.72 15.67
CA LEU E 124 34.12 -5.41 16.77
C LEU E 124 32.82 -6.20 16.63
N THR E 125 32.27 -6.28 15.42
CA THR E 125 31.05 -7.08 15.26
C THR E 125 31.34 -8.57 15.42
N ARG E 126 32.54 -9.01 15.08
CA ARG E 126 32.93 -10.39 15.36
C ARG E 126 33.00 -10.65 16.86
N TRP E 127 33.50 -9.67 17.61
CA TRP E 127 33.49 -9.79 19.07
C TRP E 127 32.07 -9.87 19.62
N GLY E 128 31.16 -9.08 19.05
CA GLY E 128 29.76 -9.19 19.44
C GLY E 128 29.18 -10.57 19.17
N GLU E 129 29.48 -11.12 17.99
CA GLU E 129 29.04 -12.48 17.67
C GLU E 129 29.65 -13.49 18.64
N GLN E 130 30.91 -13.30 19.00
CA GLN E 130 31.58 -14.18 19.94
C GLN E 130 30.87 -14.18 21.29
N LEU E 131 30.55 -12.99 21.81
CA LEU E 131 29.81 -12.92 23.07
C LEU E 131 28.44 -13.56 22.94
N GLN E 132 27.77 -13.39 21.81
CA GLN E 132 26.47 -14.02 21.62
C GLN E 132 26.59 -15.54 21.69
N LYS E 133 27.56 -16.11 20.98
CA LYS E 133 27.71 -17.56 20.96
C LYS E 133 28.16 -18.08 22.32
N ARG E 134 28.94 -17.29 23.06
CA ARG E 134 29.35 -17.71 24.39
C ARG E 134 28.19 -17.67 25.38
N VAL E 135 27.28 -16.70 25.22
CA VAL E 135 26.10 -16.65 26.07
C VAL E 135 25.16 -17.80 25.75
N ARG E 136 24.97 -18.11 24.47
CA ARG E 136 23.94 -19.06 24.09
C ARG E 136 24.21 -20.48 24.57
N GLU E 137 25.45 -20.81 24.92
CA GLU E 137 25.78 -22.12 25.47
C GLU E 137 25.52 -22.11 26.98
N GLU E 138 24.84 -23.14 27.47
CA GLU E 138 24.52 -23.26 28.89
C GLU E 138 25.41 -24.25 29.61
N HIS E 139 26.18 -25.07 28.88
CA HIS E 139 27.05 -26.07 29.49
C HIS E 139 28.38 -25.44 29.90
N SER E 140 28.29 -24.43 30.77
CA SER E 140 29.47 -23.72 31.25
C SER E 140 29.29 -23.42 32.73
N LEU E 141 30.42 -23.38 33.44
CA LEU E 141 30.42 -23.07 34.87
C LEU E 141 30.63 -21.60 35.14
N GLN E 142 31.38 -20.90 34.28
CA GLN E 142 31.65 -19.49 34.45
C GLN E 142 30.72 -18.68 33.57
N GLN E 143 29.96 -17.77 34.19
CA GLN E 143 29.04 -16.91 33.46
C GLN E 143 29.77 -15.67 32.94
N VAL E 144 29.10 -14.96 32.05
CA VAL E 144 29.68 -13.79 31.39
C VAL E 144 28.80 -12.58 31.66
N GLU E 145 29.41 -11.40 31.58
CA GLU E 145 28.73 -10.13 31.76
C GLU E 145 28.73 -9.37 30.44
N LEU E 146 27.55 -8.92 30.04
CA LEU E 146 27.39 -8.16 28.81
C LEU E 146 27.44 -6.67 29.09
N PRO E 147 27.86 -5.87 28.12
CA PRO E 147 27.85 -4.42 28.28
C PRO E 147 26.50 -3.83 27.87
N LEU E 148 26.28 -2.59 28.31
CA LEU E 148 25.03 -1.89 28.06
C LEU E 148 25.28 -0.70 27.13
N MET E 149 24.49 -0.62 26.06
CA MET E 149 24.57 0.49 25.11
C MET E 149 23.16 1.05 24.95
N LEU E 150 22.89 2.17 25.62
CA LEU E 150 21.55 2.77 25.62
C LEU E 150 21.62 4.22 25.17
N TYR E 151 20.61 4.63 24.42
CA TYR E 151 20.48 6.00 23.94
C TYR E 151 19.13 6.55 24.37
N LEU E 152 19.13 7.70 25.06
CA LEU E 152 17.92 8.37 25.50
C LEU E 152 17.85 9.73 24.81
N GLY E 153 16.76 9.98 24.10
CA GLY E 153 16.59 11.20 23.34
C GLY E 153 15.47 12.07 23.91
N THR E 154 15.30 13.24 23.28
CA THR E 154 14.26 14.17 23.70
C THR E 154 12.86 13.65 23.41
N ALA E 155 12.73 12.61 22.59
CA ALA E 155 11.44 12.01 22.29
C ALA E 155 11.12 10.82 23.19
N ARG E 156 11.59 10.83 24.42
CA ARG E 156 11.40 9.71 25.34
C ARG E 156 10.11 9.83 26.16
N LEU E 157 9.30 10.85 25.91
CA LEU E 157 7.99 10.94 26.55
C LEU E 157 6.87 11.23 25.54
N TRP E 158 7.13 11.09 24.25
CA TRP E 158 6.14 11.53 23.26
C TRP E 158 4.90 10.65 23.26
N TYR E 159 5.07 9.33 23.23
CA TYR E 159 3.96 8.39 23.12
C TYR E 159 4.05 7.33 24.21
N GLN E 160 4.21 7.78 25.44
CA GLN E 160 4.26 6.88 26.60
C GLN E 160 3.01 6.01 26.68
N GLU E 169 5.82 -13.21 25.45
CA GLU E 169 5.79 -13.72 26.82
C GLU E 169 7.01 -13.25 27.60
N GLN E 170 6.77 -12.48 28.66
CA GLN E 170 7.86 -11.95 29.46
C GLN E 170 8.55 -13.07 30.23
N ARG E 171 9.87 -12.99 30.30
CA ARG E 171 10.69 -13.94 31.04
C ARG E 171 11.81 -13.20 31.75
N LEU E 172 12.36 -13.84 32.78
CA LEU E 172 13.48 -13.25 33.50
C LEU E 172 14.61 -14.25 33.67
N ASP E 173 14.28 -15.54 33.66
CA ASP E 173 15.25 -16.58 33.98
C ASP E 173 16.37 -16.63 32.94
N ASN E 174 17.52 -17.11 33.38
CA ASN E 174 18.70 -17.19 32.51
C ASN E 174 18.42 -18.08 31.31
N SER E 175 18.74 -17.57 30.12
CA SER E 175 18.57 -18.26 28.85
C SER E 175 19.14 -17.36 27.75
N ALA E 176 19.22 -17.91 26.54
CA ALA E 176 19.61 -17.09 25.39
C ALA E 176 18.61 -15.96 25.17
N PHE E 177 17.32 -16.27 25.23
CA PHE E 177 16.31 -15.24 25.35
C PHE E 177 16.25 -14.73 26.79
N SER E 178 15.69 -13.54 26.95
CA SER E 178 15.58 -12.79 28.21
C SER E 178 16.94 -12.30 28.68
N ARG E 179 18.03 -12.66 28.00
CA ARG E 179 19.32 -12.00 28.19
C ARG E 179 19.76 -11.19 26.98
N LEU E 180 19.22 -11.46 25.80
CA LEU E 180 19.46 -10.67 24.60
C LEU E 180 18.25 -9.84 24.20
N SER E 181 17.15 -9.96 24.93
CA SER E 181 15.98 -9.11 24.68
C SER E 181 16.15 -7.72 25.27
N GLY E 182 17.15 -7.50 26.11
CA GLY E 182 17.46 -6.18 26.60
C GLY E 182 18.18 -5.30 25.60
N TYR E 183 18.58 -5.84 24.46
CA TYR E 183 19.16 -5.07 23.38
C TYR E 183 18.13 -4.66 22.34
N ASP E 184 16.85 -4.94 22.58
CA ASP E 184 15.81 -4.59 21.61
C ASP E 184 15.57 -3.09 21.62
N ASP E 185 15.82 -2.45 20.49
CA ASP E 185 15.62 -1.00 20.34
C ASP E 185 16.42 -0.22 21.38
N CYS E 186 17.68 -0.63 21.57
CA CYS E 186 18.52 0.07 22.54
C CYS E 186 18.96 1.43 22.03
N LEU E 187 19.24 1.56 20.74
CA LEU E 187 19.71 2.82 20.15
C LEU E 187 18.63 3.51 19.33
N SER E 188 17.37 3.11 19.50
CA SER E 188 16.27 3.77 18.80
C SER E 188 15.94 5.10 19.47
N ALA E 189 15.32 5.99 18.70
CA ALA E 189 15.00 7.33 19.15
C ALA E 189 13.54 7.48 19.59
N THR E 190 12.80 6.38 19.68
CA THR E 190 11.42 6.40 20.12
C THR E 190 11.33 6.01 21.60
N SER E 191 10.13 6.14 22.16
CA SER E 191 9.92 5.84 23.56
C SER E 191 9.81 4.34 23.78
N ASN E 192 10.21 3.90 24.98
CA ASN E 192 10.20 2.49 25.35
C ASN E 192 9.69 2.33 26.77
N TYR E 193 8.59 3.02 27.09
CA TYR E 193 7.99 2.94 28.42
C TYR E 193 6.93 1.87 28.55
N LYS E 194 6.23 1.55 27.46
CA LYS E 194 5.23 0.49 27.52
C LYS E 194 5.87 -0.86 27.84
N GLN E 195 7.04 -1.13 27.28
CA GLN E 195 7.74 -2.37 27.57
C GLN E 195 8.08 -2.47 29.05
N PHE E 196 8.55 -1.38 29.65
CA PHE E 196 8.89 -1.40 31.06
C PHE E 196 7.66 -1.69 31.92
N GLU E 197 6.54 -1.06 31.61
CA GLU E 197 5.34 -1.27 32.42
C GLU E 197 4.84 -2.70 32.27
N GLN E 198 4.87 -3.26 31.05
CA GLN E 198 4.43 -4.64 30.87
C GLN E 198 5.32 -5.60 31.65
N TRP E 199 6.64 -5.44 31.51
CA TRP E 199 7.57 -6.33 32.20
C TRP E 199 7.45 -6.21 33.71
N TYR E 200 7.33 -4.98 34.23
CA TYR E 200 7.24 -4.79 35.68
C TYR E 200 5.93 -5.34 36.24
N SER E 201 4.82 -5.11 35.54
CA SER E 201 3.55 -5.67 35.99
C SER E 201 3.60 -7.19 35.99
N TRP E 202 4.17 -7.79 34.94
CA TRP E 202 4.30 -9.23 34.89
C TRP E 202 5.15 -9.75 36.03
N LEU E 203 6.28 -9.09 36.30
CA LEU E 203 7.16 -9.53 37.37
C LEU E 203 6.47 -9.44 38.73
N TRP E 204 5.74 -8.35 38.98
CA TRP E 204 5.09 -8.19 40.28
C TRP E 204 3.98 -9.22 40.47
N LEU E 205 3.13 -9.41 39.45
CA LEU E 205 2.05 -10.38 39.60
C LEU E 205 2.60 -11.80 39.74
N SER E 206 3.65 -12.13 38.99
CA SER E 206 4.23 -13.47 39.10
C SER E 206 4.91 -13.67 40.44
N TYR E 207 5.53 -12.63 40.98
CA TYR E 207 6.12 -12.72 42.32
C TYR E 207 5.04 -12.96 43.37
N ARG E 208 3.92 -12.26 43.25
CA ARG E 208 2.81 -12.51 44.18
C ARG E 208 2.30 -13.93 44.06
N GLU E 209 2.15 -14.43 42.83
CA GLU E 209 1.68 -15.80 42.62
C GLU E 209 2.67 -16.81 43.21
N HIS E 210 3.97 -16.59 43.01
CA HIS E 210 4.97 -17.51 43.53
C HIS E 210 5.01 -17.49 45.06
N GLN E 211 4.90 -16.30 45.66
CA GLN E 211 4.92 -16.25 47.12
C GLN E 211 3.65 -16.83 47.72
N ILE E 212 2.53 -16.79 46.98
CA ILE E 212 1.33 -17.48 47.42
C ILE E 212 1.52 -19.00 47.32
N THR E 213 2.09 -19.46 46.20
CA THR E 213 2.26 -20.90 46.00
C THR E 213 3.29 -21.50 46.94
N GLN E 214 4.24 -20.68 47.43
CA GLN E 214 5.29 -21.18 48.32
C GLN E 214 4.71 -21.82 49.57
N LEU E 215 3.58 -21.33 50.06
CA LEU E 215 2.97 -21.87 51.28
C LEU E 215 2.34 -23.23 51.07
N GLU E 216 2.21 -23.68 49.82
CA GLU E 216 1.53 -24.94 49.53
C GLU E 216 2.46 -26.15 49.64
N SER E 217 3.61 -26.11 48.95
CA SER E 217 4.53 -27.24 48.88
C SER E 217 5.93 -26.77 49.26
N PRO E 218 6.22 -26.69 50.56
CA PRO E 218 7.58 -26.32 51.00
C PRO E 218 8.64 -27.36 50.68
N SER E 219 8.24 -28.60 50.34
CA SER E 219 9.22 -29.66 50.15
C SER E 219 10.19 -29.34 49.02
N ALA E 220 9.69 -28.76 47.93
CA ALA E 220 10.53 -28.35 46.81
C ALA E 220 11.11 -26.95 46.99
N LYS E 221 11.20 -26.47 48.24
CA LYS E 221 11.69 -25.12 48.49
C LYS E 221 13.09 -24.92 47.91
N LEU E 222 13.96 -25.92 48.04
CA LEU E 222 15.32 -25.81 47.53
C LEU E 222 15.34 -25.52 46.04
N LYS E 223 14.29 -25.91 45.32
CA LYS E 223 14.16 -25.58 43.91
C LYS E 223 13.21 -24.43 43.65
N GLU E 224 12.33 -24.11 44.60
CA GLU E 224 11.32 -23.07 44.39
C GLU E 224 11.69 -21.73 45.02
N GLY E 225 12.12 -21.74 46.28
CA GLY E 225 12.35 -20.49 46.98
C GLY E 225 13.35 -19.59 46.27
N VAL E 226 14.41 -20.19 45.72
CA VAL E 226 15.41 -19.41 44.99
C VAL E 226 14.75 -18.61 43.87
N ARG E 227 13.83 -19.24 43.15
CA ARG E 227 13.04 -18.52 42.15
C ARG E 227 12.47 -17.25 42.75
N VAL E 228 11.67 -17.39 43.81
CA VAL E 228 11.09 -16.23 44.47
C VAL E 228 12.19 -15.26 44.86
N GLN E 229 13.28 -15.79 45.43
CA GLN E 229 14.39 -14.94 45.85
C GLN E 229 14.86 -14.09 44.68
N ARG E 230 15.10 -14.72 43.52
CA ARG E 230 15.49 -13.95 42.35
C ARG E 230 14.45 -12.88 42.06
N MET E 231 13.19 -13.30 41.95
CA MET E 231 12.13 -12.37 41.60
C MET E 231 11.88 -11.35 42.70
N LYS E 232 12.45 -11.55 43.88
CA LYS E 232 12.46 -10.48 44.86
C LYS E 232 13.60 -9.52 44.60
N GLU E 233 14.83 -10.06 44.54
CA GLU E 233 16.00 -9.20 44.61
C GLU E 233 16.04 -8.22 43.45
N ALA E 234 15.76 -8.70 42.23
CA ALA E 234 15.63 -7.85 41.06
C ALA E 234 14.81 -6.60 41.37
N ILE E 235 13.59 -6.81 41.87
CA ILE E 235 12.71 -5.67 42.19
C ILE E 235 13.46 -4.67 43.06
N GLN E 236 14.04 -5.16 44.16
CA GLN E 236 14.76 -4.29 45.07
C GLN E 236 15.77 -3.44 44.32
N ALA E 237 16.59 -4.09 43.50
CA ALA E 237 17.58 -3.39 42.70
C ALA E 237 16.94 -2.22 41.97
N ILE E 238 15.94 -2.52 41.13
CA ILE E 238 15.26 -1.47 40.39
C ILE E 238 14.83 -0.36 41.34
N GLN E 239 14.10 -0.74 42.39
CA GLN E 239 13.53 0.26 43.29
C GLN E 239 14.63 1.13 43.85
N GLN E 240 15.73 0.51 44.27
CA GLN E 240 16.81 1.27 44.89
C GLN E 240 17.25 2.39 43.96
N ALA E 241 17.51 2.05 42.69
CA ALA E 241 17.97 3.06 41.74
C ALA E 241 16.99 4.22 41.68
N ILE E 242 15.70 3.91 41.54
CA ILE E 242 14.70 4.96 41.42
C ILE E 242 14.73 5.84 42.66
N ASN E 243 14.83 5.22 43.84
CA ASN E 243 14.81 6.01 45.07
C ASN E 243 15.92 7.04 45.07
N CYS E 244 17.08 6.68 44.51
CA CYS E 244 18.24 7.56 44.57
C CYS E 244 17.98 8.88 43.87
N LEU E 245 16.97 8.97 43.01
CA LEU E 245 16.57 10.25 42.43
C LEU E 245 15.39 10.90 43.12
N THR E 246 14.42 10.13 43.61
CA THR E 246 13.09 10.67 43.87
C THR E 246 12.78 10.88 45.34
N GLN E 247 13.70 10.54 46.24
CA GLN E 247 13.37 10.56 47.66
C GLN E 247 13.99 11.71 48.42
N GLN E 248 15.29 11.97 48.25
CA GLN E 248 15.94 13.02 49.04
C GLN E 248 15.43 14.40 48.67
N VAL E 249 15.04 14.61 47.43
CA VAL E 249 14.57 15.92 46.96
C VAL E 249 13.05 15.99 46.92
N THR E 250 12.40 15.04 46.26
CA THR E 250 10.96 15.09 46.09
C THR E 250 10.20 14.43 47.24
N GLY E 251 10.67 13.27 47.71
CA GLY E 251 10.05 12.56 48.80
C GLY E 251 9.38 11.26 48.42
N TRP E 252 9.06 11.09 47.14
CA TRP E 252 8.42 9.85 46.69
C TRP E 252 9.43 8.72 46.59
N HIS E 253 8.97 7.51 46.84
CA HIS E 253 9.84 6.35 46.90
C HIS E 253 8.99 5.09 46.75
N ASP E 254 9.66 3.97 46.50
CA ASP E 254 9.05 2.64 46.45
C ASP E 254 7.95 2.58 45.37
N LEU E 255 8.40 2.66 44.12
CA LEU E 255 7.51 2.41 43.01
C LEU E 255 6.93 1.01 43.10
N GLU E 256 5.61 0.89 42.96
CA GLU E 256 4.94 -0.39 43.15
C GLU E 256 3.82 -0.53 42.14
N TYR E 257 3.27 -1.74 42.06
CA TYR E 257 2.11 -2.03 41.23
C TYR E 257 1.01 -2.60 42.10
N SER E 258 -0.23 -2.15 41.86
CA SER E 258 -1.37 -2.62 42.61
C SER E 258 -2.59 -2.64 41.70
N ALA E 259 -3.21 -3.81 41.57
CA ALA E 259 -4.42 -3.92 40.74
C ALA E 259 -5.61 -3.22 41.38
N SER E 260 -5.54 -2.92 42.69
CA SER E 260 -6.64 -2.22 43.34
C SER E 260 -6.82 -0.81 42.83
N HIS E 261 -5.82 -0.25 42.13
CA HIS E 261 -5.90 1.08 41.55
C HIS E 261 -6.20 1.01 40.05
N ASN E 262 -7.03 0.07 39.62
CA ASN E 262 -7.36 -0.17 38.22
C ASN E 262 -6.14 -0.61 37.41
N GLN E 263 -5.23 -1.35 38.04
CA GLN E 263 -4.10 -1.99 37.37
C GLN E 263 -3.19 -0.96 36.70
N GLN E 264 -2.62 -0.08 37.51
CA GLN E 264 -1.61 0.85 37.04
C GLN E 264 -0.64 1.15 38.18
N LEU E 265 0.58 1.54 37.81
CA LEU E 265 1.64 1.72 38.80
C LEU E 265 1.31 2.87 39.76
N VAL E 266 1.85 2.77 40.97
CA VAL E 266 1.63 3.77 42.01
C VAL E 266 2.96 4.05 42.70
N MET E 267 3.03 5.20 43.36
CA MET E 267 4.20 5.61 44.11
C MET E 267 3.77 6.09 45.49
N SER E 268 4.68 5.98 46.45
CA SER E 268 4.38 6.21 47.86
C SER E 268 5.07 7.47 48.36
N HIS E 269 4.38 8.20 49.23
CA HIS E 269 4.89 9.41 49.87
C HIS E 269 4.60 9.37 51.35
N PRO E 270 5.48 9.94 52.18
CA PRO E 270 5.22 9.93 53.62
C PRO E 270 3.93 10.60 54.04
N GLN E 271 3.50 11.64 53.32
CA GLN E 271 2.37 12.45 53.77
C GLN E 271 1.18 12.46 52.82
N TYR E 272 1.40 12.30 51.52
CA TYR E 272 0.31 12.37 50.55
C TYR E 272 -0.18 11.00 50.09
N GLY E 273 0.36 9.92 50.67
CA GLY E 273 -0.18 8.60 50.41
C GLY E 273 0.38 7.90 49.18
N LYS E 274 -0.42 7.03 48.59
CA LYS E 274 -0.03 6.28 47.39
C LYS E 274 -0.85 6.81 46.21
N ILE E 275 -0.16 7.29 45.19
CA ILE E 275 -0.82 7.96 44.07
C ILE E 275 -0.34 7.33 42.76
N PRO E 276 -1.22 7.18 41.77
CA PRO E 276 -0.77 6.63 40.47
C PRO E 276 0.28 7.51 39.82
N LEU E 277 1.21 6.87 39.12
CA LEU E 277 2.27 7.59 38.42
C LEU E 277 1.73 8.40 37.24
N SER E 278 0.55 8.05 36.74
CA SER E 278 0.00 8.73 35.57
C SER E 278 -0.49 10.14 35.86
N GLN E 279 -0.56 10.54 37.13
CA GLN E 279 -1.07 11.86 37.51
C GLN E 279 -0.13 12.52 38.50
N LEU E 280 1.16 12.46 38.22
CA LEU E 280 2.18 13.10 39.04
C LEU E 280 2.81 14.25 38.26
N SER E 281 3.83 14.86 38.86
CA SER E 281 4.54 15.95 38.21
C SER E 281 5.31 15.43 36.99
N ASP E 282 5.68 16.36 36.11
CA ASP E 282 6.37 15.99 34.88
C ASP E 282 7.80 15.54 35.15
N GLY E 283 8.51 16.23 36.04
CA GLY E 283 9.89 15.87 36.31
C GLY E 283 10.02 14.50 36.93
N LEU E 284 9.09 14.15 37.82
CA LEU E 284 9.12 12.83 38.43
C LEU E 284 8.93 11.73 37.39
N ARG E 285 8.01 11.94 36.44
CA ARG E 285 7.82 10.99 35.36
C ARG E 285 9.07 10.88 34.49
N ASN E 286 9.70 12.01 34.19
CA ASN E 286 10.93 11.98 33.40
C ASN E 286 12.01 11.15 34.09
N ALA E 287 12.26 11.42 35.38
CA ALA E 287 13.29 10.70 36.10
C ALA E 287 12.96 9.22 36.22
N VAL E 288 11.69 8.90 36.46
CA VAL E 288 11.28 7.51 36.57
C VAL E 288 11.50 6.78 35.25
N ALA E 289 11.11 7.41 34.14
CA ALA E 289 11.30 6.79 32.84
C ALA E 289 12.77 6.54 32.56
N MET E 290 13.62 7.53 32.82
CA MET E 290 15.05 7.37 32.55
C MET E 290 15.66 6.24 33.38
N VAL E 291 15.47 6.29 34.69
CA VAL E 291 16.11 5.30 35.56
C VAL E 291 15.52 3.91 35.33
N ALA E 292 14.21 3.81 35.10
CA ALA E 292 13.62 2.52 34.76
C ALA E 292 14.22 1.98 33.47
N ASP E 293 14.38 2.84 32.45
CA ASP E 293 14.94 2.42 31.18
C ASP E 293 16.33 1.83 31.37
N ILE E 294 17.17 2.48 32.17
CA ILE E 294 18.48 1.91 32.43
C ILE E 294 18.36 0.60 33.21
N ALA E 295 17.52 0.60 34.25
CA ALA E 295 17.56 -0.46 35.25
C ALA E 295 17.01 -1.78 34.71
N PHE E 296 15.90 -1.76 33.97
CA PHE E 296 15.35 -3.06 33.60
C PHE E 296 16.19 -3.72 32.53
N ARG E 297 16.84 -2.93 31.67
CA ARG E 297 17.86 -3.47 30.78
C ARG E 297 19.01 -4.07 31.57
N CYS E 298 19.47 -3.35 32.60
CA CYS E 298 20.60 -3.86 33.39
C CYS E 298 20.24 -5.17 34.08
N VAL E 299 18.99 -5.35 34.46
CA VAL E 299 18.62 -6.56 35.20
C VAL E 299 18.30 -7.71 34.25
N LYS E 300 17.78 -7.42 33.05
CA LYS E 300 17.60 -8.48 32.07
C LYS E 300 18.94 -8.97 31.51
N LEU E 301 19.89 -8.06 31.32
CA LEU E 301 21.18 -8.47 30.76
C LEU E 301 21.95 -9.38 31.72
N ASN E 302 21.96 -9.07 33.00
CA ASN E 302 22.74 -9.82 33.99
C ASN E 302 21.84 -10.28 35.13
N PRO E 303 21.01 -11.30 34.92
CA PRO E 303 20.27 -11.89 36.04
C PRO E 303 21.17 -12.58 37.04
N HIS E 304 22.40 -12.93 36.66
CA HIS E 304 23.27 -13.72 37.53
C HIS E 304 23.90 -12.90 38.64
N LEU E 305 23.71 -11.59 38.66
CA LEU E 305 24.22 -10.75 39.74
C LEU E 305 23.19 -10.58 40.85
N GLN E 306 21.93 -10.32 40.46
CA GLN E 306 20.70 -10.37 41.24
C GLN E 306 20.65 -9.33 42.36
N ASN E 307 21.76 -8.65 42.64
CA ASN E 307 21.73 -7.53 43.58
C ASN E 307 22.58 -6.37 43.12
N ASP E 308 23.48 -6.56 42.16
CA ASP E 308 24.35 -5.52 41.66
C ASP E 308 24.17 -5.35 40.15
N ALA E 309 22.97 -5.67 39.65
CA ALA E 309 22.68 -5.43 38.24
C ALA E 309 22.80 -3.96 37.90
N ALA E 310 22.59 -3.08 38.89
CA ALA E 310 22.80 -1.65 38.72
C ALA E 310 24.14 -1.18 39.28
N LEU E 311 24.79 -1.97 40.11
CA LEU E 311 26.01 -1.55 40.79
C LEU E 311 27.27 -2.18 40.20
N LYS E 312 27.15 -3.07 39.22
CA LYS E 312 28.30 -3.68 38.59
C LYS E 312 28.25 -3.73 37.07
N THR E 313 27.10 -3.49 36.45
CA THR E 313 27.02 -3.52 34.99
C THR E 313 27.78 -2.34 34.40
N GLN E 314 28.54 -2.61 33.34
CA GLN E 314 29.34 -1.60 32.67
C GLN E 314 28.78 -1.34 31.28
N GLY E 315 29.03 -0.13 30.78
CA GLY E 315 28.52 0.24 29.47
C GLY E 315 28.60 1.73 29.26
N ILE E 316 27.88 2.18 28.23
CA ILE E 316 27.83 3.58 27.84
C ILE E 316 26.37 3.98 27.63
N VAL E 317 25.95 5.05 28.30
CA VAL E 317 24.57 5.54 28.22
C VAL E 317 24.59 7.00 27.77
N LEU E 318 23.75 7.32 26.79
CA LEU E 318 23.67 8.66 26.22
C LEU E 318 22.36 9.31 26.63
N ILE E 319 22.43 10.57 27.06
CA ILE E 319 21.25 11.33 27.49
C ILE E 319 21.29 12.70 26.84
N ASP E 320 20.16 13.13 26.30
CA ASP E 320 19.98 14.47 25.73
C ASP E 320 19.03 15.25 26.62
N GLU E 321 19.47 16.43 27.08
CA GLU E 321 18.68 17.31 27.94
C GLU E 321 18.28 16.59 29.23
N VAL E 322 19.31 16.28 30.02
CA VAL E 322 19.11 15.51 31.25
C VAL E 322 18.33 16.30 32.29
N ASP E 323 18.40 17.63 32.25
CA ASP E 323 17.77 18.49 33.25
C ASP E 323 16.37 18.93 32.85
N MET E 324 15.68 18.11 32.06
CA MET E 324 14.38 18.48 31.51
C MET E 324 13.31 18.33 32.57
N PHE E 325 12.51 19.39 32.78
CA PHE E 325 11.36 19.43 33.67
C PHE E 325 11.73 19.37 35.15
N LEU E 326 12.93 19.78 35.53
CA LEU E 326 13.34 19.74 36.93
C LEU E 326 13.63 21.15 37.43
N HIS E 327 13.37 21.38 38.72
CA HIS E 327 13.61 22.67 39.34
C HIS E 327 15.03 22.75 39.88
N PRO E 328 15.55 23.95 40.13
CA PRO E 328 16.99 24.10 40.43
C PRO E 328 17.50 23.25 41.58
N ALA E 329 16.73 23.10 42.66
CA ALA E 329 17.17 22.27 43.77
C ALA E 329 17.36 20.82 43.32
N TRP E 330 16.52 20.35 42.40
CA TRP E 330 16.71 19.04 41.80
C TRP E 330 17.86 19.02 40.81
N GLN E 331 18.06 20.11 40.07
CA GLN E 331 19.15 20.18 39.10
C GLN E 331 20.52 20.26 39.77
N GLN E 332 20.58 20.54 41.07
CA GLN E 332 21.84 20.50 41.79
C GLN E 332 22.14 19.12 42.39
N GLN E 333 21.29 18.13 42.12
CA GLN E 333 21.50 16.80 42.70
C GLN E 333 21.25 15.67 41.71
N ILE E 334 21.27 15.95 40.40
CA ILE E 334 20.97 14.92 39.41
C ILE E 334 22.22 14.13 39.02
N ILE E 335 23.35 14.82 38.84
CA ILE E 335 24.56 14.15 38.38
C ILE E 335 25.08 13.18 39.43
N GLN E 336 25.19 13.64 40.67
CA GLN E 336 25.70 12.79 41.73
C GLN E 336 24.77 11.61 41.99
N SER E 337 23.46 11.83 41.89
CA SER E 337 22.52 10.74 42.10
C SER E 337 22.59 9.71 40.97
N LEU E 338 22.74 10.17 39.72
CA LEU E 338 22.94 9.23 38.62
C LEU E 338 24.23 8.42 38.83
N ARG E 339 25.28 9.09 39.29
CA ARG E 339 26.53 8.38 39.56
C ARG E 339 26.36 7.34 40.65
N SER E 340 25.65 7.69 41.73
CA SER E 340 25.47 6.77 42.85
C SER E 340 24.60 5.58 42.46
N ALA E 341 23.56 5.81 41.67
CA ALA E 341 22.68 4.71 41.28
C ALA E 341 23.41 3.70 40.42
N PHE E 342 24.22 4.16 39.47
CA PHE E 342 24.94 3.31 38.54
C PHE E 342 26.41 3.73 38.53
N PRO E 343 27.25 3.10 39.36
CA PRO E 343 28.62 3.58 39.53
C PRO E 343 29.60 3.12 38.46
N GLN E 344 29.23 2.18 37.59
CA GLN E 344 30.17 1.60 36.64
C GLN E 344 29.78 1.88 35.19
N ILE E 345 29.05 2.97 34.94
CA ILE E 345 28.64 3.33 33.59
C ILE E 345 29.22 4.69 33.23
N GLN E 346 29.72 4.80 32.00
CA GLN E 346 30.17 6.06 31.45
C GLN E 346 28.98 6.81 30.88
N PHE E 347 28.91 8.11 31.17
CA PHE E 347 27.78 8.95 30.76
C PHE E 347 28.28 10.07 29.86
N ILE E 348 27.57 10.31 28.76
CA ILE E 348 27.77 11.48 27.92
C ILE E 348 26.44 12.20 27.84
N VAL E 349 26.34 13.35 28.51
CA VAL E 349 25.08 14.07 28.68
C VAL E 349 25.24 15.48 28.14
N THR E 350 24.13 16.05 27.68
CA THR E 350 24.10 17.40 27.12
C THR E 350 23.13 18.26 27.91
N THR E 351 23.61 19.41 28.39
CA THR E 351 22.82 20.32 29.22
C THR E 351 23.06 21.75 28.76
N HIS E 352 22.27 22.67 29.32
CA HIS E 352 22.55 24.09 29.21
C HIS E 352 22.25 24.86 30.48
N SER E 353 21.83 24.22 31.56
CA SER E 353 21.48 24.92 32.79
C SER E 353 22.74 25.24 33.59
N PRO E 354 22.92 26.49 34.01
CA PRO E 354 24.09 26.81 34.85
C PRO E 354 24.12 26.08 36.17
N GLN E 355 22.98 25.58 36.66
CA GLN E 355 22.96 24.89 37.95
C GLN E 355 23.66 23.54 37.86
N VAL E 356 23.41 22.78 36.79
CA VAL E 356 24.04 21.47 36.63
C VAL E 356 25.54 21.61 36.47
N LEU E 357 25.99 22.65 35.77
CA LEU E 357 27.41 22.85 35.53
C LEU E 357 28.21 23.14 36.79
N SER E 358 27.55 23.50 37.89
CA SER E 358 28.24 23.79 39.15
C SER E 358 28.38 22.57 40.04
N THR E 359 27.79 21.44 39.69
CA THR E 359 27.91 20.21 40.48
C THR E 359 29.02 19.29 39.99
N VAL E 360 29.76 19.69 38.95
CA VAL E 360 30.82 18.87 38.40
C VAL E 360 32.08 19.71 38.30
N LYS E 361 33.22 19.03 38.24
CA LYS E 361 34.51 19.70 38.18
C LYS E 361 34.77 20.22 36.77
N ARG E 362 35.91 20.89 36.59
CA ARG E 362 36.23 21.50 35.31
C ARG E 362 36.64 20.49 34.26
N GLU E 363 37.03 19.28 34.67
CA GLU E 363 37.53 18.28 33.74
C GLU E 363 36.41 17.55 32.99
N SER E 364 35.15 17.79 33.34
CA SER E 364 34.03 17.11 32.71
C SER E 364 33.16 18.07 31.89
N ILE E 365 33.73 19.17 31.41
CA ILE E 365 32.99 20.18 30.67
C ILE E 365 33.65 20.37 29.31
N ARG E 366 32.83 20.37 28.25
CA ARG E 366 33.32 20.57 26.90
C ARG E 366 32.49 21.65 26.22
N LEU E 367 33.12 22.78 25.92
CA LEU E 367 32.48 23.86 25.18
C LEU E 367 32.79 23.69 23.70
N LEU E 368 31.74 23.58 22.89
CA LEU E 368 31.89 23.41 21.45
C LEU E 368 31.70 24.75 20.77
N GLU E 369 32.74 25.24 20.12
CA GLU E 369 32.69 26.49 19.36
C GLU E 369 32.94 26.19 17.89
N GLN E 370 32.19 26.87 17.03
CA GLN E 370 32.23 26.62 15.59
C GLN E 370 32.57 27.91 14.87
N ASP E 371 33.54 27.83 13.95
CA ASP E 371 33.95 28.98 13.17
C ASP E 371 32.99 29.20 12.00
N GLU E 372 33.28 30.19 11.17
CA GLU E 372 32.45 30.44 10.00
C GLU E 372 32.67 29.39 8.92
N ASN E 373 33.87 28.81 8.85
CA ASN E 373 34.19 27.79 7.87
C ASN E 373 33.81 26.38 8.32
N GLY E 374 33.34 26.23 9.57
CA GLY E 374 32.90 24.95 10.07
C GLY E 374 33.87 24.26 11.01
N ASN E 375 35.10 24.75 11.12
CA ASN E 375 36.05 24.16 12.06
C ASN E 375 35.55 24.31 13.49
N GLY E 376 35.62 23.22 14.25
CA GLY E 376 35.08 23.19 15.59
C GLY E 376 36.17 22.92 16.63
N LYS E 377 35.96 23.47 17.81
CA LYS E 377 36.87 23.27 18.94
C LYS E 377 36.07 22.84 20.16
N ALA E 378 36.59 21.86 20.88
CA ALA E 378 35.99 21.35 22.10
C ALA E 378 36.92 21.73 23.25
N LEU E 379 36.72 22.93 23.78
CA LEU E 379 37.59 23.51 24.79
C LEU E 379 37.09 23.20 26.19
N MET E 380 37.95 23.49 27.17
CA MET E 380 37.63 23.39 28.59
C MET E 380 37.63 24.79 29.19
N PRO E 381 36.88 25.00 30.27
CA PRO E 381 36.84 26.32 30.90
C PRO E 381 38.21 26.75 31.38
N LEU E 382 38.45 28.06 31.32
CA LEU E 382 39.75 28.60 31.74
C LEU E 382 39.85 28.67 33.26
N GLY E 383 38.97 29.43 33.89
CA GLY E 383 38.98 29.58 35.34
C GLY E 383 38.45 28.36 36.05
N ALA E 384 38.69 28.33 37.36
CA ALA E 384 38.24 27.22 38.19
C ALA E 384 37.84 27.71 39.58
N MET F 1 -13.16 39.67 27.08
CA MET F 1 -13.07 38.61 28.08
C MET F 1 -11.93 38.85 29.05
N ARG F 2 -12.18 38.55 30.33
CA ARG F 2 -11.14 38.65 31.34
C ARG F 2 -11.56 37.85 32.56
N ILE F 3 -10.60 37.13 33.15
CA ILE F 3 -10.81 36.38 34.39
C ILE F 3 -10.16 37.16 35.52
N ASP F 4 -10.89 37.33 36.63
CA ASP F 4 -10.40 38.14 37.73
C ASP F 4 -10.07 37.37 39.00
N LYS F 5 -10.61 36.16 39.17
CA LYS F 5 -10.36 35.41 40.39
C LYS F 5 -10.75 33.95 40.16
N LEU F 6 -9.99 33.05 40.78
CA LEU F 6 -10.27 31.62 40.73
C LEU F 6 -10.27 31.07 42.15
N SER F 7 -11.23 30.20 42.44
CA SER F 7 -11.34 29.55 43.74
C SER F 7 -11.55 28.07 43.54
N LEU F 8 -10.81 27.26 44.30
CA LEU F 8 -10.87 25.81 44.21
C LEU F 8 -11.07 25.22 45.60
N LEU F 9 -11.95 24.23 45.69
CA LEU F 9 -12.16 23.47 46.92
C LEU F 9 -12.13 21.99 46.61
N ASN F 10 -11.29 21.25 47.33
CA ASN F 10 -11.16 19.80 47.20
C ASN F 10 -10.83 19.39 45.76
N PHE F 11 -9.78 20.02 45.23
CA PHE F 11 -9.25 19.71 43.91
C PHE F 11 -8.16 18.64 44.01
N ARG F 12 -7.37 18.50 42.95
CA ARG F 12 -6.33 17.48 42.89
C ARG F 12 -5.44 17.49 44.13
N CYS F 13 -4.94 18.66 44.51
CA CYS F 13 -4.06 18.78 45.65
C CYS F 13 -4.40 19.92 46.60
N PHE F 14 -5.38 20.76 46.27
CA PHE F 14 -5.72 21.92 47.08
C PHE F 14 -7.03 21.66 47.80
N LYS F 15 -7.01 21.72 49.13
CA LYS F 15 -8.26 21.67 49.88
C LYS F 15 -9.04 22.96 49.69
N GLN F 16 -8.36 24.10 49.73
CA GLN F 16 -8.99 25.38 49.44
C GLN F 16 -7.92 26.34 48.94
N LEU F 17 -8.18 26.98 47.81
CA LEU F 17 -7.24 27.93 47.22
C LEU F 17 -8.01 29.09 46.59
N ASP F 18 -7.52 30.30 46.81
CA ASP F 18 -8.10 31.51 46.23
C ASP F 18 -6.97 32.31 45.58
N ILE F 19 -7.03 32.47 44.27
CA ILE F 19 -5.99 33.16 43.51
C ILE F 19 -6.62 34.30 42.72
N THR F 20 -5.93 35.43 42.67
CA THR F 20 -6.38 36.58 41.90
C THR F 20 -5.43 36.80 40.73
N PHE F 21 -5.98 36.85 39.52
CA PHE F 21 -5.17 37.06 38.33
C PHE F 21 -4.95 38.54 38.09
N ASP F 22 -4.14 38.85 37.09
CA ASP F 22 -3.83 40.21 36.73
C ASP F 22 -4.45 40.56 35.38
N GLU F 23 -4.42 41.85 35.05
CA GLU F 23 -5.04 42.33 33.83
C GLU F 23 -4.31 41.83 32.59
N HIS F 24 -2.98 41.82 32.62
CA HIS F 24 -2.19 41.52 31.44
C HIS F 24 -1.37 40.24 31.58
N ILE F 25 -0.52 40.13 32.60
CA ILE F 25 0.44 39.05 32.72
C ILE F 25 0.38 38.50 34.14
N THR F 26 0.57 37.18 34.27
CA THR F 26 0.69 36.55 35.58
C THR F 26 1.55 35.30 35.45
N ILE F 27 2.44 35.11 36.41
CA ILE F 27 3.38 33.98 36.42
C ILE F 27 3.18 33.22 37.73
N LEU F 28 2.96 31.92 37.63
CA LEU F 28 2.87 31.06 38.80
C LEU F 28 4.22 30.38 39.00
N VAL F 29 4.98 30.86 39.99
CA VAL F 29 6.34 30.40 40.24
C VAL F 29 6.31 29.49 41.47
N ALA F 30 6.65 28.22 41.27
CA ALA F 30 6.64 27.25 42.35
C ALA F 30 7.42 26.01 41.95
N PRO F 31 8.00 25.29 42.90
CA PRO F 31 8.68 24.02 42.58
C PRO F 31 7.72 22.92 42.16
N ASN F 32 8.24 21.73 41.93
CA ASN F 32 7.42 20.60 41.49
C ASN F 32 6.42 20.22 42.57
N GLY F 33 5.26 19.75 42.14
CA GLY F 33 4.25 19.28 43.06
C GLY F 33 3.49 20.34 43.80
N ALA F 34 3.68 21.61 43.44
CA ALA F 34 2.98 22.71 44.09
C ALA F 34 1.70 23.10 43.37
N GLY F 35 1.34 22.41 42.30
CA GLY F 35 0.08 22.66 41.64
C GLY F 35 0.06 23.83 40.67
N LYS F 36 0.91 23.78 39.64
CA LYS F 36 0.88 24.77 38.57
C LYS F 36 0.02 24.32 37.40
N THR F 37 0.14 23.06 37.00
CA THR F 37 -0.72 22.55 35.93
C THR F 37 -2.17 22.46 36.38
N THR F 38 -2.41 22.23 37.68
CA THR F 38 -3.78 22.16 38.18
C THR F 38 -4.51 23.48 37.99
N VAL F 39 -3.84 24.60 38.27
CA VAL F 39 -4.48 25.91 38.13
C VAL F 39 -4.82 26.19 36.67
N LEU F 40 -3.88 25.90 35.77
CA LEU F 40 -4.14 26.09 34.35
C LEU F 40 -5.27 25.19 33.87
N ASP F 41 -5.31 23.96 34.34
CA ASP F 41 -6.36 23.04 33.94
C ASP F 41 -7.71 23.49 34.47
N ALA F 42 -7.75 24.05 35.68
CA ALA F 42 -9.00 24.60 36.21
C ALA F 42 -9.48 25.77 35.36
N VAL F 43 -8.58 26.68 35.00
CA VAL F 43 -8.95 27.80 34.14
C VAL F 43 -9.44 27.28 32.80
N ARG F 44 -8.79 26.24 32.28
CA ARG F 44 -9.16 25.66 30.99
C ARG F 44 -10.56 25.06 31.05
N LEU F 45 -10.87 24.35 32.13
CA LEU F 45 -12.20 23.77 32.29
C LEU F 45 -13.26 24.85 32.45
N ALA F 46 -12.93 25.94 33.14
CA ALA F 46 -13.88 27.03 33.29
C ALA F 46 -14.26 27.65 31.95
N LEU F 47 -13.36 27.57 30.96
CA LEU F 47 -13.60 28.15 29.65
C LEU F 47 -14.17 27.16 28.65
N PHE F 48 -14.37 25.91 29.05
CA PHE F 48 -14.94 24.92 28.13
C PHE F 48 -16.34 25.27 27.62
N PRO F 49 -17.29 25.74 28.45
CA PRO F 49 -18.64 25.98 27.92
C PRO F 49 -18.70 26.93 26.75
N PHE F 50 -17.83 27.94 26.70
CA PHE F 50 -17.86 28.88 25.58
C PHE F 50 -17.55 28.16 24.27
N ILE F 51 -16.55 27.29 24.27
CA ILE F 51 -16.22 26.52 23.08
C ILE F 51 -17.29 25.47 22.80
N ARG F 52 -17.92 24.93 23.85
CA ARG F 52 -18.87 23.83 23.69
C ARG F 52 -20.04 24.20 22.78
N GLY F 53 -20.32 25.49 22.62
CA GLY F 53 -21.43 25.92 21.80
C GLY F 53 -21.05 26.22 20.37
N PHE F 54 -20.22 25.35 19.77
CA PHE F 54 -19.79 25.53 18.39
C PHE F 54 -19.97 24.31 17.52
N ASP F 55 -20.60 23.25 18.03
CA ASP F 55 -20.91 22.05 17.26
C ASP F 55 -19.65 21.43 16.63
N ALA F 56 -18.54 21.45 17.37
CA ALA F 56 -17.29 20.88 16.89
C ALA F 56 -16.57 20.02 17.91
N SER F 57 -16.93 20.08 19.19
CA SER F 57 -16.26 19.31 20.22
C SER F 57 -16.87 17.92 20.42
N LEU F 58 -18.00 17.62 19.79
CA LEU F 58 -18.64 16.32 19.95
C LEU F 58 -17.95 15.22 19.16
N TYR F 59 -17.16 15.56 18.14
CA TYR F 59 -16.47 14.54 17.37
C TYR F 59 -15.32 13.93 18.17
N VAL F 60 -14.54 14.76 18.86
CA VAL F 60 -13.40 14.28 19.63
C VAL F 60 -13.89 13.73 20.97
N LYS F 61 -13.31 12.62 21.39
CA LYS F 61 -13.64 11.98 22.66
C LYS F 61 -12.42 12.13 23.58
N ASP F 62 -12.37 13.26 24.28
CA ASP F 62 -11.30 13.55 25.23
C ASP F 62 -11.87 13.61 26.64
N LYS F 63 -11.31 12.81 27.53
CA LYS F 63 -11.79 12.75 28.91
C LYS F 63 -11.36 13.95 29.75
N SER F 64 -10.39 14.74 29.27
CA SER F 64 -9.90 15.88 30.03
C SER F 64 -10.78 17.11 29.93
N LEU F 65 -11.83 17.08 29.09
CA LEU F 65 -12.71 18.23 28.93
C LEU F 65 -13.73 18.35 30.06
N ALA F 66 -13.79 17.38 30.96
CA ALA F 66 -14.71 17.44 32.09
C ALA F 66 -14.04 16.80 33.29
N ILE F 67 -14.53 17.16 34.49
CA ILE F 67 -13.93 16.64 35.71
C ILE F 67 -14.20 15.15 35.82
N ARG F 68 -13.16 14.40 36.17
CA ARG F 68 -13.24 12.95 36.27
C ARG F 68 -13.02 12.52 37.72
N THR F 69 -13.08 11.20 37.94
CA THR F 69 -12.91 10.66 39.28
C THR F 69 -11.49 10.88 39.80
N GLU F 70 -10.50 10.86 38.91
CA GLU F 70 -9.12 11.07 39.33
C GLU F 70 -8.89 12.47 39.89
N ASP F 71 -9.74 13.42 39.55
CA ASP F 71 -9.59 14.80 40.02
C ASP F 71 -9.86 14.92 41.51
N LEU F 72 -10.79 14.13 42.05
CA LEU F 72 -11.20 14.30 43.43
C LEU F 72 -10.05 14.04 44.39
N ARG F 73 -9.99 14.86 45.45
CA ARG F 73 -8.88 14.79 46.39
C ARG F 73 -8.90 13.46 47.16
N LEU F 74 -7.71 13.00 47.54
CA LEU F 74 -7.54 11.84 48.38
C LEU F 74 -6.74 12.22 49.61
N ILE F 75 -7.29 11.95 50.79
CA ILE F 75 -6.65 12.25 52.06
C ILE F 75 -6.00 10.99 52.60
N TYR F 76 -4.79 11.13 53.15
CA TYR F 76 -4.06 10.02 53.75
C TYR F 76 -4.26 10.04 55.26
N ARG F 77 -4.56 8.87 55.83
CA ARG F 77 -4.87 8.75 57.24
C ARG F 77 -3.64 8.43 58.08
N GLN F 78 -2.73 7.63 57.56
CA GLN F 78 -1.46 7.19 58.15
C GLN F 78 -1.70 6.15 59.26
N GLU F 79 -2.95 5.87 59.63
CA GLU F 79 -3.27 4.83 60.60
C GLU F 79 -4.15 3.75 60.02
N ALA F 80 -5.28 4.13 59.41
CA ALA F 80 -6.14 3.16 58.76
C ALA F 80 -5.57 2.65 57.45
N LEU F 81 -4.50 3.26 56.95
CA LEU F 81 -3.86 2.85 55.69
C LEU F 81 -4.86 2.84 54.54
N ASN F 82 -5.74 3.84 54.52
CA ASN F 82 -6.74 3.97 53.47
C ASN F 82 -6.75 5.41 52.97
N MET F 83 -7.03 5.57 51.68
CA MET F 83 -7.14 6.89 51.06
C MET F 83 -8.60 7.28 51.02
N GLU F 84 -8.93 8.42 51.63
CA GLU F 84 -10.30 8.90 51.70
C GLU F 84 -10.57 9.79 50.50
N MET F 85 -11.54 9.39 49.67
CA MET F 85 -11.89 10.14 48.46
C MET F 85 -12.86 11.24 48.84
N SER F 86 -12.34 12.46 48.96
CA SER F 86 -13.16 13.58 49.37
C SER F 86 -14.10 14.01 48.24
N SER F 87 -15.06 14.85 48.59
CA SER F 87 -16.05 15.38 47.66
C SER F 87 -16.71 16.59 48.30
N PRO F 88 -17.11 17.58 47.50
CA PRO F 88 -17.09 17.66 46.04
C PRO F 88 -15.93 18.48 45.48
N ALA F 89 -15.62 18.29 44.20
CA ALA F 89 -14.69 19.16 43.49
C ALA F 89 -15.43 20.44 43.07
N LYS F 90 -14.86 21.58 43.44
CA LYS F 90 -15.48 22.89 43.27
C LYS F 90 -14.57 23.78 42.44
N ILE F 91 -15.13 24.43 41.42
CA ILE F 91 -14.41 25.42 40.63
C ILE F 91 -15.29 26.66 40.50
N THR F 92 -14.75 27.81 40.89
CA THR F 92 -15.46 29.08 40.84
C THR F 92 -14.64 30.07 40.05
N ALA F 93 -15.23 30.65 39.00
CA ALA F 93 -14.53 31.60 38.15
C ALA F 93 -15.39 32.84 37.95
N THR F 94 -14.80 34.00 38.17
CA THR F 94 -15.48 35.28 37.99
C THR F 94 -14.73 36.12 36.96
N GLY F 95 -15.47 36.92 36.20
CA GLY F 95 -14.82 37.75 35.22
C GLY F 95 -15.80 38.61 34.45
N GLU F 96 -15.31 39.14 33.35
CA GLU F 96 -16.06 40.00 32.44
C GLU F 96 -16.11 39.37 31.07
N TRP F 97 -17.30 39.34 30.48
CA TRP F 97 -17.48 38.78 29.14
C TRP F 97 -17.64 39.83 28.05
N ALA F 98 -18.05 41.04 28.40
CA ALA F 98 -18.25 42.10 27.41
C ALA F 98 -18.05 43.43 28.12
N SER F 99 -18.44 44.51 27.46
CA SER F 99 -18.31 45.84 28.03
C SER F 99 -19.24 45.98 29.24
N GLY F 100 -18.68 45.90 30.44
CA GLY F 100 -19.48 45.99 31.65
C GLY F 100 -20.46 44.85 31.82
N LYS F 101 -20.04 43.63 31.51
CA LYS F 101 -20.87 42.44 31.69
C LYS F 101 -20.11 41.47 32.60
N THR F 102 -20.28 41.64 33.91
CA THR F 102 -19.64 40.80 34.90
C THR F 102 -20.47 39.54 35.14
N ALA F 103 -19.77 38.44 35.40
CA ALA F 103 -20.43 37.17 35.67
C ALA F 103 -19.57 36.34 36.60
N THR F 104 -20.21 35.39 37.25
CA THR F 104 -19.53 34.43 38.12
C THR F 104 -20.18 33.08 37.93
N TRP F 105 -19.39 32.08 37.57
CA TRP F 105 -19.91 30.76 37.24
C TRP F 105 -19.16 29.69 38.02
N MET F 106 -19.78 28.52 38.12
CA MET F 106 -19.30 27.46 38.99
C MET F 106 -19.45 26.11 38.30
N LEU F 107 -18.51 25.22 38.59
CA LEU F 107 -18.55 23.82 38.16
C LEU F 107 -18.35 22.93 39.37
N ASP F 108 -19.12 21.84 39.42
CA ASP F 108 -19.14 20.99 40.60
C ASP F 108 -19.06 19.53 40.19
N LYS F 109 -18.53 18.70 41.09
CA LYS F 109 -18.61 17.26 40.92
C LYS F 109 -18.70 16.59 42.29
N ARG F 110 -19.79 15.86 42.51
CA ARG F 110 -20.03 15.16 43.77
C ARG F 110 -19.87 13.66 43.54
N GLY F 111 -18.86 13.07 44.18
CA GLY F 111 -18.67 11.64 44.12
C GLY F 111 -18.52 11.13 42.70
N GLU F 112 -19.28 10.08 42.37
CA GLU F 112 -19.28 9.50 41.03
C GLU F 112 -20.37 10.10 40.14
N GLN F 113 -21.17 11.02 40.66
CA GLN F 113 -22.19 11.65 39.84
C GLN F 113 -21.53 12.51 38.76
N PRO F 114 -22.07 12.49 37.54
CA PRO F 114 -21.50 13.32 36.47
C PRO F 114 -21.53 14.80 36.83
N PRO F 115 -20.51 15.56 36.44
CA PRO F 115 -20.45 16.96 36.83
C PRO F 115 -21.59 17.77 36.24
N HIS F 116 -22.03 18.78 36.99
CA HIS F 116 -23.09 19.68 36.57
C HIS F 116 -22.75 21.09 37.02
N GLU F 117 -23.29 22.08 36.30
CA GLU F 117 -22.95 23.48 36.51
C GLU F 117 -24.20 24.33 36.59
N ASP F 118 -24.03 25.55 37.10
CA ASP F 118 -25.13 26.48 37.21
C ASP F 118 -25.57 26.98 35.83
N LYS F 119 -26.71 27.65 35.79
CA LYS F 119 -27.27 28.13 34.53
C LYS F 119 -26.54 29.36 33.98
N MET F 120 -25.65 29.97 34.76
CA MET F 120 -24.79 31.01 34.19
C MET F 120 -23.82 30.41 33.18
N ALA F 121 -23.39 29.16 33.39
CA ALA F 121 -22.64 28.45 32.36
C ALA F 121 -23.45 28.29 31.10
N ALA F 122 -24.75 27.98 31.24
CA ALA F 122 -25.62 27.94 30.08
C ALA F 122 -25.76 29.30 29.43
N GLN F 123 -25.74 30.36 30.23
CA GLN F 123 -25.76 31.72 29.68
C GLN F 123 -24.52 31.98 28.82
N LEU F 124 -23.36 31.55 29.31
CA LEU F 124 -22.13 31.70 28.53
C LEU F 124 -22.19 30.86 27.25
N THR F 125 -22.72 29.65 27.35
CA THR F 125 -22.84 28.80 26.17
C THR F 125 -23.78 29.42 25.13
N ARG F 126 -24.90 29.98 25.58
CA ARG F 126 -25.81 30.60 24.62
C ARG F 126 -25.24 31.91 24.09
N TRP F 127 -24.38 32.59 24.85
CA TRP F 127 -23.66 33.73 24.30
C TRP F 127 -22.73 33.31 23.17
N GLY F 128 -22.03 32.18 23.37
CA GLY F 128 -21.21 31.64 22.29
C GLY F 128 -22.04 31.23 21.08
N GLU F 129 -23.20 30.62 21.32
CA GLU F 129 -24.09 30.27 20.23
C GLU F 129 -24.58 31.50 19.48
N GLN F 130 -24.90 32.56 20.23
CA GLN F 130 -25.30 33.81 19.59
C GLN F 130 -24.19 34.36 18.73
N LEU F 131 -22.94 34.31 19.22
CA LEU F 131 -21.82 34.78 18.41
C LEU F 131 -21.65 33.95 17.15
N GLN F 132 -21.75 32.62 17.25
CA GLN F 132 -21.54 31.79 16.07
C GLN F 132 -22.67 31.96 15.06
N LYS F 133 -23.89 32.25 15.54
CA LYS F 133 -24.98 32.55 14.62
C LYS F 133 -24.78 33.91 13.96
N ARG F 134 -24.34 34.91 14.74
CA ARG F 134 -24.19 36.26 14.21
C ARG F 134 -23.09 36.33 13.16
N VAL F 135 -21.98 35.62 13.39
CA VAL F 135 -20.88 35.67 12.42
C VAL F 135 -21.25 34.93 11.14
N ARG F 136 -22.22 34.03 11.20
CA ARG F 136 -22.58 33.22 10.04
C ARG F 136 -23.39 33.99 9.01
N GLU F 137 -23.84 35.20 9.32
CA GLU F 137 -24.63 35.98 8.37
C GLU F 137 -23.82 36.31 7.13
N GLU F 138 -24.44 36.14 5.96
CA GLU F 138 -23.79 36.39 4.69
C GLU F 138 -23.98 37.82 4.18
N HIS F 139 -24.80 38.62 4.86
CA HIS F 139 -25.04 40.00 4.44
C HIS F 139 -25.26 40.83 5.69
N SER F 140 -24.20 41.48 6.17
CA SER F 140 -24.28 42.32 7.36
C SER F 140 -23.11 43.30 7.42
N LEU F 141 -23.42 44.59 7.53
CA LEU F 141 -22.37 45.60 7.60
C LEU F 141 -21.69 45.62 8.97
N GLN F 142 -22.36 45.11 10.00
CA GLN F 142 -21.81 45.12 11.35
C GLN F 142 -20.59 44.19 11.43
N GLN F 143 -19.61 44.61 12.23
CA GLN F 143 -18.35 43.91 12.40
C GLN F 143 -18.31 43.22 13.75
N VAL F 144 -17.97 41.93 13.75
CA VAL F 144 -17.90 41.13 14.96
C VAL F 144 -16.43 40.87 15.29
N GLU F 145 -16.05 41.14 16.53
CA GLU F 145 -14.69 40.93 17.01
C GLU F 145 -14.66 39.69 17.89
N LEU F 146 -14.22 38.57 17.32
CA LEU F 146 -14.14 37.35 18.10
C LEU F 146 -12.91 37.37 19.01
N PRO F 147 -12.96 36.71 20.16
CA PRO F 147 -11.80 36.66 21.04
C PRO F 147 -10.88 35.50 20.71
N LEU F 148 -9.78 35.37 21.46
CA LEU F 148 -8.82 34.30 21.28
C LEU F 148 -8.74 33.46 22.55
N MET F 149 -8.83 32.14 22.40
CA MET F 149 -8.67 31.22 23.53
C MET F 149 -7.78 30.08 23.07
N LEU F 150 -6.63 29.93 23.73
CA LEU F 150 -5.63 28.96 23.31
C LEU F 150 -4.94 28.37 24.53
N TYR F 151 -4.63 27.07 24.46
CA TYR F 151 -3.92 26.38 25.53
C TYR F 151 -2.74 25.65 24.94
N LEU F 152 -1.53 26.08 25.28
CA LEU F 152 -0.30 25.44 24.84
C LEU F 152 0.32 24.74 26.05
N GLY F 153 0.32 23.40 26.02
CA GLY F 153 0.80 22.60 27.12
C GLY F 153 2.20 22.08 26.90
N THR F 154 2.54 21.04 27.65
CA THR F 154 3.82 20.35 27.49
C THR F 154 3.78 19.29 26.40
N ALA F 155 2.64 19.11 25.75
CA ALA F 155 2.47 18.16 24.66
C ALA F 155 2.43 18.84 23.30
N ARG F 156 2.83 20.11 23.23
CA ARG F 156 2.69 20.88 22.00
C ARG F 156 3.79 20.61 20.99
N LEU F 157 4.91 20.03 21.41
CA LEU F 157 6.06 19.91 20.51
C LEU F 157 6.00 18.69 19.62
N TRP F 158 4.96 17.85 19.72
CA TRP F 158 4.90 16.64 18.91
C TRP F 158 3.55 16.50 18.25
N TYR F 159 3.57 15.91 17.06
CA TYR F 159 2.36 15.66 16.27
C TYR F 159 1.51 14.57 16.91
N GLN F 170 -5.40 27.14 4.28
CA GLN F 170 -5.98 26.78 2.98
C GLN F 170 -6.47 28.02 2.25
N ARG F 171 -7.15 28.91 2.98
CA ARG F 171 -7.65 30.14 2.39
C ARG F 171 -7.72 31.22 3.47
N LEU F 172 -7.65 32.48 3.02
CA LEU F 172 -7.68 33.63 3.91
C LEU F 172 -8.85 34.56 3.62
N ASP F 173 -9.89 34.05 2.97
CA ASP F 173 -11.03 34.89 2.62
C ASP F 173 -11.88 35.22 3.84
N ASN F 174 -12.72 36.24 3.70
CA ASN F 174 -13.63 36.68 4.77
C ASN F 174 -14.88 35.80 4.77
N SER F 175 -14.70 34.54 5.13
CA SER F 175 -15.76 33.55 5.12
C SER F 175 -15.91 32.93 6.51
N ALA F 176 -17.08 32.31 6.72
CA ALA F 176 -17.38 31.73 8.03
C ALA F 176 -16.44 30.58 8.36
N PHE F 177 -16.07 29.78 7.35
CA PHE F 177 -15.15 28.68 7.58
C PHE F 177 -13.80 29.17 8.08
N SER F 178 -13.29 30.25 7.48
CA SER F 178 -12.03 30.83 7.93
C SER F 178 -12.14 31.35 9.36
N ARG F 179 -13.26 32.01 9.69
CA ARG F 179 -13.44 32.55 11.02
C ARG F 179 -13.49 31.43 12.06
N LEU F 180 -14.21 30.35 11.76
CA LEU F 180 -14.39 29.26 12.71
C LEU F 180 -13.26 28.25 12.70
N SER F 181 -12.31 28.37 11.75
CA SER F 181 -11.13 27.51 11.79
C SER F 181 -10.14 27.93 12.85
N GLY F 182 -10.26 29.15 13.37
CA GLY F 182 -9.36 29.59 14.42
C GLY F 182 -9.54 28.80 15.71
N TYR F 183 -10.79 28.44 16.03
CA TYR F 183 -11.10 27.67 17.22
C TYR F 183 -10.99 26.16 16.99
N ASP F 184 -10.23 25.74 15.99
CA ASP F 184 -10.01 24.32 15.73
C ASP F 184 -8.83 23.86 16.58
N ASP F 185 -9.08 22.88 17.45
CA ASP F 185 -8.06 22.38 18.39
C ASP F 185 -7.48 23.52 19.23
N CYS F 186 -8.36 24.38 19.72
CA CYS F 186 -7.92 25.55 20.48
C CYS F 186 -7.48 25.20 21.88
N LEU F 187 -7.86 24.03 22.40
CA LEU F 187 -7.46 23.61 23.73
C LEU F 187 -6.44 22.47 23.71
N SER F 188 -6.06 21.98 22.54
CA SER F 188 -5.05 20.94 22.40
C SER F 188 -4.08 21.31 21.29
N ALA F 189 -3.61 22.56 21.32
CA ALA F 189 -2.81 23.10 20.24
C ALA F 189 -1.44 22.45 20.17
N THR F 190 -0.94 22.28 18.95
CA THR F 190 0.40 21.79 18.68
C THR F 190 1.14 22.82 17.85
N SER F 191 2.41 23.04 18.17
CA SER F 191 3.20 24.06 17.48
C SER F 191 4.65 23.59 17.40
N ASN F 192 4.99 22.95 16.29
CA ASN F 192 6.36 22.57 16.00
C ASN F 192 6.82 23.27 14.72
N TYR F 193 7.99 22.91 14.23
CA TYR F 193 8.57 23.61 13.10
C TYR F 193 8.06 23.12 11.75
N LYS F 194 7.75 21.83 11.62
CA LYS F 194 7.45 21.26 10.31
C LYS F 194 6.18 21.87 9.70
N GLN F 195 5.07 21.84 10.44
CA GLN F 195 3.83 22.41 9.90
C GLN F 195 3.97 23.90 9.67
N PHE F 196 4.65 24.60 10.58
CA PHE F 196 4.84 26.04 10.45
C PHE F 196 5.55 26.37 9.15
N GLU F 197 6.67 25.70 8.88
CA GLU F 197 7.41 25.98 7.66
C GLU F 197 6.58 25.60 6.44
N GLN F 198 5.82 24.51 6.53
CA GLN F 198 4.97 24.10 5.42
C GLN F 198 3.99 25.20 5.03
N TRP F 199 3.19 25.69 5.98
CA TRP F 199 2.16 26.66 5.58
C TRP F 199 2.74 28.04 5.31
N TYR F 200 3.82 28.43 5.99
CA TYR F 200 4.47 29.69 5.65
C TYR F 200 5.01 29.66 4.22
N SER F 201 5.62 28.53 3.83
CA SER F 201 6.13 28.41 2.47
C SER F 201 5.01 28.45 1.45
N TRP F 202 3.90 27.76 1.72
CA TRP F 202 2.78 27.80 0.79
C TRP F 202 2.26 29.22 0.60
N LEU F 203 2.08 29.94 1.71
CA LEU F 203 1.56 31.30 1.64
C LEU F 203 2.51 32.21 0.86
N TRP F 204 3.81 32.08 1.11
CA TRP F 204 4.78 32.91 0.40
C TRP F 204 4.82 32.58 -1.09
N LEU F 205 4.69 31.30 -1.44
CA LEU F 205 4.65 30.92 -2.84
C LEU F 205 3.46 31.55 -3.55
N SER F 206 2.29 31.52 -2.92
CA SER F 206 1.11 32.14 -3.55
C SER F 206 1.31 33.64 -3.72
N TYR F 207 1.83 34.31 -2.69
CA TYR F 207 2.07 35.75 -2.79
C TYR F 207 3.06 36.07 -3.91
N ARG F 208 4.13 35.30 -4.02
CA ARG F 208 5.12 35.55 -5.06
C ARG F 208 4.55 35.30 -6.44
N GLU F 209 3.69 34.29 -6.59
CA GLU F 209 3.02 34.07 -7.87
C GLU F 209 2.21 35.29 -8.26
N HIS F 210 1.43 35.84 -7.33
CA HIS F 210 0.63 37.01 -7.67
C HIS F 210 1.50 38.22 -7.98
N GLN F 211 2.60 38.39 -7.25
CA GLN F 211 3.51 39.51 -7.53
C GLN F 211 4.13 39.40 -8.91
N ILE F 212 4.54 38.20 -9.30
CA ILE F 212 5.13 38.00 -10.63
C ILE F 212 4.09 38.24 -11.72
N THR F 213 2.85 37.78 -11.48
CA THR F 213 1.79 38.04 -12.44
C THR F 213 1.57 39.53 -12.63
N GLN F 214 1.58 40.30 -11.54
CA GLN F 214 1.46 41.75 -11.65
C GLN F 214 2.65 42.36 -12.38
N LEU F 215 3.85 41.84 -12.12
CA LEU F 215 5.06 42.41 -12.70
C LEU F 215 5.14 42.20 -14.21
N GLU F 216 4.72 41.02 -14.68
CA GLU F 216 4.86 40.71 -16.10
C GLU F 216 3.91 41.53 -16.95
N SER F 217 2.63 41.60 -16.56
CA SER F 217 1.60 42.31 -17.32
C SER F 217 0.97 43.37 -16.43
N PRO F 218 1.45 44.62 -16.48
CA PRO F 218 0.93 45.73 -15.67
C PRO F 218 -0.53 46.03 -15.97
N GLU F 224 -8.42 39.47 -8.41
CA GLU F 224 -8.38 40.85 -8.87
C GLU F 224 -7.86 41.78 -7.76
N GLY F 225 -7.53 41.18 -6.61
CA GLY F 225 -7.03 41.93 -5.49
C GLY F 225 -7.69 41.56 -4.17
N VAL F 226 -8.75 40.77 -4.25
CA VAL F 226 -9.46 40.36 -3.03
C VAL F 226 -8.58 39.45 -2.19
N ARG F 227 -7.93 38.49 -2.82
CA ARG F 227 -7.12 37.50 -2.11
C ARG F 227 -5.65 37.90 -2.00
N VAL F 228 -5.26 39.05 -2.56
CA VAL F 228 -3.87 39.48 -2.54
C VAL F 228 -3.54 40.27 -1.27
N GLN F 229 -4.37 41.24 -0.93
CA GLN F 229 -4.11 42.08 0.23
C GLN F 229 -4.17 41.27 1.52
N ARG F 230 -5.09 40.30 1.59
CA ARG F 230 -5.16 39.43 2.76
C ARG F 230 -3.82 38.74 3.01
N MET F 231 -3.26 38.13 1.97
CA MET F 231 -1.98 37.43 2.12
C MET F 231 -0.86 38.41 2.44
N LYS F 232 -0.84 39.57 1.77
CA LYS F 232 0.22 40.54 2.01
C LYS F 232 0.25 40.98 3.47
N GLU F 233 -0.91 41.35 4.00
CA GLU F 233 -0.93 41.92 5.34
C GLU F 233 -0.91 40.83 6.42
N ALA F 234 -1.30 39.59 6.08
CA ALA F 234 -1.03 38.48 6.99
C ALA F 234 0.47 38.26 7.13
N ILE F 235 1.20 38.33 6.00
CA ILE F 235 2.65 38.28 6.05
C ILE F 235 3.18 39.40 6.93
N GLN F 236 2.64 40.61 6.77
CA GLN F 236 3.11 41.74 7.57
C GLN F 236 2.91 41.48 9.06
N ALA F 237 1.74 40.97 9.44
CA ALA F 237 1.45 40.71 10.86
C ALA F 237 2.41 39.67 11.43
N ILE F 238 2.57 38.54 10.73
CA ILE F 238 3.45 37.48 11.24
C ILE F 238 4.89 37.98 11.34
N GLN F 239 5.34 38.73 10.33
CA GLN F 239 6.69 39.27 10.35
C GLN F 239 6.88 40.22 11.53
N GLN F 240 5.89 41.07 11.80
CA GLN F 240 6.01 42.00 12.91
C GLN F 240 6.10 41.27 14.25
N ALA F 241 5.29 40.22 14.43
CA ALA F 241 5.35 39.46 15.67
C ALA F 241 6.72 38.81 15.86
N ILE F 242 7.21 38.13 14.82
CA ILE F 242 8.50 37.48 14.94
C ILE F 242 9.61 38.50 15.15
N ASN F 243 9.51 39.65 14.50
CA ASN F 243 10.50 40.71 14.68
C ASN F 243 10.52 41.20 16.11
N CYS F 244 9.34 41.39 16.70
CA CYS F 244 9.27 41.73 18.13
C CYS F 244 9.96 40.66 18.96
N LEU F 245 9.86 39.40 18.55
CA LEU F 245 10.56 38.34 19.29
C LEU F 245 12.07 38.44 19.15
N THR F 246 12.58 38.70 17.94
CA THR F 246 14.00 38.49 17.65
C THR F 246 14.82 39.76 17.40
N GLN F 247 14.19 40.86 16.96
CA GLN F 247 14.98 42.01 16.52
C GLN F 247 15.67 42.73 17.67
N GLN F 248 15.25 42.50 18.92
CA GLN F 248 15.86 43.21 20.04
C GLN F 248 17.23 42.62 20.38
N VAL F 249 17.27 41.35 20.76
CA VAL F 249 18.53 40.74 21.21
C VAL F 249 19.49 40.56 20.04
N THR F 250 18.98 40.14 18.89
CA THR F 250 19.78 39.96 17.68
C THR F 250 19.25 40.87 16.58
N GLY F 251 20.07 41.05 15.55
CA GLY F 251 19.67 41.91 14.45
C GLY F 251 18.76 41.27 13.43
N TRP F 252 18.42 39.99 13.60
CA TRP F 252 17.62 39.29 12.61
C TRP F 252 16.19 39.83 12.58
N HIS F 253 15.61 39.87 11.38
CA HIS F 253 14.27 40.38 11.18
C HIS F 253 13.78 39.96 9.80
N ASP F 254 12.47 40.08 9.60
CA ASP F 254 11.83 39.91 8.30
C ASP F 254 12.10 38.52 7.72
N LEU F 255 11.55 37.52 8.42
CA LEU F 255 11.61 36.16 7.92
C LEU F 255 10.91 36.05 6.57
N GLU F 256 11.57 35.40 5.62
CA GLU F 256 11.11 35.34 4.24
C GLU F 256 11.33 33.94 3.70
N TYR F 257 10.68 33.62 2.59
CA TYR F 257 10.93 32.40 1.84
C TYR F 257 11.64 32.77 0.55
N SER F 258 12.87 32.28 0.38
CA SER F 258 13.68 32.60 -0.77
C SER F 258 13.82 31.36 -1.64
N ALA F 259 13.35 31.45 -2.89
CA ALA F 259 13.61 30.41 -3.86
C ALA F 259 15.03 30.48 -4.40
N SER F 260 15.61 31.68 -4.44
CA SER F 260 16.99 31.82 -4.88
C SER F 260 17.95 31.12 -3.93
N HIS F 261 17.73 31.28 -2.61
CA HIS F 261 18.61 30.71 -1.60
C HIS F 261 18.22 29.27 -1.30
N ASN F 262 18.28 28.44 -2.34
CA ASN F 262 18.10 26.99 -2.22
C ASN F 262 16.71 26.64 -1.69
N GLN F 263 15.72 27.49 -1.96
CA GLN F 263 14.33 27.23 -1.59
C GLN F 263 14.18 27.00 -0.09
N GLN F 264 14.47 28.06 0.67
CA GLN F 264 14.55 27.94 2.12
C GLN F 264 13.96 29.18 2.78
N LEU F 265 13.58 29.02 4.05
CA LEU F 265 13.20 30.16 4.88
C LEU F 265 14.46 30.82 5.42
N VAL F 266 14.60 32.11 5.14
CA VAL F 266 15.81 32.86 5.46
C VAL F 266 15.44 34.11 6.23
N MET F 267 16.38 34.55 7.09
CA MET F 267 16.26 35.77 7.86
C MET F 267 17.34 36.76 7.46
N SER F 268 17.06 38.04 7.68
CA SER F 268 17.91 39.13 7.23
C SER F 268 18.55 39.83 8.43
N HIS F 269 19.81 40.22 8.27
CA HIS F 269 20.59 40.91 9.28
C HIS F 269 21.34 42.01 8.55
N PRO F 270 21.28 43.25 9.05
CA PRO F 270 21.86 44.38 8.31
C PRO F 270 23.36 44.26 8.06
N GLN F 271 24.09 43.55 8.92
CA GLN F 271 25.53 43.42 8.76
C GLN F 271 25.95 42.11 8.12
N TYR F 272 25.35 40.99 8.51
CA TYR F 272 25.76 39.68 8.04
C TYR F 272 24.95 39.17 6.85
N GLY F 273 24.00 39.95 6.35
CA GLY F 273 23.25 39.53 5.17
C GLY F 273 22.15 38.53 5.49
N LYS F 274 22.02 37.48 4.68
CA LYS F 274 20.94 36.52 4.83
C LYS F 274 21.45 35.20 5.38
N ILE F 275 20.68 34.60 6.29
CA ILE F 275 21.05 33.34 6.88
C ILE F 275 19.86 32.39 6.87
N PRO F 276 20.07 31.08 6.69
CA PRO F 276 18.96 30.14 6.73
C PRO F 276 18.42 29.97 8.14
N LEU F 277 17.15 29.59 8.22
CA LEU F 277 16.52 29.30 9.50
C LEU F 277 16.86 27.91 10.03
N SER F 278 17.38 27.02 9.17
CA SER F 278 17.76 25.69 9.61
C SER F 278 19.08 25.65 10.36
N GLN F 279 19.82 26.76 10.38
CA GLN F 279 21.07 26.85 11.11
C GLN F 279 20.87 27.24 12.57
N LEU F 280 19.65 27.55 12.98
CA LEU F 280 19.35 27.97 14.34
C LEU F 280 19.00 26.77 15.20
N SER F 281 19.14 26.96 16.51
CA SER F 281 18.87 25.89 17.47
C SER F 281 17.37 25.59 17.52
N ASP F 282 17.04 24.39 18.02
CA ASP F 282 15.65 23.95 18.05
C ASP F 282 14.78 24.83 18.92
N GLY F 283 15.32 25.34 20.03
CA GLY F 283 14.51 26.15 20.93
C GLY F 283 14.02 27.43 20.29
N LEU F 284 14.92 28.13 19.60
CA LEU F 284 14.52 29.37 18.93
C LEU F 284 13.55 29.10 17.79
N ARG F 285 13.73 27.99 17.07
CA ARG F 285 12.78 27.63 16.03
C ARG F 285 11.40 27.36 16.61
N ASN F 286 11.33 26.66 17.74
CA ASN F 286 10.05 26.38 18.36
C ASN F 286 9.39 27.64 18.91
N ALA F 287 10.19 28.55 19.46
CA ALA F 287 9.64 29.83 19.92
C ALA F 287 9.07 30.64 18.75
N VAL F 288 9.79 30.66 17.63
CA VAL F 288 9.29 31.33 16.43
C VAL F 288 7.99 30.69 15.97
N ALA F 289 7.93 29.36 16.00
CA ALA F 289 6.71 28.68 15.57
C ALA F 289 5.54 29.00 16.48
N MET F 290 5.78 29.06 17.79
CA MET F 290 4.73 29.41 18.74
C MET F 290 4.18 30.81 18.47
N VAL F 291 5.08 31.80 18.36
CA VAL F 291 4.64 33.17 18.11
C VAL F 291 3.90 33.27 16.78
N ALA F 292 4.43 32.61 15.74
CA ALA F 292 3.81 32.67 14.43
C ALA F 292 2.43 32.01 14.43
N ASP F 293 2.28 30.90 15.15
CA ASP F 293 0.97 30.25 15.22
C ASP F 293 -0.05 31.14 15.91
N ILE F 294 0.35 31.78 17.01
CA ILE F 294 -0.57 32.67 17.71
C ILE F 294 -0.97 33.83 16.79
N ALA F 295 0.00 34.42 16.10
CA ALA F 295 -0.30 35.54 15.20
C ALA F 295 -1.21 35.11 14.05
N PHE F 296 -0.98 33.90 13.52
CA PHE F 296 -1.82 33.40 12.44
C PHE F 296 -3.26 33.20 12.89
N ARG F 297 -3.45 32.63 14.08
CA ARG F 297 -4.80 32.48 14.60
C ARG F 297 -5.46 33.85 14.80
N CYS F 298 -4.68 34.83 15.29
CA CYS F 298 -5.22 36.18 15.45
C CYS F 298 -5.65 36.77 14.10
N VAL F 299 -4.84 36.58 13.07
CA VAL F 299 -5.20 37.11 11.74
C VAL F 299 -6.44 36.42 11.20
N LYS F 300 -6.52 35.10 11.35
CA LYS F 300 -7.67 34.36 10.83
C LYS F 300 -8.96 34.74 11.54
N LEU F 301 -8.90 34.94 12.85
CA LEU F 301 -10.14 35.16 13.61
C LEU F 301 -10.79 36.50 13.27
N ASN F 302 -9.99 37.56 13.12
CA ASN F 302 -10.50 38.92 12.94
C ASN F 302 -9.93 39.51 11.66
N PRO F 303 -10.56 39.21 10.52
CA PRO F 303 -10.04 39.71 9.24
C PRO F 303 -10.38 41.16 8.96
N HIS F 304 -11.23 41.80 9.75
CA HIS F 304 -11.65 43.16 9.42
C HIS F 304 -10.67 44.23 9.93
N LEU F 305 -9.44 43.85 10.22
CA LEU F 305 -8.33 44.77 10.43
C LEU F 305 -7.19 44.54 9.45
N GLN F 306 -6.89 43.25 9.21
CA GLN F 306 -6.03 42.74 8.15
C GLN F 306 -4.53 42.97 8.39
N ASN F 307 -4.18 43.90 9.29
CA ASN F 307 -2.77 44.12 9.61
C ASN F 307 -2.48 44.29 11.09
N ASP F 308 -3.46 44.68 11.90
CA ASP F 308 -3.30 44.82 13.34
C ASP F 308 -4.11 43.77 14.09
N ALA F 309 -4.35 42.63 13.46
CA ALA F 309 -5.13 41.57 14.11
C ALA F 309 -4.42 41.08 15.36
N ALA F 310 -3.10 40.88 15.28
CA ALA F 310 -2.34 40.44 16.44
C ALA F 310 -2.18 41.52 17.48
N LEU F 311 -2.25 42.79 17.08
CA LEU F 311 -2.04 43.91 18.00
C LEU F 311 -3.33 44.45 18.59
N LYS F 312 -4.50 43.96 18.17
CA LYS F 312 -5.75 44.51 18.64
C LYS F 312 -6.81 43.46 18.94
N THR F 313 -6.43 42.21 19.20
CA THR F 313 -7.38 41.17 19.55
C THR F 313 -7.23 40.79 21.02
N GLN F 314 -8.36 40.67 21.70
CA GLN F 314 -8.39 40.32 23.11
C GLN F 314 -8.67 38.84 23.29
N GLY F 315 -8.25 38.31 24.43
CA GLY F 315 -8.50 36.92 24.73
C GLY F 315 -7.60 36.44 25.86
N ILE F 316 -7.64 35.13 26.08
CA ILE F 316 -6.87 34.47 27.12
C ILE F 316 -6.04 33.36 26.47
N VAL F 317 -4.73 33.38 26.72
CA VAL F 317 -3.81 32.37 26.22
C VAL F 317 -3.10 31.73 27.42
N LEU F 318 -3.11 30.41 27.47
CA LEU F 318 -2.54 29.65 28.57
C LEU F 318 -1.33 28.87 28.06
N ILE F 319 -0.18 29.09 28.68
CA ILE F 319 1.06 28.42 28.30
C ILE F 319 1.64 27.73 29.52
N ASP F 320 2.00 26.45 29.36
CA ASP F 320 2.62 25.67 30.42
C ASP F 320 4.11 25.53 30.12
N GLU F 321 4.94 25.89 31.10
CA GLU F 321 6.40 25.78 30.99
C GLU F 321 6.92 26.60 29.80
N VAL F 322 6.76 27.92 29.93
CA VAL F 322 7.16 28.81 28.86
C VAL F 322 8.67 28.82 28.65
N ASP F 323 9.45 28.40 29.65
CA ASP F 323 10.90 28.36 29.56
C ASP F 323 11.41 27.01 29.06
N MET F 324 10.64 26.33 28.22
CA MET F 324 10.99 24.99 27.77
C MET F 324 11.95 25.07 26.58
N PHE F 325 13.11 24.42 26.72
CA PHE F 325 14.13 24.35 25.69
C PHE F 325 14.55 25.73 25.21
N LEU F 326 14.97 26.56 26.17
CA LEU F 326 15.44 27.90 25.87
C LEU F 326 16.74 28.15 26.61
N HIS F 327 17.72 28.70 25.90
CA HIS F 327 18.98 29.06 26.52
C HIS F 327 18.74 30.20 27.52
N PRO F 328 19.54 30.27 28.59
CA PRO F 328 19.33 31.33 29.60
C PRO F 328 19.37 32.74 29.03
N ALA F 329 20.02 32.95 27.89
CA ALA F 329 20.02 34.27 27.26
C ALA F 329 18.68 34.63 26.65
N TRP F 330 17.90 33.63 26.23
CA TRP F 330 16.57 33.86 25.68
C TRP F 330 15.48 33.77 26.73
N GLN F 331 15.81 33.44 27.97
CA GLN F 331 14.83 33.40 29.05
C GLN F 331 14.60 34.74 29.70
N GLN F 332 15.37 35.76 29.32
CA GLN F 332 15.21 37.10 29.86
C GLN F 332 14.43 38.03 28.94
N GLN F 333 13.96 37.54 27.79
CA GLN F 333 13.22 38.37 26.86
C GLN F 333 11.90 37.78 26.40
N ILE F 334 11.52 36.59 26.89
CA ILE F 334 10.31 35.96 26.37
C ILE F 334 9.06 36.70 26.85
N ILE F 335 9.04 37.12 28.11
CA ILE F 335 7.84 37.75 28.67
C ILE F 335 7.59 39.12 28.02
N GLN F 336 8.64 39.94 27.92
CA GLN F 336 8.49 41.25 27.32
C GLN F 336 8.12 41.15 25.84
N SER F 337 8.71 40.19 25.13
CA SER F 337 8.38 40.00 23.73
C SER F 337 6.92 39.60 23.55
N LEU F 338 6.44 38.66 24.38
CA LEU F 338 5.05 38.27 24.31
C LEU F 338 4.12 39.43 24.64
N ARG F 339 4.49 40.25 25.63
CA ARG F 339 3.68 41.40 25.98
C ARG F 339 3.62 42.41 24.84
N SER F 340 4.76 42.69 24.21
CA SER F 340 4.80 43.73 23.19
C SER F 340 4.17 43.27 21.88
N ALA F 341 4.27 41.98 21.54
CA ALA F 341 3.70 41.48 20.30
C ALA F 341 2.19 41.26 20.38
N PHE F 342 1.61 41.26 21.58
CA PHE F 342 0.16 41.12 21.75
C PHE F 342 -0.27 41.94 22.95
N PRO F 343 -0.41 43.25 22.79
CA PRO F 343 -0.70 44.13 23.92
C PRO F 343 -2.14 44.08 24.42
N GLN F 344 -2.97 43.19 23.90
CA GLN F 344 -4.35 43.08 24.36
C GLN F 344 -4.70 41.71 24.92
N ILE F 345 -3.89 40.70 24.68
CA ILE F 345 -4.16 39.36 25.19
C ILE F 345 -3.80 39.31 26.66
N GLN F 346 -4.56 38.53 27.42
CA GLN F 346 -4.24 38.22 28.81
C GLN F 346 -3.51 36.90 28.87
N PHE F 347 -2.37 36.88 29.55
CA PHE F 347 -1.46 35.74 29.56
C PHE F 347 -1.38 35.15 30.96
N ILE F 348 -1.49 33.82 31.04
CA ILE F 348 -1.21 33.07 32.27
C ILE F 348 -0.18 32.02 31.92
N VAL F 349 1.01 32.13 32.51
CA VAL F 349 2.14 31.25 32.21
C VAL F 349 2.71 30.72 33.51
N THR F 350 3.29 29.52 33.45
CA THR F 350 3.85 28.86 34.61
C THR F 350 5.33 28.59 34.40
N THR F 351 6.15 28.99 35.38
CA THR F 351 7.59 28.83 35.29
C THR F 351 8.12 28.26 36.59
N HIS F 352 9.36 27.77 36.55
CA HIS F 352 10.10 27.45 37.77
C HIS F 352 11.55 27.88 37.67
N SER F 353 11.86 28.89 36.87
CA SER F 353 13.23 29.34 36.64
C SER F 353 13.37 30.80 37.03
N PRO F 354 14.33 31.16 37.89
CA PRO F 354 14.50 32.57 38.25
C PRO F 354 14.88 33.47 37.08
N GLN F 355 15.54 32.92 36.06
CA GLN F 355 15.99 33.76 34.94
C GLN F 355 14.83 34.39 34.20
N VAL F 356 13.65 33.75 34.24
CA VAL F 356 12.47 34.35 33.62
C VAL F 356 12.06 35.61 34.37
N LEU F 357 12.22 35.63 35.69
CA LEU F 357 11.70 36.71 36.53
C LEU F 357 12.65 37.88 36.65
N SER F 358 13.78 37.88 35.93
CA SER F 358 14.80 38.91 36.13
C SER F 358 14.36 40.30 35.68
N THR F 359 13.25 40.43 34.94
CA THR F 359 12.83 41.74 34.47
C THR F 359 11.34 42.00 34.70
N VAL F 360 10.66 41.17 35.47
CA VAL F 360 9.22 41.27 35.64
C VAL F 360 8.93 41.98 36.97
N LYS F 361 7.85 42.74 36.99
CA LYS F 361 7.43 43.46 38.19
C LYS F 361 6.84 42.49 39.22
N ARG F 362 6.66 43.00 40.44
CA ARG F 362 6.22 42.16 41.53
C ARG F 362 4.75 41.80 41.43
N GLU F 363 3.94 42.65 40.78
CA GLU F 363 2.50 42.51 40.87
C GLU F 363 2.00 41.24 40.18
N SER F 364 2.73 40.74 39.19
CA SER F 364 2.28 39.61 38.39
C SER F 364 2.82 38.27 38.87
N ILE F 365 3.58 38.24 39.95
CA ILE F 365 4.17 37.00 40.47
C ILE F 365 3.24 36.42 41.53
N ARG F 366 2.87 35.15 41.35
CA ARG F 366 1.99 34.44 42.29
C ARG F 366 2.72 33.18 42.75
N LEU F 367 3.43 33.29 43.87
CA LEU F 367 4.05 32.11 44.48
C LEU F 367 3.00 31.27 45.18
N LEU F 368 3.08 29.95 44.99
CA LEU F 368 2.11 29.02 45.53
C LEU F 368 2.70 28.29 46.72
N GLU F 369 2.00 28.34 47.85
CA GLU F 369 2.39 27.64 49.05
C GLU F 369 1.27 26.69 49.48
N GLN F 370 1.63 25.72 50.31
CA GLN F 370 0.67 24.71 50.77
C GLN F 370 1.12 24.22 52.13
N ASP F 371 0.17 24.17 53.08
CA ASP F 371 0.46 23.73 54.43
C ASP F 371 0.48 22.21 54.49
N GLU F 372 0.54 21.66 55.70
CA GLU F 372 0.57 20.21 55.87
C GLU F 372 -0.78 19.56 55.60
N ASN F 373 -1.86 20.33 55.48
CA ASN F 373 -3.19 19.80 55.24
C ASN F 373 -3.65 19.94 53.80
N GLY F 374 -3.30 21.03 53.14
CA GLY F 374 -3.75 21.28 51.79
C GLY F 374 -4.40 22.63 51.62
N ASN F 375 -4.16 23.53 52.59
CA ASN F 375 -4.69 24.89 52.54
C ASN F 375 -3.74 25.75 51.72
N GLY F 376 -3.94 25.71 50.41
CA GLY F 376 -3.04 26.42 49.51
C GLY F 376 -3.22 27.93 49.59
N LYS F 377 -2.13 28.64 49.28
CA LYS F 377 -2.13 30.09 49.21
C LYS F 377 -1.41 30.52 47.95
N ALA F 378 -1.90 31.59 47.32
CA ALA F 378 -1.29 32.17 46.14
C ALA F 378 -0.98 33.63 46.46
N LEU F 379 0.28 33.92 46.77
CA LEU F 379 0.65 35.21 47.33
C LEU F 379 1.69 35.89 46.46
N MET F 380 2.02 37.12 46.84
CA MET F 380 3.00 37.95 46.17
C MET F 380 4.24 38.10 47.04
N PRO F 381 5.41 38.33 46.44
CA PRO F 381 6.61 38.58 47.23
C PRO F 381 6.45 39.84 48.08
N LEU F 382 6.96 39.79 49.30
CA LEU F 382 6.83 40.90 50.23
C LEU F 382 7.81 42.03 49.94
N GLY F 383 8.77 41.82 49.06
CA GLY F 383 9.74 42.85 48.73
C GLY F 383 11.16 42.49 49.10
PG ATP G . 17.02 3.18 -37.60
O1G ATP G . 16.00 4.13 -38.13
O2G ATP G . 18.41 3.80 -37.47
O3G ATP G . 16.63 2.56 -36.26
PB ATP G . 18.23 1.41 -39.68
O1B ATP G . 17.53 0.85 -40.84
O2B ATP G . 19.21 2.54 -39.98
O3B ATP G . 17.21 1.95 -38.59
PA ATP G . 18.69 -0.82 -37.81
O1A ATP G . 17.26 -0.84 -37.47
O2A ATP G . 19.64 -0.63 -36.63
O3A ATP G . 19.03 0.30 -38.87
O5' ATP G . 19.12 -2.14 -38.56
C5' ATP G . 19.15 -3.41 -37.89
C4' ATP G . 19.12 -4.49 -38.92
O4' ATP G . 19.78 -5.68 -38.40
C3' ATP G . 17.73 -4.96 -39.33
O3' ATP G . 17.71 -5.43 -40.68
C2' ATP G . 17.46 -6.11 -38.35
O2' ATP G . 16.56 -7.05 -38.90
C1' ATP G . 18.86 -6.73 -38.22
N9 ATP G . 19.11 -7.35 -36.93
C8 ATP G . 18.65 -6.95 -35.71
N7 ATP G . 19.05 -7.70 -34.71
C5 ATP G . 19.85 -8.66 -35.33
C6 ATP G . 20.58 -9.75 -34.82
N6 ATP G . 20.64 -10.08 -33.52
N1 ATP G . 21.27 -10.51 -35.70
C2 ATP G . 21.23 -10.18 -37.00
N3 ATP G . 20.57 -9.18 -37.59
C4 ATP G . 19.90 -8.45 -36.69
PG ATP H . 1.22 18.57 -37.23
O1G ATP H . 2.63 18.14 -37.41
O2G ATP H . 0.31 18.18 -38.39
O3G ATP H . 0.60 18.11 -35.92
PB ATP H . 0.57 21.38 -38.02
O1B ATP H . 0.15 20.97 -39.38
O2B ATP H . 1.61 22.48 -37.98
O3B ATP H . 1.13 20.16 -37.17
PA ATP H . -0.89 22.50 -35.70
O1A ATP H . -2.07 21.94 -35.03
O2A ATP H . 0.42 22.32 -34.93
O3A ATP H . -0.67 21.85 -37.14
O5' ATP H . -1.07 24.03 -36.02
C5' ATP H . -1.85 24.88 -35.17
C4' ATP H . -0.99 26.01 -34.67
O4' ATP H . -1.84 27.07 -34.17
C3' ATP H . -0.08 25.66 -33.50
O3' ATP H . 1.16 25.13 -33.96
C2' ATP H . 0.11 27.01 -32.80
O2' ATP H . 1.12 27.78 -33.44
C1' ATP H . -1.27 27.66 -33.01
N9 ATP H . -2.20 27.48 -31.90
C8 ATP H . -2.36 26.36 -31.12
N7 ATP H . -3.29 26.48 -30.20
C5 ATP H . -3.77 27.78 -30.38
C6 ATP H . -4.75 28.52 -29.72
N6 ATP H . -5.48 28.06 -28.69
N1 ATP H . -4.98 29.78 -30.15
C2 ATP H . -4.26 30.26 -31.17
N3 ATP H . -3.31 29.64 -31.87
C4 ATP H . -3.09 28.40 -31.43
PG ATP I . -16.65 -35.50 14.71
O1G ATP I . -17.73 -34.67 15.31
O2G ATP I . -16.80 -35.69 13.20
O3G ATP I . -15.24 -35.00 15.00
PB ATP I . -17.24 -37.77 16.57
O1B ATP I . -18.72 -37.87 16.54
O2B ATP I . -16.52 -39.11 16.64
O3B ATP I . -16.68 -36.99 15.31
PA ATP I . -15.41 -36.83 18.67
O1A ATP I . -14.85 -35.47 18.76
O2A ATP I . -14.44 -37.87 18.12
O3A ATP I . -16.71 -36.89 17.77
O5' ATP I . -15.93 -37.32 20.07
C5' ATP I . -15.70 -36.53 21.26
C4' ATP I . -16.62 -37.02 22.36
O4' ATP I . -15.90 -37.04 23.61
C3' ATP I . -17.83 -36.13 22.63
O3' ATP I . -18.86 -36.87 23.28
C2' ATP I . -17.23 -35.07 23.56
O2' ATP I . -18.22 -34.47 24.39
C1' ATP I . -16.27 -35.92 24.40
N9 ATP I . -15.06 -35.23 24.82
C8 ATP I . -14.29 -34.40 24.05
N7 ATP I . -13.25 -33.90 24.68
C5 ATP I . -13.35 -34.45 25.95
C6 ATP I . -12.55 -34.33 27.10
N6 ATP I . -11.45 -33.58 27.16
N1 ATP I . -12.92 -35.01 28.20
C2 ATP I . -14.02 -35.76 28.15
N3 ATP I . -14.85 -35.96 27.13
C4 ATP I . -14.46 -35.27 26.04
PG ATP J . 3.84 20.53 36.03
O1G ATP J . 3.34 21.77 35.39
O2G ATP J . 2.83 19.39 36.03
O3G ATP J . 5.16 20.04 35.45
PB ATP J . 3.39 20.93 38.97
O1B ATP J . 2.63 22.18 39.07
O2B ATP J . 4.41 20.69 40.08
O3B ATP J . 4.15 20.78 37.58
PA ATP J . 0.92 19.35 39.32
O1A ATP J . 0.08 20.57 39.23
O2A ATP J . 0.46 18.21 38.43
O3A ATP J . 2.42 19.66 38.94
O5' ATP J . 1.01 18.81 40.80
C5' ATP J . 0.65 17.45 41.12
C4' ATP J . 0.72 17.25 42.61
O4' ATP J . -0.59 16.88 43.10
C3' ATP J . 1.65 16.14 43.07
O3' ATP J . 2.10 16.38 44.39
C2' ATP J . 0.73 14.91 43.00
O2' ATP J . 1.16 13.88 43.88
C1' ATP J . -0.59 15.51 43.48
N9 ATP J . -1.77 14.87 42.91
C8 ATP J . -2.02 14.68 41.57
N7 ATP J . -3.17 14.07 41.34
C5 ATP J . -3.70 13.85 42.60
C6 ATP J . -4.88 13.26 43.05
N6 ATP J . -5.80 12.73 42.23
N1 ATP J . -5.10 13.20 44.38
C2 ATP J . -4.19 13.70 45.20
N3 ATP J . -3.03 14.30 44.90
C4 ATP J . -2.84 14.34 43.58
#